data_7BR2
#
_entry.id   7BR2
#
_cell.length_a   86.693
_cell.length_b   133.797
_cell.length_c   182.322
_cell.angle_alpha   90.000
_cell.angle_beta   90.000
_cell.angle_gamma   90.000
#
_symmetry.space_group_name_H-M   'P 21 21 21'
#
loop_
_entity.id
_entity.type
_entity.pdbx_description
1 polymer 'Lipolytic enzyme, G-D-S-L family'
2 water water
#
_entity_poly.entity_id   1
_entity_poly.type   'polypeptide(L)'
_entity_poly.pdbx_seq_one_letter_code
;GAGAGAGAGAQTVKPFKEGDRAVFLGNSITDGGRYHSFIWLYYMTRFPNMPIRVFNGGIGGDTAYDMNKRLDGDIFSKNP
TVLMVTFGMNDSGYYEYNGDNAKEFGEQKYQESIKNFQQMEKRFKELPHTRIVMTGTSPYDETAQIKDNTVFKKKNETIK
RIIEYQRESAARNGWEFTDWNAPMVAINQELQQKDPSFTLCGNDRIHPDNDGHMVMAYLFLKAQGFAGKDVANMEINANK
KQAVKAEGCTISNIKKIGKDISFDYLAEALPYPLDTIARGWGSKKSQAEVIKEVPFMEEMNTELLKVTGLKGQYKLLIDD
QEIGTWDAADLAKGINLAAESKTPQYQQALTIMHLNEYRWELERTFREYAWCQFGFFQQKGLLFANDRKAIEVMDENVEK
NMWLKGRRDLYSKMMFKEIRDAREQEMDVLISKIYEINKPVVRKIVLRKI
;
_entity_poly.pdbx_strand_id   A,B,C,D
#
# COMPACT_ATOMS: atom_id res chain seq x y z
N GLY A 5 -18.53 -46.37 2.99
CA GLY A 5 -18.98 -45.35 2.05
C GLY A 5 -18.76 -45.63 0.56
N ALA A 6 -19.46 -44.86 -0.27
CA ALA A 6 -19.54 -45.09 -1.72
C ALA A 6 -18.93 -43.90 -2.48
N GLY A 7 -17.62 -43.96 -2.67
CA GLY A 7 -16.86 -42.96 -3.40
C GLY A 7 -15.52 -43.49 -3.83
N ALA A 8 -14.47 -42.68 -3.69
CA ALA A 8 -13.08 -43.00 -4.04
C ALA A 8 -12.92 -43.15 -5.55
N GLY A 9 -13.71 -44.05 -6.16
CA GLY A 9 -13.91 -44.05 -7.60
C GLY A 9 -14.68 -42.84 -8.12
N ALA A 10 -15.36 -42.09 -7.25
CA ALA A 10 -16.12 -40.89 -7.60
C ALA A 10 -15.25 -39.65 -7.77
N GLN A 11 -13.92 -39.79 -7.66
CA GLN A 11 -13.01 -38.65 -7.72
C GLN A 11 -12.85 -38.14 -9.14
N THR A 12 -13.26 -36.89 -9.36
CA THR A 12 -13.02 -36.17 -10.60
C THR A 12 -12.20 -34.91 -10.38
N VAL A 13 -11.87 -34.58 -9.13
CA VAL A 13 -11.14 -33.36 -8.76
C VAL A 13 -10.04 -33.74 -7.79
N LYS A 14 -8.80 -33.36 -8.09
CA LYS A 14 -7.73 -33.72 -7.18
C LYS A 14 -7.91 -33.01 -5.84
N PRO A 15 -7.58 -33.67 -4.73
CA PRO A 15 -7.68 -33.01 -3.43
C PRO A 15 -6.71 -31.83 -3.32
N PHE A 16 -7.02 -30.91 -2.43
CA PHE A 16 -6.08 -29.84 -2.13
C PHE A 16 -4.92 -30.40 -1.30
N LYS A 17 -3.74 -29.81 -1.44
CA LYS A 17 -2.55 -30.23 -0.70
C LYS A 17 -1.93 -29.03 0.01
N GLU A 18 -0.91 -29.28 0.83
CA GLU A 18 -0.34 -28.24 1.69
C GLU A 18 0.02 -27.00 0.87
N GLY A 19 -0.39 -25.83 1.37
CA GLY A 19 -0.04 -24.58 0.73
C GLY A 19 -0.96 -24.13 -0.39
N ASP A 20 -2.00 -24.90 -0.71
CA ASP A 20 -2.93 -24.52 -1.77
C ASP A 20 -3.69 -23.25 -1.40
N ARG A 21 -4.07 -22.51 -2.43
CA ARG A 21 -4.95 -21.34 -2.31
C ARG A 21 -6.12 -21.62 -3.25
N ALA A 22 -7.21 -22.13 -2.70
CA ALA A 22 -8.37 -22.55 -3.47
C ALA A 22 -9.41 -21.44 -3.47
N VAL A 23 -9.64 -20.81 -4.62
CA VAL A 23 -10.61 -19.72 -4.76
C VAL A 23 -11.85 -20.26 -5.43
N PHE A 24 -13.01 -20.02 -4.81
CA PHE A 24 -14.32 -20.44 -5.34
C PHE A 24 -15.01 -19.24 -5.95
N LEU A 25 -14.95 -19.13 -7.28
CA LEU A 25 -15.56 -18.01 -7.98
C LEU A 25 -17.04 -18.29 -8.25
N GLY A 26 -17.91 -17.37 -7.87
CA GLY A 26 -19.31 -17.67 -8.06
C GLY A 26 -20.23 -16.47 -7.91
N ASN A 27 -21.52 -16.77 -7.78
CA ASN A 27 -22.50 -15.70 -7.59
C ASN A 27 -23.01 -15.63 -6.16
N SER A 28 -24.29 -15.32 -5.96
CA SER A 28 -24.77 -15.14 -4.59
C SER A 28 -24.74 -16.44 -3.81
N ILE A 29 -24.90 -17.57 -4.49
CA ILE A 29 -24.83 -18.84 -3.77
C ILE A 29 -23.46 -19.00 -3.11
N THR A 30 -22.40 -18.62 -3.85
CA THR A 30 -21.05 -18.58 -3.30
C THR A 30 -20.87 -17.43 -2.34
N ASP A 31 -21.27 -16.22 -2.76
CA ASP A 31 -21.05 -15.01 -1.97
C ASP A 31 -21.62 -15.13 -0.56
N GLY A 32 -22.92 -15.42 -0.46
CA GLY A 32 -23.57 -15.49 0.83
C GLY A 32 -23.64 -16.86 1.44
N GLY A 33 -23.08 -17.89 0.79
CA GLY A 33 -23.19 -19.26 1.28
C GLY A 33 -21.93 -19.77 1.97
N ARG A 34 -22.04 -20.99 2.50
CA ARG A 34 -21.01 -21.56 3.35
C ARG A 34 -20.38 -22.84 2.82
N TYR A 35 -20.74 -23.30 1.63
CA TYR A 35 -20.20 -24.58 1.17
C TYR A 35 -18.67 -24.54 1.17
N HIS A 36 -18.08 -23.42 0.78
CA HIS A 36 -16.63 -23.31 0.76
C HIS A 36 -16.07 -23.31 2.16
N SER A 37 -16.78 -22.66 3.09
CA SER A 37 -16.38 -22.70 4.49
C SER A 37 -16.49 -24.11 5.06
N PHE A 38 -17.53 -24.85 4.67
CA PHE A 38 -17.69 -26.23 5.14
C PHE A 38 -16.60 -27.13 4.56
N ILE A 39 -16.20 -26.89 3.31
CA ILE A 39 -15.11 -27.64 2.70
C ILE A 39 -13.79 -27.37 3.44
N TRP A 40 -13.49 -26.09 3.70
CA TRP A 40 -12.30 -25.76 4.47
C TRP A 40 -12.36 -26.41 5.84
N LEU A 41 -13.54 -26.42 6.48
CA LEU A 41 -13.70 -27.07 7.78
C LEU A 41 -13.31 -28.54 7.70
N TYR A 42 -13.70 -29.21 6.62
CA TYR A 42 -13.26 -30.59 6.44
C TYR A 42 -11.74 -30.68 6.42
N TYR A 43 -11.09 -29.83 5.61
CA TYR A 43 -9.63 -29.93 5.54
C TYR A 43 -8.97 -29.55 6.87
N MET A 44 -9.60 -28.68 7.66
CA MET A 44 -9.01 -28.24 8.92
C MET A 44 -9.07 -29.35 9.96
N THR A 45 -10.12 -30.17 9.93
CA THR A 45 -10.25 -31.19 10.96
C THR A 45 -9.70 -32.55 10.53
N ARG A 46 -9.86 -32.93 9.25
CA ARG A 46 -9.37 -34.20 8.74
C ARG A 46 -7.86 -34.18 8.43
N PHE A 47 -7.30 -33.06 7.95
CA PHE A 47 -5.87 -32.97 7.64
C PHE A 47 -5.27 -31.81 8.44
N PRO A 48 -5.23 -31.93 9.78
CA PRO A 48 -4.85 -30.78 10.61
C PRO A 48 -3.42 -30.31 10.42
N ASN A 49 -2.53 -31.14 9.89
CA ASN A 49 -1.15 -30.76 9.66
C ASN A 49 -0.90 -30.35 8.22
N MET A 50 -1.96 -30.16 7.43
CA MET A 50 -1.83 -29.81 6.02
C MET A 50 -2.56 -28.48 5.78
N PRO A 51 -1.97 -27.36 6.19
CA PRO A 51 -2.69 -26.08 6.07
C PRO A 51 -2.93 -25.69 4.63
N ILE A 52 -4.14 -25.21 4.36
CA ILE A 52 -4.52 -24.67 3.08
C ILE A 52 -5.26 -23.35 3.34
N ARG A 53 -5.65 -22.68 2.26
CA ARG A 53 -6.43 -21.46 2.33
C ARG A 53 -7.52 -21.52 1.28
N VAL A 54 -8.76 -21.31 1.71
CA VAL A 54 -9.92 -21.21 0.85
C VAL A 54 -10.38 -19.76 0.80
N PHE A 55 -10.83 -19.33 -0.38
CA PHE A 55 -11.29 -17.95 -0.60
C PHE A 55 -12.69 -17.98 -1.18
N ASN A 56 -13.58 -17.23 -0.56
CA ASN A 56 -14.87 -16.89 -1.16
C ASN A 56 -14.66 -15.88 -2.28
N GLY A 57 -14.99 -16.24 -3.53
CA GLY A 57 -14.92 -15.28 -4.62
C GLY A 57 -16.28 -15.13 -5.27
N GLY A 58 -17.32 -15.14 -4.45
CA GLY A 58 -18.67 -14.93 -4.92
C GLY A 58 -19.06 -13.46 -4.74
N ILE A 59 -19.86 -12.96 -5.68
CA ILE A 59 -20.54 -11.67 -5.54
C ILE A 59 -21.98 -11.87 -5.99
N GLY A 60 -22.93 -11.50 -5.13
CA GLY A 60 -24.33 -11.69 -5.48
C GLY A 60 -24.72 -10.94 -6.74
N GLY A 61 -25.53 -11.60 -7.57
CA GLY A 61 -26.01 -11.01 -8.80
C GLY A 61 -25.15 -11.27 -10.02
N ASP A 62 -23.94 -11.82 -9.86
CA ASP A 62 -23.02 -11.93 -10.99
C ASP A 62 -23.50 -12.91 -12.06
N THR A 63 -23.19 -12.57 -13.31
CA THR A 63 -23.24 -13.51 -14.42
C THR A 63 -21.80 -13.76 -14.84
N ALA A 64 -21.63 -14.53 -15.91
CA ALA A 64 -20.29 -14.76 -16.43
C ALA A 64 -19.67 -13.43 -16.87
N TYR A 65 -20.50 -12.47 -17.27
CA TYR A 65 -20.00 -11.15 -17.66
C TYR A 65 -19.33 -10.43 -16.48
N ASP A 66 -19.96 -10.46 -15.30
CA ASP A 66 -19.41 -9.76 -14.14
C ASP A 66 -18.18 -10.47 -13.58
N MET A 67 -18.25 -11.79 -13.48
CA MET A 67 -17.11 -12.59 -13.07
C MET A 67 -15.89 -12.32 -13.95
N ASN A 68 -16.12 -12.22 -15.28
CA ASN A 68 -15.03 -11.90 -16.20
C ASN A 68 -14.48 -10.51 -15.95
N LYS A 69 -15.36 -9.51 -15.74
CA LYS A 69 -14.89 -8.15 -15.45
C LYS A 69 -13.95 -8.11 -14.26
N ARG A 70 -14.19 -8.94 -13.24
CA ARG A 70 -13.44 -8.82 -11.99
C ARG A 70 -12.34 -9.86 -11.80
N LEU A 71 -12.07 -10.70 -12.81
CA LEU A 71 -10.96 -11.65 -12.69
C LEU A 71 -9.63 -11.01 -12.22
N ASP A 72 -9.19 -9.92 -12.86
CA ASP A 72 -7.88 -9.36 -12.51
C ASP A 72 -7.85 -8.85 -11.06
N GLY A 73 -8.83 -8.03 -10.68
CA GLY A 73 -8.81 -7.33 -9.40
C GLY A 73 -9.35 -8.12 -8.22
N ASP A 74 -10.08 -9.18 -8.46
CA ASP A 74 -10.75 -9.88 -7.37
C ASP A 74 -10.44 -11.37 -7.30
N ILE A 75 -10.04 -12.00 -8.39
CA ILE A 75 -9.81 -13.43 -8.44
C ILE A 75 -8.32 -13.75 -8.62
N PHE A 76 -7.75 -13.36 -9.76
CA PHE A 76 -6.32 -13.58 -9.98
C PHE A 76 -5.46 -12.82 -8.96
N SER A 77 -6.01 -11.72 -8.42
CA SER A 77 -5.32 -10.96 -7.40
C SER A 77 -5.06 -11.79 -6.15
N LYS A 78 -5.87 -12.81 -5.93
CA LYS A 78 -5.69 -13.70 -4.79
C LYS A 78 -4.68 -14.81 -5.08
N ASN A 79 -4.13 -14.84 -6.28
CA ASN A 79 -3.17 -15.84 -6.70
C ASN A 79 -3.62 -17.26 -6.37
N PRO A 80 -4.74 -17.71 -6.97
CA PRO A 80 -5.17 -19.08 -6.73
C PRO A 80 -4.16 -20.08 -7.29
N THR A 81 -3.95 -21.16 -6.54
CA THR A 81 -3.34 -22.37 -7.07
C THR A 81 -4.39 -23.32 -7.65
N VAL A 82 -5.61 -23.26 -7.11
CA VAL A 82 -6.76 -24.00 -7.62
C VAL A 82 -7.93 -23.04 -7.69
N LEU A 83 -8.58 -22.94 -8.84
CA LEU A 83 -9.68 -22.01 -9.08
C LEU A 83 -10.91 -22.81 -9.50
N MET A 84 -11.96 -22.74 -8.68
CA MET A 84 -13.25 -23.32 -9.00
C MET A 84 -14.16 -22.25 -9.60
N VAL A 85 -14.87 -22.59 -10.67
CA VAL A 85 -15.67 -21.64 -11.44
C VAL A 85 -17.10 -22.18 -11.55
N THR A 86 -18.06 -21.43 -11.02
CA THR A 86 -19.48 -21.80 -11.08
C THR A 86 -20.31 -20.56 -11.41
N PHE A 87 -21.33 -20.75 -12.25
CA PHE A 87 -22.18 -19.65 -12.69
C PHE A 87 -23.39 -20.24 -13.38
N GLY A 88 -24.35 -19.38 -13.72
CA GLY A 88 -25.50 -19.80 -14.50
C GLY A 88 -26.83 -19.51 -13.85
N MET A 89 -26.88 -19.44 -12.52
CA MET A 89 -28.16 -19.18 -11.87
C MET A 89 -28.74 -17.84 -12.31
N ASN A 90 -27.89 -16.81 -12.44
CA ASN A 90 -28.33 -15.51 -12.92
C ASN A 90 -28.31 -15.45 -14.44
N ASP A 91 -27.31 -16.05 -15.07
CA ASP A 91 -27.23 -16.05 -16.52
C ASP A 91 -28.52 -16.60 -17.15
N SER A 92 -29.09 -17.64 -16.54
CA SER A 92 -30.25 -18.30 -17.14
C SER A 92 -31.48 -17.41 -17.21
N GLY A 93 -31.59 -16.40 -16.36
CA GLY A 93 -32.77 -15.56 -16.33
C GLY A 93 -33.89 -16.13 -15.48
N TYR A 94 -34.96 -15.34 -15.35
CA TYR A 94 -35.98 -15.72 -14.37
C TYR A 94 -37.42 -15.63 -14.89
N TYR A 95 -38.01 -14.43 -14.82
CA TYR A 95 -39.46 -14.30 -14.98
C TYR A 95 -39.91 -14.63 -16.41
N GLU A 96 -39.10 -14.28 -17.41
CA GLU A 96 -39.50 -14.49 -18.81
C GLU A 96 -39.74 -15.95 -19.16
N TYR A 97 -39.33 -16.91 -18.33
CA TYR A 97 -39.61 -18.31 -18.65
C TYR A 97 -41.10 -18.60 -18.58
N ASN A 98 -41.86 -17.79 -17.85
CA ASN A 98 -43.30 -17.96 -17.76
C ASN A 98 -44.05 -17.02 -18.70
N GLY A 99 -43.33 -16.36 -19.61
CA GLY A 99 -43.92 -15.45 -20.56
C GLY A 99 -44.13 -16.11 -21.91
N ASP A 100 -44.35 -15.27 -22.91
CA ASP A 100 -44.79 -15.77 -24.21
C ASP A 100 -43.66 -16.40 -25.01
N ASN A 101 -42.42 -15.96 -24.80
CA ASN A 101 -41.32 -16.35 -25.67
C ASN A 101 -40.27 -17.12 -24.88
N ALA A 102 -40.73 -18.09 -24.09
CA ALA A 102 -39.86 -18.81 -23.17
C ALA A 102 -38.70 -19.50 -23.88
N LYS A 103 -38.98 -20.24 -24.95
CA LYS A 103 -37.93 -20.99 -25.64
C LYS A 103 -36.86 -20.06 -26.21
N GLU A 104 -37.31 -19.00 -26.87
CA GLU A 104 -36.38 -18.04 -27.45
C GLU A 104 -35.58 -17.31 -26.37
N PHE A 105 -36.23 -17.01 -25.24
CA PHE A 105 -35.55 -16.40 -24.10
C PHE A 105 -34.45 -17.31 -23.56
N GLY A 106 -34.80 -18.57 -23.30
CA GLY A 106 -33.81 -19.54 -22.85
C GLY A 106 -32.62 -19.63 -23.78
N GLU A 107 -32.89 -19.63 -25.10
CA GLU A 107 -31.79 -19.76 -26.06
C GLU A 107 -30.92 -18.51 -26.06
N GLN A 108 -31.54 -17.33 -25.98
CA GLN A 108 -30.78 -16.10 -25.97
C GLN A 108 -29.92 -16.00 -24.70
N LYS A 109 -30.47 -16.43 -23.57
CA LYS A 109 -29.72 -16.39 -22.32
C LYS A 109 -28.56 -17.39 -22.35
N TYR A 110 -28.80 -18.59 -22.87
CA TYR A 110 -27.72 -19.54 -23.02
C TYR A 110 -26.60 -18.99 -23.89
N GLN A 111 -26.96 -18.36 -25.02
CA GLN A 111 -25.93 -17.85 -25.93
C GLN A 111 -25.14 -16.73 -25.29
N GLU A 112 -25.82 -15.80 -24.63
CA GLU A 112 -25.14 -14.71 -23.95
C GLU A 112 -24.20 -15.26 -22.88
N SER A 113 -24.65 -16.26 -22.13
CA SER A 113 -23.84 -16.79 -21.05
C SER A 113 -22.56 -17.41 -21.59
N ILE A 114 -22.67 -18.29 -22.60
CA ILE A 114 -21.43 -18.94 -23.05
C ILE A 114 -20.54 -17.94 -23.79
N LYS A 115 -21.11 -16.89 -24.38
CA LYS A 115 -20.27 -15.85 -24.96
C LYS A 115 -19.38 -15.22 -23.87
N ASN A 116 -19.96 -14.92 -22.72
CA ASN A 116 -19.13 -14.36 -21.64
C ASN A 116 -18.16 -15.40 -21.07
N PHE A 117 -18.64 -16.63 -20.90
CA PHE A 117 -17.77 -17.69 -20.39
C PHE A 117 -16.54 -17.86 -21.26
N GLN A 118 -16.67 -17.64 -22.57
CA GLN A 118 -15.53 -17.83 -23.48
C GLN A 118 -14.44 -16.80 -23.20
N GLN A 119 -14.84 -15.58 -22.86
CA GLN A 119 -13.85 -14.59 -22.41
C GLN A 119 -13.10 -15.13 -21.19
N MET A 120 -13.85 -15.63 -20.21
CA MET A 120 -13.20 -16.20 -19.04
C MET A 120 -12.29 -17.37 -19.41
N GLU A 121 -12.77 -18.25 -20.30
CA GLU A 121 -12.07 -19.46 -20.71
C GLU A 121 -10.73 -19.10 -21.30
N LYS A 122 -10.73 -18.12 -22.19
CA LYS A 122 -9.48 -17.59 -22.73
C LYS A 122 -8.56 -17.14 -21.60
N ARG A 123 -9.10 -16.43 -20.59
CA ARG A 123 -8.22 -16.00 -19.50
C ARG A 123 -7.64 -17.20 -18.75
N PHE A 124 -8.47 -18.20 -18.48
CA PHE A 124 -8.02 -19.36 -17.72
C PHE A 124 -6.94 -20.13 -18.46
N LYS A 125 -7.05 -20.23 -19.79
CA LYS A 125 -6.06 -20.96 -20.56
C LYS A 125 -4.68 -20.31 -20.46
N GLU A 126 -4.62 -19.01 -20.19
CA GLU A 126 -3.36 -18.30 -20.12
C GLU A 126 -2.68 -18.39 -18.76
N LEU A 127 -3.32 -18.94 -17.74
CA LEU A 127 -2.76 -18.95 -16.39
C LEU A 127 -1.62 -19.97 -16.30
N PRO A 128 -0.44 -19.59 -15.83
CA PRO A 128 0.70 -20.54 -15.86
C PRO A 128 0.66 -21.62 -14.79
N HIS A 129 0.20 -21.33 -13.58
CA HIS A 129 0.31 -22.28 -12.47
C HIS A 129 -0.98 -22.27 -11.65
N THR A 130 -2.11 -22.49 -12.32
CA THR A 130 -3.39 -22.53 -11.64
C THR A 130 -4.21 -23.72 -12.16
N ARG A 131 -4.55 -24.62 -11.27
CA ARG A 131 -5.48 -25.69 -11.61
C ARG A 131 -6.91 -25.16 -11.72
N ILE A 132 -7.55 -25.39 -12.86
CA ILE A 132 -8.90 -24.89 -13.13
C ILE A 132 -9.89 -26.03 -12.90
N VAL A 133 -10.95 -25.76 -12.13
CA VAL A 133 -11.98 -26.74 -11.82
C VAL A 133 -13.35 -26.16 -12.18
N MET A 134 -13.95 -26.66 -13.26
CA MET A 134 -15.33 -26.28 -13.56
C MET A 134 -16.26 -26.98 -12.59
N THR A 135 -17.11 -26.23 -11.90
CA THR A 135 -18.04 -26.80 -10.92
C THR A 135 -19.45 -26.37 -11.32
N GLY A 136 -20.25 -27.31 -11.80
CA GLY A 136 -21.58 -27.00 -12.26
C GLY A 136 -22.44 -26.51 -11.12
N THR A 137 -23.07 -25.36 -11.27
CA THR A 137 -23.81 -24.75 -10.17
C THR A 137 -24.90 -25.67 -9.63
N SER A 138 -25.22 -25.48 -8.34
CA SER A 138 -26.40 -26.05 -7.75
C SER A 138 -27.64 -25.63 -8.55
N PRO A 139 -28.73 -26.40 -8.47
CA PRO A 139 -29.83 -26.20 -9.43
C PRO A 139 -30.91 -25.23 -8.94
N TYR A 140 -31.71 -24.77 -9.90
CA TYR A 140 -32.99 -24.14 -9.59
C TYR A 140 -34.02 -25.24 -9.40
N ASP A 141 -34.60 -25.33 -8.22
CA ASP A 141 -35.50 -26.44 -7.88
C ASP A 141 -36.89 -26.17 -8.44
N GLU A 142 -37.21 -26.81 -9.57
CA GLU A 142 -38.49 -26.62 -10.25
C GLU A 142 -39.61 -27.49 -9.70
N THR A 143 -39.28 -28.55 -8.94
CA THR A 143 -40.27 -29.56 -8.55
C THR A 143 -40.78 -29.42 -7.12
N ALA A 144 -40.06 -28.71 -6.26
CA ALA A 144 -40.48 -28.55 -4.87
C ALA A 144 -41.80 -27.77 -4.80
N GLN A 145 -42.65 -28.14 -3.84
CA GLN A 145 -43.90 -27.40 -3.62
C GLN A 145 -43.74 -26.41 -2.47
N ILE A 146 -43.37 -25.18 -2.83
CA ILE A 146 -43.19 -24.08 -1.89
C ILE A 146 -44.39 -23.14 -1.98
N LYS A 147 -44.90 -22.75 -0.81
CA LYS A 147 -46.08 -21.91 -0.73
C LYS A 147 -45.78 -20.51 -1.23
N ASP A 148 -46.63 -20.02 -2.14
CA ASP A 148 -46.57 -18.65 -2.63
C ASP A 148 -45.31 -18.36 -3.43
N ASN A 149 -44.55 -19.38 -3.84
CA ASN A 149 -43.35 -19.19 -4.66
C ASN A 149 -43.57 -19.87 -6.00
N THR A 150 -43.62 -19.07 -7.06
CA THR A 150 -44.01 -19.55 -8.38
C THR A 150 -42.78 -20.04 -9.16
N VAL A 151 -42.94 -21.16 -9.87
CA VAL A 151 -41.81 -21.81 -10.55
C VAL A 151 -41.52 -21.12 -11.87
N PHE A 152 -40.25 -20.80 -12.11
CA PHE A 152 -39.80 -20.36 -13.43
C PHE A 152 -39.57 -21.61 -14.28
N LYS A 153 -40.52 -21.91 -15.17
CA LYS A 153 -40.58 -23.22 -15.81
C LYS A 153 -39.40 -23.45 -16.74
N LYS A 154 -38.73 -24.58 -16.55
CA LYS A 154 -37.63 -25.06 -17.38
C LYS A 154 -36.36 -24.21 -17.27
N LYS A 155 -36.26 -23.40 -16.22
CA LYS A 155 -35.07 -22.58 -16.00
C LYS A 155 -33.85 -23.45 -15.73
N ASN A 156 -34.02 -24.53 -14.98
CA ASN A 156 -32.88 -25.40 -14.72
C ASN A 156 -32.39 -26.11 -15.98
N GLU A 157 -33.19 -26.18 -17.05
CA GLU A 157 -32.70 -26.79 -18.28
C GLU A 157 -31.69 -25.87 -18.98
N THR A 158 -31.94 -24.57 -18.99
CA THR A 158 -30.93 -23.63 -19.47
C THR A 158 -29.67 -23.70 -18.59
N ILE A 159 -29.87 -23.80 -17.27
CA ILE A 159 -28.72 -23.96 -16.38
C ILE A 159 -27.92 -25.20 -16.77
N LYS A 160 -28.60 -26.33 -16.97
CA LYS A 160 -27.92 -27.57 -17.33
C LYS A 160 -27.19 -27.45 -18.67
N ARG A 161 -27.77 -26.70 -19.61
CA ARG A 161 -27.06 -26.45 -20.87
C ARG A 161 -25.75 -25.71 -20.64
N ILE A 162 -25.79 -24.67 -19.80
CA ILE A 162 -24.56 -23.96 -19.48
C ILE A 162 -23.55 -24.92 -18.82
N ILE A 163 -24.03 -25.78 -17.93
CA ILE A 163 -23.13 -26.71 -17.26
C ILE A 163 -22.52 -27.70 -18.26
N GLU A 164 -23.29 -28.12 -19.26
CA GLU A 164 -22.72 -29.00 -20.30
C GLU A 164 -21.67 -28.27 -21.12
N TYR A 165 -21.90 -26.99 -21.41
CA TYR A 165 -20.84 -26.23 -22.07
C TYR A 165 -19.58 -26.17 -21.22
N GLN A 166 -19.75 -25.99 -19.90
CA GLN A 166 -18.61 -26.06 -18.98
C GLN A 166 -17.89 -27.40 -19.07
N ARG A 167 -18.66 -28.50 -19.01
CA ARG A 167 -18.06 -29.84 -19.02
C ARG A 167 -17.22 -30.04 -20.28
N GLU A 168 -17.75 -29.66 -21.44
CA GLU A 168 -17.02 -29.88 -22.68
C GLU A 168 -15.81 -28.97 -22.80
N SER A 169 -15.92 -27.73 -22.31
CA SER A 169 -14.74 -26.87 -22.27
C SER A 169 -13.65 -27.48 -21.40
N ALA A 170 -14.03 -28.05 -20.25
CA ALA A 170 -13.08 -28.70 -19.37
C ALA A 170 -12.40 -29.87 -20.07
N ALA A 171 -13.18 -30.63 -20.84
CA ALA A 171 -12.62 -31.73 -21.60
C ALA A 171 -11.58 -31.23 -22.61
N ARG A 172 -11.92 -30.16 -23.34
CA ARG A 172 -10.98 -29.65 -24.34
C ARG A 172 -9.69 -29.15 -23.72
N ASN A 173 -9.79 -28.47 -22.58
CA ASN A 173 -8.67 -27.71 -22.05
C ASN A 173 -7.86 -28.44 -21.00
N GLY A 174 -8.24 -29.67 -20.66
CA GLY A 174 -7.48 -30.39 -19.66
C GLY A 174 -7.79 -29.95 -18.25
N TRP A 175 -8.99 -29.47 -18.01
CA TRP A 175 -9.43 -29.05 -16.69
C TRP A 175 -10.30 -30.13 -16.06
N GLU A 176 -10.38 -30.13 -14.73
CA GLU A 176 -11.25 -31.04 -14.02
C GLU A 176 -12.69 -30.51 -14.01
N PHE A 177 -13.64 -31.41 -13.79
CA PHE A 177 -15.04 -31.05 -13.80
C PHE A 177 -15.78 -31.81 -12.70
N THR A 178 -16.67 -31.11 -12.01
CA THR A 178 -17.62 -31.72 -11.10
C THR A 178 -18.93 -30.94 -11.19
N ASP A 179 -20.03 -31.59 -10.82
CA ASP A 179 -21.35 -31.01 -11.02
C ASP A 179 -22.16 -31.12 -9.74
N TRP A 180 -22.75 -30.01 -9.32
CA TRP A 180 -23.73 -30.05 -8.23
C TRP A 180 -25.15 -30.23 -8.72
N ASN A 181 -25.42 -29.91 -9.98
CA ASN A 181 -26.80 -29.78 -10.45
C ASN A 181 -27.51 -31.13 -10.46
N ALA A 182 -26.94 -32.11 -11.16
CA ALA A 182 -27.58 -33.44 -11.24
C ALA A 182 -27.73 -34.08 -9.87
N PRO A 183 -26.69 -34.24 -9.05
CA PRO A 183 -26.91 -34.92 -7.76
C PRO A 183 -27.88 -34.18 -6.86
N MET A 184 -27.90 -32.86 -6.91
CA MET A 184 -28.80 -32.13 -6.03
C MET A 184 -30.24 -32.22 -6.53
N VAL A 185 -30.44 -32.23 -7.85
CA VAL A 185 -31.78 -32.50 -8.38
C VAL A 185 -32.24 -33.88 -7.93
N ALA A 186 -31.34 -34.87 -7.98
CA ALA A 186 -31.70 -36.22 -7.58
C ALA A 186 -32.11 -36.27 -6.11
N ILE A 187 -31.32 -35.62 -5.25
CA ILE A 187 -31.68 -35.59 -3.83
C ILE A 187 -33.00 -34.86 -3.63
N ASN A 188 -33.21 -33.79 -4.40
CA ASN A 188 -34.49 -33.07 -4.32
C ASN A 188 -35.65 -34.00 -4.65
N GLN A 189 -35.53 -34.79 -5.72
CA GLN A 189 -36.59 -35.73 -6.07
C GLN A 189 -36.84 -36.70 -4.92
N GLU A 190 -35.75 -37.26 -4.40
CA GLU A 190 -35.82 -38.32 -3.42
C GLU A 190 -36.46 -37.85 -2.12
N LEU A 191 -36.11 -36.65 -1.64
CA LEU A 191 -36.72 -36.16 -0.42
C LEU A 191 -38.05 -35.48 -0.65
N GLN A 192 -38.33 -35.05 -1.89
CA GLN A 192 -39.65 -34.51 -2.16
C GLN A 192 -40.69 -35.61 -2.16
N GLN A 193 -40.26 -36.85 -2.41
CA GLN A 193 -41.18 -37.97 -2.21
C GLN A 193 -41.70 -38.00 -0.77
N LYS A 194 -40.81 -37.73 0.20
CA LYS A 194 -41.21 -37.78 1.60
C LYS A 194 -41.97 -36.54 2.04
N ASP A 195 -41.68 -35.39 1.45
CA ASP A 195 -42.44 -34.19 1.74
C ASP A 195 -42.36 -33.30 0.50
N PRO A 196 -43.47 -33.02 -0.19
CA PRO A 196 -43.36 -32.29 -1.47
C PRO A 196 -42.75 -30.91 -1.32
N SER A 197 -42.71 -30.34 -0.11
CA SER A 197 -42.14 -29.03 0.16
C SER A 197 -40.65 -29.08 0.50
N PHE A 198 -40.04 -30.26 0.58
CA PHE A 198 -38.61 -30.34 0.88
C PHE A 198 -37.78 -29.79 -0.28
N THR A 199 -36.68 -29.14 0.05
CA THR A 199 -35.77 -28.67 -0.99
C THR A 199 -34.39 -28.45 -0.39
N LEU A 200 -33.37 -28.74 -1.20
CA LEU A 200 -32.00 -28.33 -0.87
C LEU A 200 -31.74 -26.87 -1.21
N CYS A 201 -32.64 -26.23 -1.96
CA CYS A 201 -32.40 -24.92 -2.53
C CYS A 201 -33.17 -23.79 -1.83
N GLY A 202 -33.35 -23.89 -0.52
CA GLY A 202 -33.79 -22.74 0.25
C GLY A 202 -35.25 -22.36 0.02
N ASN A 203 -35.62 -21.21 0.59
CA ASN A 203 -37.01 -20.74 0.54
C ASN A 203 -37.43 -20.27 -0.85
N ASP A 204 -36.49 -19.98 -1.75
CA ASP A 204 -36.83 -19.34 -3.01
C ASP A 204 -36.43 -20.19 -4.22
N ARG A 205 -36.08 -21.46 -4.01
CA ARG A 205 -35.69 -22.41 -5.04
C ARG A 205 -34.32 -22.10 -5.64
N ILE A 206 -33.65 -21.03 -5.18
CA ILE A 206 -32.43 -20.53 -5.79
C ILE A 206 -31.25 -20.61 -4.82
N HIS A 207 -31.42 -20.08 -3.61
CA HIS A 207 -30.33 -19.91 -2.66
C HIS A 207 -30.41 -20.99 -1.58
N PRO A 208 -29.54 -22.00 -1.61
CA PRO A 208 -29.58 -23.05 -0.58
C PRO A 208 -29.33 -22.53 0.82
N ASP A 209 -30.01 -23.15 1.78
CA ASP A 209 -29.81 -22.93 3.19
C ASP A 209 -28.55 -23.68 3.64
N ASN A 210 -28.26 -23.67 4.95
CA ASN A 210 -27.03 -24.28 5.45
C ASN A 210 -26.97 -25.76 5.11
N ASP A 211 -28.11 -26.45 5.15
CA ASP A 211 -28.14 -27.86 4.78
C ASP A 211 -27.74 -28.05 3.32
N GLY A 212 -28.27 -27.20 2.43
CA GLY A 212 -27.90 -27.30 1.04
C GLY A 212 -26.41 -27.07 0.82
N HIS A 213 -25.86 -26.08 1.52
CA HIS A 213 -24.42 -25.81 1.39
C HIS A 213 -23.60 -26.94 1.98
N MET A 214 -24.10 -27.61 3.02
CA MET A 214 -23.36 -28.76 3.54
C MET A 214 -23.44 -29.93 2.56
N VAL A 215 -24.57 -30.09 1.88
CA VAL A 215 -24.66 -31.11 0.83
C VAL A 215 -23.70 -30.78 -0.30
N MET A 216 -23.60 -29.50 -0.65
CA MET A 216 -22.67 -29.10 -1.69
C MET A 216 -21.23 -29.40 -1.28
N ALA A 217 -20.90 -29.11 -0.02
CA ALA A 217 -19.58 -29.43 0.48
C ALA A 217 -19.34 -30.93 0.43
N TYR A 218 -20.34 -31.71 0.85
CA TYR A 218 -20.27 -33.16 0.82
C TYR A 218 -19.96 -33.64 -0.59
N LEU A 219 -20.69 -33.12 -1.57
CA LEU A 219 -20.50 -33.56 -2.95
C LEU A 219 -19.12 -33.17 -3.48
N PHE A 220 -18.64 -31.97 -3.16
CA PHE A 220 -17.33 -31.57 -3.63
C PHE A 220 -16.24 -32.42 -2.98
N LEU A 221 -16.42 -32.75 -1.71
CA LEU A 221 -15.47 -33.63 -1.03
C LEU A 221 -15.51 -35.04 -1.62
N LYS A 222 -16.69 -35.49 -2.02
CA LYS A 222 -16.78 -36.80 -2.67
C LYS A 222 -16.09 -36.77 -4.03
N ALA A 223 -16.23 -35.66 -4.77
CA ALA A 223 -15.50 -35.50 -6.01
C ALA A 223 -13.99 -35.42 -5.80
N GLN A 224 -13.55 -35.10 -4.59
CA GLN A 224 -12.12 -35.14 -4.28
C GLN A 224 -11.68 -36.48 -3.71
N GLY A 225 -12.56 -37.48 -3.71
CA GLY A 225 -12.16 -38.82 -3.34
C GLY A 225 -12.16 -39.14 -1.86
N PHE A 226 -12.92 -38.39 -1.05
CA PHE A 226 -12.98 -38.60 0.39
C PHE A 226 -14.16 -39.43 0.85
N ALA A 227 -15.11 -39.75 -0.05
CA ALA A 227 -16.27 -40.54 0.34
C ALA A 227 -15.86 -41.98 0.62
N GLY A 228 -16.22 -42.47 1.79
CA GLY A 228 -15.87 -43.82 2.20
C GLY A 228 -14.64 -43.90 3.08
N LYS A 229 -13.95 -42.80 3.29
CA LYS A 229 -12.78 -42.79 4.15
C LYS A 229 -13.13 -42.37 5.57
N ASP A 230 -12.64 -43.14 6.53
CA ASP A 230 -13.07 -43.04 7.92
C ASP A 230 -12.21 -42.02 8.65
N VAL A 231 -12.81 -41.36 9.63
CA VAL A 231 -12.03 -40.53 10.55
C VAL A 231 -10.98 -41.38 11.24
N ALA A 232 -11.43 -42.47 11.85
CA ALA A 232 -10.55 -43.49 12.43
C ALA A 232 -11.39 -44.74 12.60
N ASN A 233 -10.70 -45.88 12.63
CA ASN A 233 -11.37 -47.18 12.74
C ASN A 233 -10.55 -48.03 13.69
N MET A 234 -11.03 -48.19 14.92
CA MET A 234 -10.30 -48.96 15.91
C MET A 234 -11.16 -50.14 16.37
N GLU A 235 -10.50 -51.28 16.52
CA GLU A 235 -11.12 -52.51 17.01
C GLU A 235 -10.22 -53.08 18.08
N ILE A 236 -10.76 -53.19 19.30
CA ILE A 236 -10.08 -53.75 20.46
C ILE A 236 -10.79 -55.05 20.87
N ASN A 237 -10.02 -56.12 20.96
CA ASN A 237 -10.53 -57.36 21.56
C ASN A 237 -10.24 -57.35 23.06
N ALA A 238 -11.31 -57.39 23.86
CA ALA A 238 -11.15 -57.25 25.30
C ALA A 238 -10.42 -58.42 25.93
N ASN A 239 -10.62 -59.64 25.42
CA ASN A 239 -9.98 -60.78 26.04
C ASN A 239 -8.50 -60.93 25.69
N LYS A 240 -8.05 -60.30 24.60
CA LYS A 240 -6.66 -60.42 24.19
C LYS A 240 -5.83 -59.22 24.60
N LYS A 241 -6.46 -58.07 24.77
CA LYS A 241 -5.80 -56.86 25.24
C LYS A 241 -4.84 -56.26 24.21
N GLN A 242 -5.02 -56.56 22.93
CA GLN A 242 -4.29 -55.84 21.90
C GLN A 242 -5.31 -55.28 20.91
N ALA A 243 -4.87 -54.30 20.12
CA ALA A 243 -5.79 -53.70 19.16
C ALA A 243 -5.81 -54.54 17.90
N VAL A 244 -7.00 -54.93 17.47
CA VAL A 244 -7.13 -55.66 16.21
C VAL A 244 -7.04 -54.71 15.04
N LYS A 245 -7.60 -53.52 15.19
CA LYS A 245 -7.60 -52.53 14.11
C LYS A 245 -7.27 -51.17 14.69
N ALA A 246 -6.36 -50.46 14.02
CA ALA A 246 -5.98 -49.11 14.44
C ALA A 246 -5.71 -48.29 13.19
N GLU A 247 -6.77 -48.05 12.42
CA GLU A 247 -6.70 -47.29 11.17
C GLU A 247 -6.87 -45.81 11.49
N GLY A 248 -5.93 -45.00 11.03
CA GLY A 248 -5.98 -43.58 11.30
C GLY A 248 -5.78 -43.22 12.74
N CYS A 249 -5.18 -44.11 13.53
CA CYS A 249 -4.96 -43.83 14.94
C CYS A 249 -3.88 -44.74 15.49
N THR A 250 -3.51 -44.49 16.73
CA THR A 250 -2.64 -45.35 17.51
C THR A 250 -3.41 -45.75 18.77
N ILE A 251 -3.53 -47.06 19.02
CA ILE A 251 -4.12 -47.61 20.24
C ILE A 251 -2.97 -48.12 21.12
N SER A 252 -3.00 -47.77 22.40
CA SER A 252 -1.95 -48.25 23.30
C SER A 252 -2.50 -48.30 24.72
N ASN A 253 -1.67 -48.82 25.63
CA ASN A 253 -2.02 -48.92 27.05
C ASN A 253 -3.40 -49.54 27.29
N ILE A 254 -3.69 -50.62 26.56
CA ILE A 254 -4.90 -51.39 26.83
C ILE A 254 -4.77 -52.05 28.19
N LYS A 255 -5.71 -51.76 29.08
CA LYS A 255 -5.70 -52.29 30.43
C LYS A 255 -7.08 -52.79 30.79
N LYS A 256 -7.11 -53.84 31.61
CA LYS A 256 -8.35 -54.45 32.10
C LYS A 256 -8.31 -54.45 33.62
N ILE A 257 -9.33 -53.87 34.23
CA ILE A 257 -9.42 -53.74 35.68
C ILE A 257 -10.80 -54.28 36.08
N GLY A 258 -10.83 -55.44 36.71
CA GLY A 258 -12.12 -56.10 36.89
C GLY A 258 -12.70 -56.42 35.52
N LYS A 259 -13.91 -55.93 35.24
CA LYS A 259 -14.51 -56.02 33.93
C LYS A 259 -14.52 -54.69 33.18
N ASP A 260 -13.77 -53.69 33.65
CA ASP A 260 -13.63 -52.43 32.92
C ASP A 260 -12.43 -52.52 32.00
N ILE A 261 -12.54 -51.88 30.84
CA ILE A 261 -11.42 -51.86 29.91
C ILE A 261 -11.13 -50.42 29.52
N SER A 262 -9.85 -50.09 29.38
CA SER A 262 -9.44 -48.73 29.12
C SER A 262 -8.23 -48.74 28.21
N PHE A 263 -8.10 -47.69 27.41
CA PHE A 263 -6.91 -47.59 26.56
C PHE A 263 -6.70 -46.13 26.17
N ASP A 264 -5.55 -45.89 25.53
CA ASP A 264 -5.15 -44.59 25.02
C ASP A 264 -5.35 -44.58 23.52
N TYR A 265 -6.05 -43.55 23.05
CA TYR A 265 -6.45 -43.37 21.65
C TYR A 265 -5.81 -42.10 21.14
N LEU A 266 -4.96 -42.20 20.13
CA LEU A 266 -4.39 -41.00 19.50
C LEU A 266 -4.80 -41.02 18.03
N ALA A 267 -5.79 -40.20 17.69
CA ALA A 267 -6.28 -40.10 16.33
C ALA A 267 -5.37 -39.19 15.51
N GLU A 268 -5.34 -39.43 14.20
CA GLU A 268 -4.67 -38.51 13.28
C GLU A 268 -5.56 -37.34 12.90
N ALA A 269 -6.86 -37.49 13.05
CA ALA A 269 -7.79 -36.46 12.62
C ALA A 269 -8.89 -36.35 13.67
N LEU A 270 -9.57 -35.21 13.65
CA LEU A 270 -10.72 -34.95 14.49
C LEU A 270 -12.00 -35.29 13.75
N PRO A 271 -13.12 -35.50 14.46
CA PRO A 271 -14.40 -35.67 13.76
C PRO A 271 -14.83 -34.38 13.07
N TYR A 272 -15.69 -34.53 12.07
CA TYR A 272 -16.23 -33.37 11.39
C TYR A 272 -17.34 -32.76 12.24
N PRO A 273 -17.23 -31.50 12.63
CA PRO A 273 -18.25 -30.88 13.48
C PRO A 273 -19.35 -30.25 12.65
N LEU A 274 -20.59 -30.42 13.14
CA LEU A 274 -21.78 -29.96 12.45
C LEU A 274 -22.50 -28.92 13.30
N ASP A 275 -22.70 -27.75 12.71
CA ASP A 275 -23.46 -26.70 13.39
C ASP A 275 -24.95 -27.06 13.37
N THR A 276 -25.58 -27.04 14.54
CA THR A 276 -27.00 -27.37 14.64
C THR A 276 -27.89 -26.15 14.61
N ILE A 277 -27.31 -24.95 14.51
CA ILE A 277 -28.06 -23.70 14.49
C ILE A 277 -28.35 -23.32 13.05
N ALA A 278 -29.60 -22.91 12.79
CA ALA A 278 -30.01 -22.36 11.50
C ALA A 278 -29.55 -20.90 11.40
N ARG A 279 -28.31 -20.71 10.95
CA ARG A 279 -27.68 -19.40 10.91
C ARG A 279 -28.07 -18.61 9.67
N GLY A 280 -28.41 -17.34 9.87
CA GLY A 280 -28.69 -16.47 8.74
C GLY A 280 -30.12 -15.97 8.73
N TRP A 281 -30.34 -14.78 8.18
CA TRP A 281 -31.69 -14.23 8.10
C TRP A 281 -32.56 -15.15 7.24
N GLY A 282 -33.65 -15.62 7.81
CA GLY A 282 -34.57 -16.51 7.13
C GLY A 282 -34.16 -17.96 7.10
N SER A 283 -33.07 -18.33 7.77
CA SER A 283 -32.62 -19.72 7.77
C SER A 283 -33.59 -20.62 8.52
N LYS A 284 -33.76 -21.83 8.04
CA LYS A 284 -34.60 -22.81 8.70
C LYS A 284 -33.92 -24.14 8.98
N LYS A 285 -32.84 -24.47 8.29
CA LYS A 285 -32.18 -25.75 8.47
C LYS A 285 -30.70 -25.51 8.70
N SER A 286 -30.10 -26.36 9.53
CA SER A 286 -28.72 -26.20 9.94
C SER A 286 -27.81 -27.04 9.06
N GLN A 287 -26.50 -26.77 9.16
CA GLN A 287 -25.50 -27.65 8.58
C GLN A 287 -25.77 -29.12 8.98
N ALA A 288 -26.18 -29.34 10.25
CA ALA A 288 -26.38 -30.69 10.77
C ALA A 288 -27.46 -31.45 10.02
N GLU A 289 -28.42 -30.73 9.46
CA GLU A 289 -29.47 -31.36 8.69
C GLU A 289 -28.93 -32.19 7.56
N VAL A 290 -27.65 -31.99 7.19
CA VAL A 290 -27.07 -32.78 6.12
C VAL A 290 -27.19 -34.26 6.40
N ILE A 291 -27.20 -34.64 7.68
CA ILE A 291 -27.20 -36.08 7.98
C ILE A 291 -28.47 -36.76 7.51
N LYS A 292 -29.58 -36.05 7.38
CA LYS A 292 -30.85 -36.65 6.97
C LYS A 292 -31.09 -36.57 5.46
N GLU A 293 -30.12 -36.05 4.69
CA GLU A 293 -30.30 -35.82 3.27
C GLU A 293 -29.33 -36.60 2.42
N VAL A 294 -28.15 -36.89 2.94
CA VAL A 294 -27.14 -37.68 2.26
C VAL A 294 -26.47 -38.57 3.30
N PRO A 295 -25.83 -39.67 2.86
CA PRO A 295 -25.14 -40.52 3.84
C PRO A 295 -23.86 -39.88 4.34
N PHE A 296 -23.96 -38.68 4.94
CA PHE A 296 -22.74 -37.95 5.28
C PHE A 296 -22.00 -38.62 6.44
N MET A 297 -22.73 -39.01 7.48
CA MET A 297 -22.11 -39.68 8.62
C MET A 297 -21.41 -40.96 8.20
N GLU A 298 -22.07 -41.76 7.36
CA GLU A 298 -21.49 -43.05 6.96
C GLU A 298 -20.29 -42.88 6.03
N GLU A 299 -20.36 -41.91 5.10
CA GLU A 299 -19.29 -41.83 4.10
C GLU A 299 -18.13 -40.95 4.53
N MET A 300 -18.37 -39.94 5.38
CA MET A 300 -17.34 -38.95 5.68
C MET A 300 -17.21 -38.58 7.15
N ASN A 301 -18.06 -39.05 8.03
CA ASN A 301 -17.94 -38.71 9.44
C ASN A 301 -18.09 -39.95 10.31
N THR A 302 -17.28 -40.97 10.03
CA THR A 302 -17.29 -42.21 10.82
C THR A 302 -15.97 -42.34 11.59
N GLU A 303 -16.07 -42.18 12.92
CA GLU A 303 -14.96 -42.42 13.86
C GLU A 303 -15.37 -43.66 14.67
N LEU A 304 -15.05 -44.83 14.12
CA LEU A 304 -15.68 -46.06 14.58
C LEU A 304 -14.92 -46.67 15.75
N LEU A 305 -15.64 -46.92 16.85
CA LEU A 305 -15.09 -47.66 17.98
C LEU A 305 -15.75 -49.03 18.07
N LYS A 306 -14.95 -50.07 17.89
CA LYS A 306 -15.42 -51.46 17.96
C LYS A 306 -14.64 -52.17 19.05
N VAL A 307 -15.36 -52.70 20.04
CA VAL A 307 -14.76 -53.44 21.15
C VAL A 307 -15.46 -54.79 21.15
N THR A 308 -14.80 -55.81 20.63
CA THR A 308 -15.33 -57.16 20.66
C THR A 308 -14.67 -57.86 21.84
N GLY A 309 -15.48 -58.40 22.73
CA GLY A 309 -15.03 -58.93 23.99
C GLY A 309 -16.22 -59.09 24.89
N LEU A 310 -16.02 -59.08 26.20
CA LEU A 310 -17.10 -59.40 27.13
C LEU A 310 -18.35 -58.57 26.91
N LYS A 311 -19.49 -59.06 27.39
CA LYS A 311 -20.78 -58.51 27.05
C LYS A 311 -21.52 -58.08 28.33
N GLY A 312 -22.71 -57.55 28.14
CA GLY A 312 -23.40 -56.83 29.19
C GLY A 312 -23.57 -55.39 28.76
N GLN A 313 -23.82 -54.49 29.72
CA GLN A 313 -23.93 -53.07 29.41
C GLN A 313 -22.79 -52.28 30.01
N TYR A 314 -22.26 -51.38 29.20
CA TYR A 314 -21.12 -50.57 29.56
C TYR A 314 -21.44 -49.10 29.36
N LYS A 315 -20.75 -48.29 30.14
CA LYS A 315 -20.78 -46.83 30.03
C LYS A 315 -19.48 -46.40 29.41
N LEU A 316 -19.59 -45.64 28.32
CA LEU A 316 -18.43 -45.11 27.61
C LEU A 316 -18.06 -43.76 28.21
N LEU A 317 -16.82 -43.64 28.65
CA LEU A 317 -16.25 -42.37 29.08
C LEU A 317 -14.99 -42.09 28.27
N ILE A 318 -14.79 -40.83 27.90
CA ILE A 318 -13.56 -40.43 27.23
C ILE A 318 -13.00 -39.26 28.02
N ASP A 319 -11.75 -39.38 28.47
CA ASP A 319 -11.15 -38.39 29.36
C ASP A 319 -12.05 -38.08 30.55
N ASP A 320 -12.74 -39.11 31.04
CA ASP A 320 -13.61 -39.08 32.22
C ASP A 320 -14.91 -38.32 32.01
N GLN A 321 -15.33 -38.12 30.76
CA GLN A 321 -16.63 -37.52 30.47
C GLN A 321 -17.56 -38.61 29.95
N GLU A 322 -18.71 -38.75 30.63
CA GLU A 322 -19.67 -39.75 30.22
C GLU A 322 -20.24 -39.40 28.85
N ILE A 323 -20.17 -40.35 27.93
CA ILE A 323 -20.69 -40.18 26.58
C ILE A 323 -22.07 -40.80 26.44
N GLY A 324 -22.26 -42.00 26.98
CA GLY A 324 -23.51 -42.70 26.90
C GLY A 324 -23.34 -44.13 27.37
N THR A 325 -24.41 -44.90 27.23
CA THR A 325 -24.41 -46.29 27.63
C THR A 325 -24.84 -47.16 26.45
N TRP A 326 -24.09 -48.25 26.26
CA TRP A 326 -24.35 -49.17 25.16
C TRP A 326 -24.28 -50.60 25.69
N ASP A 327 -25.01 -51.48 25.02
CA ASP A 327 -24.77 -52.90 25.21
C ASP A 327 -23.58 -53.35 24.38
N ALA A 328 -22.85 -54.33 24.91
CA ALA A 328 -21.66 -54.80 24.22
C ALA A 328 -21.93 -55.45 22.88
N ALA A 329 -23.19 -55.81 22.58
CA ALA A 329 -23.52 -56.19 21.22
C ALA A 329 -23.30 -55.01 20.27
N ASP A 330 -23.78 -53.83 20.66
CA ASP A 330 -23.53 -52.62 19.89
C ASP A 330 -22.05 -52.32 19.79
N LEU A 331 -21.33 -52.42 20.92
CA LEU A 331 -19.90 -52.15 20.91
C LEU A 331 -19.16 -53.09 19.97
N ALA A 332 -19.55 -54.37 19.94
CA ALA A 332 -18.92 -55.32 19.03
C ALA A 332 -19.34 -55.05 17.59
N LYS A 333 -20.50 -54.41 17.40
CA LYS A 333 -20.90 -54.00 16.07
C LYS A 333 -20.05 -52.82 15.61
N GLY A 334 -19.74 -51.92 16.54
CA GLY A 334 -19.02 -50.68 16.28
C GLY A 334 -19.93 -49.49 16.49
N ILE A 335 -19.51 -48.49 17.25
CA ILE A 335 -20.29 -47.27 17.43
C ILE A 335 -19.50 -46.10 16.82
N ASN A 336 -20.25 -45.12 16.32
CA ASN A 336 -19.63 -43.96 15.67
C ASN A 336 -19.38 -42.87 16.72
N LEU A 337 -18.13 -42.66 17.08
CA LEU A 337 -17.81 -41.59 18.03
C LEU A 337 -18.07 -40.21 17.42
N ALA A 338 -18.01 -40.07 16.09
CA ALA A 338 -18.28 -38.80 15.45
C ALA A 338 -19.74 -38.33 15.56
N ALA A 339 -20.66 -39.20 15.99
CA ALA A 339 -22.05 -38.79 16.23
C ALA A 339 -22.31 -38.48 17.71
N GLU A 340 -21.28 -38.58 18.55
CA GLU A 340 -21.43 -38.37 19.99
C GLU A 340 -20.82 -37.01 20.31
N SER A 341 -21.66 -35.98 20.39
CA SER A 341 -21.17 -34.61 20.57
C SER A 341 -20.48 -34.40 21.91
N LYS A 342 -20.60 -35.34 22.84
CA LYS A 342 -19.99 -35.16 24.15
C LYS A 342 -18.53 -35.55 24.22
N THR A 343 -17.96 -36.16 23.17
CA THR A 343 -16.56 -36.55 23.25
C THR A 343 -15.68 -35.31 23.28
N PRO A 344 -14.52 -35.40 23.93
CA PRO A 344 -13.60 -34.25 23.95
C PRO A 344 -13.12 -33.84 22.57
N GLN A 345 -12.84 -34.81 21.69
CA GLN A 345 -12.42 -34.47 20.34
C GLN A 345 -13.53 -33.81 19.55
N TYR A 346 -14.79 -34.14 19.83
CA TYR A 346 -15.88 -33.45 19.15
C TYR A 346 -16.04 -32.03 19.70
N GLN A 347 -15.82 -31.84 20.99
CA GLN A 347 -15.81 -30.49 21.55
C GLN A 347 -14.68 -29.65 20.94
N GLN A 348 -13.50 -30.27 20.77
CA GLN A 348 -12.38 -29.61 20.10
C GLN A 348 -12.75 -29.24 18.66
N ALA A 349 -13.35 -30.20 17.95
CA ALA A 349 -13.77 -29.92 16.58
C ALA A 349 -14.77 -28.78 16.53
N LEU A 350 -15.68 -28.73 17.50
CA LEU A 350 -16.68 -27.65 17.55
C LEU A 350 -16.01 -26.29 17.78
N THR A 351 -14.99 -26.25 18.66
CA THR A 351 -14.21 -25.05 18.83
C THR A 351 -13.69 -24.54 17.48
N ILE A 352 -13.10 -25.44 16.71
CA ILE A 352 -12.60 -25.08 15.38
C ILE A 352 -13.74 -24.59 14.48
N MET A 353 -14.90 -25.24 14.56
CA MET A 353 -16.04 -24.88 13.71
C MET A 353 -16.49 -23.45 14.00
N HIS A 354 -16.55 -23.08 15.27
CA HIS A 354 -16.97 -21.72 15.64
C HIS A 354 -15.95 -20.69 15.18
N LEU A 355 -14.65 -20.98 15.39
CA LEU A 355 -13.61 -20.09 14.88
C LEU A 355 -13.76 -19.88 13.38
N ASN A 356 -14.04 -20.97 12.65
CA ASN A 356 -14.15 -20.91 11.20
C ASN A 356 -15.37 -20.07 10.79
N GLU A 357 -16.46 -20.15 11.54
CA GLU A 357 -17.64 -19.33 11.23
C GLU A 357 -17.38 -17.84 11.48
N TYR A 358 -16.71 -17.50 12.59
CA TYR A 358 -16.28 -16.11 12.81
C TYR A 358 -15.47 -15.60 11.62
N ARG A 359 -14.52 -16.44 11.17
CA ARG A 359 -13.69 -16.11 10.01
C ARG A 359 -14.54 -15.90 8.76
N TRP A 360 -15.49 -16.81 8.52
CA TRP A 360 -16.35 -16.69 7.36
C TRP A 360 -17.10 -15.36 7.36
N GLU A 361 -17.57 -14.91 8.54
CA GLU A 361 -18.27 -13.62 8.63
C GLU A 361 -17.37 -12.45 8.24
N LEU A 362 -16.14 -12.44 8.79
CA LEU A 362 -15.19 -11.41 8.41
C LEU A 362 -14.98 -11.40 6.89
N GLU A 363 -14.78 -12.59 6.32
CA GLU A 363 -14.59 -12.66 4.87
C GLU A 363 -15.80 -12.09 4.13
N ARG A 364 -17.01 -12.32 4.65
CA ARG A 364 -18.19 -11.76 4.00
C ARG A 364 -18.13 -10.24 3.96
N THR A 365 -17.59 -9.62 5.01
CA THR A 365 -17.48 -8.15 4.93
C THR A 365 -16.55 -7.76 3.79
N PHE A 366 -15.49 -8.55 3.56
CA PHE A 366 -14.66 -8.27 2.38
C PHE A 366 -15.43 -8.47 1.08
N ARG A 367 -16.39 -9.41 1.06
CA ARG A 367 -17.19 -9.62 -0.15
C ARG A 367 -18.14 -8.44 -0.41
N GLU A 368 -18.69 -7.85 0.66
CA GLU A 368 -19.49 -6.63 0.50
C GLU A 368 -18.64 -5.49 -0.06
N TYR A 369 -17.41 -5.38 0.43
CA TYR A 369 -16.54 -4.36 -0.15
C TYR A 369 -16.30 -4.63 -1.63
N ALA A 370 -16.09 -5.89 -2.00
CA ALA A 370 -15.88 -6.24 -3.40
C ALA A 370 -17.10 -5.89 -4.26
N TRP A 371 -18.32 -6.08 -3.73
CA TRP A 371 -19.46 -5.62 -4.49
C TRP A 371 -19.39 -4.11 -4.69
N CYS A 372 -19.05 -3.36 -3.65
CA CYS A 372 -18.93 -1.92 -3.85
C CYS A 372 -17.96 -1.62 -4.99
N GLN A 373 -16.87 -2.38 -5.06
CA GLN A 373 -15.84 -2.05 -6.04
C GLN A 373 -16.27 -2.42 -7.45
N PHE A 374 -16.70 -3.66 -7.66
CA PHE A 374 -16.99 -4.11 -9.03
C PHE A 374 -18.44 -3.93 -9.44
N GLY A 375 -19.38 -3.92 -8.50
CA GLY A 375 -20.76 -3.68 -8.82
C GLY A 375 -21.15 -2.22 -8.87
N PHE A 376 -20.28 -1.30 -8.45
CA PHE A 376 -20.59 0.12 -8.60
C PHE A 376 -19.40 0.95 -9.10
N PHE A 377 -18.26 0.89 -8.39
CA PHE A 377 -17.19 1.86 -8.66
C PHE A 377 -16.50 1.61 -10.01
N GLN A 378 -16.40 0.35 -10.44
CA GLN A 378 -15.75 0.05 -11.72
C GLN A 378 -16.44 0.76 -12.88
N GLN A 379 -17.78 0.76 -12.90
CA GLN A 379 -18.49 1.41 -13.99
C GLN A 379 -18.33 2.92 -13.94
N LYS A 380 -17.91 3.48 -12.80
CA LYS A 380 -17.68 4.91 -12.67
C LYS A 380 -16.22 5.29 -12.85
N GLY A 381 -15.40 4.36 -13.34
CA GLY A 381 -13.98 4.65 -13.51
C GLY A 381 -13.25 4.88 -12.20
N LEU A 382 -13.72 4.26 -11.12
CA LEU A 382 -13.16 4.50 -9.80
C LEU A 382 -12.80 3.19 -9.10
N LEU A 383 -12.59 2.12 -9.85
CA LEU A 383 -12.21 0.85 -9.25
C LEU A 383 -10.96 1.01 -8.39
N PHE A 384 -11.08 0.67 -7.11
CA PHE A 384 -9.97 0.75 -6.14
C PHE A 384 -9.48 2.18 -5.92
N ALA A 385 -10.27 3.18 -6.32
CA ALA A 385 -9.88 4.57 -6.08
C ALA A 385 -9.77 4.85 -4.59
N ASN A 386 -10.80 4.50 -3.82
CA ASN A 386 -10.80 4.58 -2.35
C ASN A 386 -10.36 5.96 -1.88
N ASP A 387 -10.94 6.99 -2.50
CA ASP A 387 -10.51 8.37 -2.27
C ASP A 387 -11.73 9.28 -2.23
N ARG A 388 -11.46 10.60 -2.25
CA ARG A 388 -12.53 11.59 -2.14
C ARG A 388 -13.44 11.57 -3.35
N LYS A 389 -12.89 11.35 -4.56
CA LYS A 389 -13.78 11.26 -5.71
C LYS A 389 -14.66 10.01 -5.63
N ALA A 390 -14.16 8.92 -5.04
CA ALA A 390 -15.00 7.76 -4.81
C ALA A 390 -16.16 8.12 -3.88
N ILE A 391 -15.85 8.80 -2.77
CA ILE A 391 -16.87 9.22 -1.82
C ILE A 391 -17.90 10.11 -2.50
N GLU A 392 -17.43 11.04 -3.35
CA GLU A 392 -18.32 11.98 -4.00
C GLU A 392 -19.30 11.27 -4.93
N VAL A 393 -18.78 10.35 -5.77
CA VAL A 393 -19.65 9.67 -6.71
C VAL A 393 -20.64 8.76 -5.99
N MET A 394 -20.17 8.06 -4.95
CA MET A 394 -21.09 7.24 -4.18
C MET A 394 -22.19 8.10 -3.55
N ASP A 395 -21.82 9.24 -2.98
CA ASP A 395 -22.83 10.13 -2.40
C ASP A 395 -23.81 10.60 -3.46
N GLU A 396 -23.32 10.89 -4.66
CA GLU A 396 -24.18 11.31 -5.76
C GLU A 396 -25.14 10.23 -6.19
N ASN A 397 -24.83 8.96 -5.86
CA ASN A 397 -25.66 7.86 -6.33
C ASN A 397 -26.48 7.13 -5.27
N VAL A 398 -26.29 7.40 -3.98
CA VAL A 398 -26.95 6.54 -3.00
C VAL A 398 -28.48 6.70 -3.01
N GLU A 399 -29.00 7.87 -3.38
CA GLU A 399 -30.45 8.07 -3.31
C GLU A 399 -31.20 7.32 -4.39
N LYS A 400 -30.51 6.86 -5.42
CA LYS A 400 -31.09 6.16 -6.55
C LYS A 400 -30.53 4.75 -6.68
N ASN A 401 -29.93 4.22 -5.61
CA ASN A 401 -29.28 2.91 -5.60
C ASN A 401 -29.42 2.32 -4.19
N MET A 402 -30.52 1.60 -3.97
CA MET A 402 -30.81 1.07 -2.64
C MET A 402 -29.66 0.23 -2.12
N TRP A 403 -29.10 -0.62 -2.98
CA TRP A 403 -28.07 -1.55 -2.54
C TRP A 403 -26.80 -0.81 -2.15
N LEU A 404 -26.44 0.22 -2.92
CA LEU A 404 -25.26 1.01 -2.59
C LEU A 404 -25.47 1.78 -1.29
N LYS A 405 -26.67 2.33 -1.09
CA LYS A 405 -26.93 3.04 0.16
C LYS A 405 -26.84 2.10 1.35
N GLY A 406 -27.29 0.86 1.18
CA GLY A 406 -27.15 -0.10 2.28
C GLY A 406 -25.72 -0.42 2.65
N ARG A 407 -24.78 -0.24 1.72
CA ARG A 407 -23.39 -0.54 1.98
C ARG A 407 -22.51 0.69 2.20
N ARG A 408 -23.07 1.90 2.27
CA ARG A 408 -22.23 3.09 2.40
C ARG A 408 -21.45 3.09 3.72
N ASP A 409 -22.07 2.67 4.82
CA ASP A 409 -21.35 2.64 6.09
C ASP A 409 -20.17 1.65 6.01
N LEU A 410 -20.46 0.44 5.53
CA LEU A 410 -19.42 -0.55 5.36
C LEU A 410 -18.34 -0.03 4.44
N TYR A 411 -18.72 0.64 3.33
CA TYR A 411 -17.67 1.10 2.43
C TYR A 411 -16.83 2.20 3.07
N SER A 412 -17.44 3.07 3.88
CA SER A 412 -16.69 4.12 4.54
C SER A 412 -15.66 3.55 5.50
N LYS A 413 -15.92 2.35 6.03
CA LYS A 413 -14.87 1.67 6.78
C LYS A 413 -13.87 0.94 5.87
N MET A 414 -14.36 0.13 4.94
CA MET A 414 -13.46 -0.78 4.23
C MET A 414 -12.66 -0.10 3.13
N MET A 415 -13.00 1.14 2.76
CA MET A 415 -12.18 1.86 1.78
C MET A 415 -10.78 2.16 2.29
N PHE A 416 -10.54 2.11 3.60
CA PHE A 416 -9.21 2.40 4.11
C PHE A 416 -8.33 1.14 4.06
N LYS A 417 -7.18 1.28 3.40
CA LYS A 417 -6.20 0.20 3.35
C LYS A 417 -5.82 -0.29 4.74
N GLU A 418 -5.68 0.61 5.71
CA GLU A 418 -5.27 0.15 7.02
C GLU A 418 -6.34 -0.73 7.66
N ILE A 419 -7.60 -0.46 7.38
CA ILE A 419 -8.68 -1.28 7.94
C ILE A 419 -8.74 -2.63 7.24
N ARG A 420 -8.61 -2.66 5.91
CA ARG A 420 -8.56 -3.95 5.22
C ARG A 420 -7.40 -4.79 5.75
N ASP A 421 -6.25 -4.15 6.00
CA ASP A 421 -5.11 -4.86 6.57
C ASP A 421 -5.46 -5.42 7.95
N ALA A 422 -6.03 -4.59 8.83
CA ALA A 422 -6.33 -5.07 10.18
C ALA A 422 -7.35 -6.21 10.17
N ARG A 423 -8.38 -6.12 9.32
CA ARG A 423 -9.43 -7.14 9.30
C ARG A 423 -8.93 -8.43 8.69
N GLU A 424 -8.04 -8.33 7.70
CA GLU A 424 -7.33 -9.50 7.20
C GLU A 424 -6.47 -10.11 8.30
N GLN A 425 -5.83 -9.27 9.09
CA GLN A 425 -5.04 -9.77 10.21
C GLN A 425 -5.92 -10.52 11.20
N GLU A 426 -7.15 -10.03 11.37
CA GLU A 426 -8.10 -10.73 12.23
C GLU A 426 -8.46 -12.12 11.68
N MET A 427 -8.75 -12.18 10.39
CA MET A 427 -8.99 -13.49 9.79
C MET A 427 -7.79 -14.41 10.01
N ASP A 428 -6.58 -13.87 9.88
CA ASP A 428 -5.37 -14.66 10.11
C ASP A 428 -5.24 -15.09 11.57
N VAL A 429 -5.68 -14.24 12.50
CA VAL A 429 -5.70 -14.65 13.90
C VAL A 429 -6.54 -15.91 14.05
N LEU A 430 -7.73 -15.90 13.45
CA LEU A 430 -8.62 -17.04 13.57
C LEU A 430 -8.05 -18.29 12.89
N ILE A 431 -7.49 -18.12 11.69
CA ILE A 431 -6.93 -19.24 10.95
C ILE A 431 -5.74 -19.84 11.70
N SER A 432 -4.87 -18.98 12.26
CA SER A 432 -3.76 -19.50 13.05
C SER A 432 -4.25 -20.24 14.27
N LYS A 433 -5.27 -19.71 14.96
CA LYS A 433 -5.77 -20.44 16.12
C LYS A 433 -6.27 -21.83 15.69
N ILE A 434 -7.03 -21.88 14.60
CA ILE A 434 -7.54 -23.16 14.11
C ILE A 434 -6.41 -24.14 13.88
N TYR A 435 -5.37 -23.73 13.15
CA TYR A 435 -4.27 -24.65 12.86
C TYR A 435 -3.32 -24.82 14.03
N GLU A 436 -3.55 -24.13 15.13
CA GLU A 436 -2.82 -24.40 16.36
C GLU A 436 -3.55 -25.40 17.26
N ILE A 437 -4.89 -25.41 17.27
CA ILE A 437 -5.62 -26.26 18.19
C ILE A 437 -6.23 -27.49 17.52
N ASN A 438 -5.95 -27.74 16.25
CA ASN A 438 -6.65 -28.82 15.56
C ASN A 438 -5.93 -30.16 15.64
N LYS A 439 -4.84 -30.26 16.41
CA LYS A 439 -4.08 -31.50 16.53
C LYS A 439 -4.71 -32.42 17.57
N PRO A 440 -5.13 -33.63 17.20
CA PRO A 440 -5.69 -34.54 18.20
C PRO A 440 -4.66 -34.82 19.29
N VAL A 441 -5.14 -34.93 20.52
CA VAL A 441 -4.30 -35.31 21.65
C VAL A 441 -4.71 -36.72 22.09
N VAL A 442 -3.84 -37.35 22.89
CA VAL A 442 -4.14 -38.67 23.41
C VAL A 442 -5.37 -38.57 24.31
N ARG A 443 -6.39 -39.39 24.00
CA ARG A 443 -7.63 -39.44 24.74
C ARG A 443 -7.75 -40.77 25.48
N LYS A 444 -8.16 -40.70 26.75
CA LYS A 444 -8.30 -41.88 27.60
C LYS A 444 -9.71 -42.43 27.48
N ILE A 445 -9.85 -43.58 26.83
CA ILE A 445 -11.16 -44.20 26.60
C ILE A 445 -11.38 -45.29 27.64
N VAL A 446 -12.56 -45.29 28.26
CA VAL A 446 -12.91 -46.21 29.33
C VAL A 446 -14.28 -46.79 29.03
N LEU A 447 -14.40 -48.11 29.14
CA LEU A 447 -15.68 -48.80 29.12
C LEU A 447 -15.86 -49.42 30.50
N ARG A 448 -16.76 -48.85 31.27
CA ARG A 448 -17.01 -49.23 32.64
C ARG A 448 -18.27 -50.09 32.65
N LYS A 449 -18.20 -51.31 33.16
CA LYS A 449 -19.44 -52.08 33.07
C LYS A 449 -20.36 -51.69 34.22
N ILE A 450 -21.65 -51.73 33.95
CA ILE A 450 -22.65 -51.29 34.92
C ILE A 450 -23.37 -52.49 35.49
N ALA B 8 -9.88 24.84 32.02
CA ALA B 8 -9.27 23.66 32.64
C ALA B 8 -9.39 23.68 34.17
N GLY B 9 -10.00 24.75 34.71
CA GLY B 9 -10.28 24.85 36.13
C GLY B 9 -11.28 23.84 36.65
N ALA B 10 -12.00 23.17 35.75
CA ALA B 10 -12.99 22.14 36.03
C ALA B 10 -12.36 20.76 36.30
N GLN B 11 -11.04 20.66 36.39
CA GLN B 11 -10.38 19.37 36.56
C GLN B 11 -10.53 18.85 38.00
N THR B 12 -11.22 17.72 38.14
CA THR B 12 -11.29 17.01 39.41
C THR B 12 -10.70 15.61 39.33
N VAL B 13 -10.25 15.17 38.15
CA VAL B 13 -9.76 13.81 37.92
C VAL B 13 -8.45 13.87 37.14
N LYS B 14 -7.41 13.22 37.67
CA LYS B 14 -6.13 13.25 36.98
C LYS B 14 -6.25 12.53 35.64
N PRO B 15 -5.62 13.05 34.59
CA PRO B 15 -5.66 12.37 33.29
C PRO B 15 -4.94 11.04 33.35
N PHE B 16 -5.31 10.16 32.41
CA PHE B 16 -4.61 8.90 32.24
C PHE B 16 -3.22 9.14 31.63
N LYS B 17 -2.31 8.23 31.95
CA LYS B 17 -0.93 8.26 31.52
C LYS B 17 -0.58 6.97 30.79
N GLU B 18 0.60 6.96 30.16
CA GLU B 18 1.03 5.82 29.37
C GLU B 18 0.98 4.53 30.17
N GLY B 19 0.38 3.51 29.60
CA GLY B 19 0.34 2.24 30.29
C GLY B 19 -0.80 2.11 31.28
N ASP B 20 -1.62 3.14 31.45
CA ASP B 20 -2.74 3.01 32.36
C ASP B 20 -3.72 1.97 31.82
N ARG B 21 -4.41 1.31 32.73
CA ARG B 21 -5.47 0.37 32.41
C ARG B 21 -6.69 0.92 33.13
N ALA B 22 -7.51 1.67 32.40
CA ALA B 22 -8.65 2.39 32.95
C ALA B 22 -9.89 1.55 32.77
N VAL B 23 -10.47 1.08 33.88
CA VAL B 23 -11.68 0.26 33.84
C VAL B 23 -12.86 1.10 34.28
N PHE B 24 -13.92 1.11 33.47
CA PHE B 24 -15.16 1.81 33.78
C PHE B 24 -16.18 0.78 34.25
N LEU B 25 -16.36 0.71 35.56
CA LEU B 25 -17.30 -0.22 36.17
C LEU B 25 -18.68 0.40 36.19
N GLY B 26 -19.67 -0.32 35.69
CA GLY B 26 -21.00 0.26 35.61
C GLY B 26 -22.07 -0.77 35.35
N ASN B 27 -23.25 -0.25 34.99
CA ASN B 27 -24.43 -1.05 34.69
C ASN B 27 -24.68 -1.05 33.18
N SER B 28 -25.95 -1.05 32.75
CA SER B 28 -26.24 -1.17 31.31
C SER B 28 -25.78 0.06 30.52
N ILE B 29 -25.79 1.23 31.15
CA ILE B 29 -25.32 2.43 30.46
C ILE B 29 -23.86 2.26 30.06
N THR B 30 -23.06 1.65 30.94
CA THR B 30 -21.68 1.34 30.60
C THR B 30 -21.60 0.18 29.62
N ASP B 31 -22.30 -0.92 29.93
CA ASP B 31 -22.23 -2.16 29.18
C ASP B 31 -22.52 -1.95 27.69
N GLY B 32 -23.68 -1.39 27.39
CA GLY B 32 -24.05 -1.27 25.99
C GLY B 32 -23.71 0.05 25.36
N GLY B 33 -23.10 0.96 26.10
CA GLY B 33 -22.86 2.30 25.61
C GLY B 33 -21.42 2.52 25.20
N ARG B 34 -21.16 3.72 24.70
CA ARG B 34 -19.87 4.01 24.07
C ARG B 34 -19.07 5.12 24.73
N TYR B 35 -19.50 5.67 25.88
CA TYR B 35 -18.76 6.80 26.43
C TYR B 35 -17.29 6.45 26.67
N HIS B 36 -17.03 5.25 27.18
CA HIS B 36 -15.64 4.88 27.45
C HIS B 36 -14.85 4.70 26.16
N SER B 37 -15.50 4.16 25.12
CA SER B 37 -14.86 4.08 23.81
C SER B 37 -14.58 5.46 23.23
N PHE B 38 -15.51 6.42 23.44
CA PHE B 38 -15.30 7.79 22.97
C PHE B 38 -14.15 8.45 23.74
N ILE B 39 -14.00 8.15 25.03
CA ILE B 39 -12.88 8.67 25.81
C ILE B 39 -11.56 8.07 25.31
N TRP B 40 -11.54 6.76 25.11
CA TRP B 40 -10.34 6.14 24.57
C TRP B 40 -10.00 6.72 23.21
N LEU B 41 -11.01 6.96 22.39
CA LEU B 41 -10.80 7.57 21.08
C LEU B 41 -10.11 8.93 21.22
N TYR B 42 -10.53 9.71 22.22
CA TYR B 42 -9.83 10.96 22.49
C TYR B 42 -8.36 10.71 22.78
N TYR B 43 -8.04 9.76 23.66
CA TYR B 43 -6.61 9.55 23.94
C TYR B 43 -5.86 8.99 22.74
N MET B 44 -6.53 8.25 21.87
CA MET B 44 -5.83 7.67 20.72
C MET B 44 -5.48 8.74 19.71
N THR B 45 -6.30 9.78 19.60
CA THR B 45 -6.02 10.83 18.62
C THR B 45 -5.32 12.05 19.20
N ARG B 46 -5.64 12.47 20.42
CA ARG B 46 -5.01 13.64 21.01
C ARG B 46 -3.62 13.33 21.56
N PHE B 47 -3.42 12.12 22.09
CA PHE B 47 -2.15 11.70 22.67
C PHE B 47 -1.68 10.43 21.97
N PRO B 48 -1.38 10.49 20.67
CA PRO B 48 -1.11 9.27 19.91
C PRO B 48 0.14 8.51 20.36
N ASN B 49 1.09 9.15 21.03
CA ASN B 49 2.29 8.48 21.48
C ASN B 49 2.23 8.07 22.94
N MET B 50 1.04 8.11 23.54
CA MET B 50 0.84 7.76 24.94
C MET B 50 -0.20 6.67 25.03
N PRO B 51 0.17 5.43 24.72
CA PRO B 51 -0.83 4.35 24.70
C PRO B 51 -1.38 4.08 26.10
N ILE B 52 -2.70 3.88 26.15
CA ILE B 52 -3.42 3.44 27.33
C ILE B 52 -4.37 2.32 26.88
N ARG B 53 -5.09 1.76 27.84
CA ARG B 53 -6.08 0.71 27.57
C ARG B 53 -7.31 0.98 28.42
N VAL B 54 -8.46 1.08 27.77
CA VAL B 54 -9.73 1.28 28.43
C VAL B 54 -10.54 -0.02 28.38
N PHE B 55 -11.25 -0.29 29.47
CA PHE B 55 -12.05 -1.49 29.62
C PHE B 55 -13.49 -1.11 29.94
N ASN B 56 -14.42 -1.66 29.17
CA ASN B 56 -15.83 -1.72 29.53
C ASN B 56 -16.01 -2.76 30.63
N GLY B 57 -16.44 -2.33 31.82
CA GLY B 57 -16.75 -3.22 32.92
C GLY B 57 -18.18 -3.00 33.34
N GLY B 58 -19.07 -2.86 32.36
CA GLY B 58 -20.49 -2.72 32.62
C GLY B 58 -21.18 -4.05 32.44
N ILE B 59 -22.21 -4.29 33.24
CA ILE B 59 -23.14 -5.40 33.00
C ILE B 59 -24.55 -4.86 33.17
N GLY B 60 -25.39 -5.06 32.15
CA GLY B 60 -26.75 -4.58 32.22
C GLY B 60 -27.51 -5.19 33.39
N GLY B 61 -28.33 -4.36 34.04
CA GLY B 61 -29.15 -4.79 35.14
C GLY B 61 -28.49 -4.66 36.48
N ASP B 62 -27.20 -4.39 36.52
CA ASP B 62 -26.47 -4.42 37.79
C ASP B 62 -26.89 -3.29 38.73
N THR B 63 -26.85 -3.63 40.01
CA THR B 63 -26.85 -2.70 41.12
C THR B 63 -25.46 -2.76 41.75
N ALA B 64 -25.28 -2.03 42.85
CA ALA B 64 -24.02 -2.11 43.56
C ALA B 64 -23.78 -3.51 44.11
N TYR B 65 -24.84 -4.25 44.42
CA TYR B 65 -24.70 -5.61 44.92
C TYR B 65 -24.03 -6.51 43.87
N ASP B 66 -24.46 -6.39 42.61
CA ASP B 66 -23.89 -7.23 41.55
C ASP B 66 -22.46 -6.82 41.22
N MET B 67 -22.23 -5.50 41.12
CA MET B 67 -20.88 -5.00 40.92
C MET B 67 -19.95 -5.53 41.99
N ASN B 68 -20.41 -5.54 43.24
CA ASN B 68 -19.59 -6.08 44.32
C ASN B 68 -19.34 -7.57 44.13
N LYS B 69 -20.39 -8.34 43.78
CA LYS B 69 -20.21 -9.78 43.55
C LYS B 69 -19.09 -10.05 42.54
N ARG B 70 -18.96 -9.19 41.53
CA ARG B 70 -18.04 -9.52 40.43
C ARG B 70 -16.73 -8.74 40.45
N LEU B 71 -16.48 -7.92 41.48
CA LEU B 71 -15.21 -7.19 41.52
C LEU B 71 -14.00 -8.10 41.27
N ASP B 72 -13.94 -9.25 41.97
CA ASP B 72 -12.79 -10.14 41.87
C ASP B 72 -12.66 -10.76 40.47
N GLY B 73 -13.77 -11.30 39.94
CA GLY B 73 -13.71 -12.07 38.70
C GLY B 73 -13.79 -11.25 37.42
N ASP B 74 -14.28 -10.01 37.49
CA ASP B 74 -14.54 -9.23 36.30
C ASP B 74 -13.86 -7.86 36.30
N ILE B 75 -13.51 -7.32 37.48
CA ILE B 75 -12.90 -6.00 37.56
C ILE B 75 -11.43 -6.14 37.97
N PHE B 76 -11.16 -6.62 39.20
CA PHE B 76 -9.77 -6.71 39.64
C PHE B 76 -8.96 -7.65 38.75
N SER B 77 -9.62 -8.65 38.14
CA SER B 77 -8.93 -9.55 37.22
C SER B 77 -8.33 -8.80 36.04
N LYS B 78 -8.86 -7.62 35.72
CA LYS B 78 -8.32 -6.79 34.64
C LYS B 78 -7.13 -5.96 35.09
N ASN B 79 -6.76 -6.06 36.37
CA ASN B 79 -5.63 -5.33 36.94
C ASN B 79 -5.67 -3.86 36.59
N PRO B 80 -6.71 -3.14 36.98
CA PRO B 80 -6.82 -1.71 36.66
C PRO B 80 -5.76 -0.87 37.38
N THR B 81 -5.22 0.12 36.67
CA THR B 81 -4.51 1.19 37.35
C THR B 81 -5.44 2.32 37.72
N VAL B 82 -6.53 2.53 36.99
CA VAL B 82 -7.53 3.53 37.30
C VAL B 82 -8.90 2.89 37.17
N LEU B 83 -9.73 3.03 38.19
CA LEU B 83 -11.05 2.41 38.23
C LEU B 83 -12.11 3.47 38.45
N MET B 84 -12.99 3.63 37.46
CA MET B 84 -14.14 4.52 37.57
C MET B 84 -15.35 3.71 38.03
N VAL B 85 -16.13 4.27 38.96
CA VAL B 85 -17.23 3.54 39.59
C VAL B 85 -18.52 4.33 39.44
N THR B 86 -19.48 3.75 38.74
CA THR B 86 -20.77 4.40 38.55
C THR B 86 -21.91 3.41 38.71
N PHE B 87 -22.97 3.85 39.40
CA PHE B 87 -24.10 2.97 39.67
C PHE B 87 -25.27 3.82 40.17
N GLY B 88 -26.42 3.19 40.32
CA GLY B 88 -27.56 3.85 40.91
C GLY B 88 -28.80 3.82 40.07
N MET B 89 -28.64 3.79 38.75
CA MET B 89 -29.81 3.79 37.88
C MET B 89 -30.72 2.60 38.19
N ASN B 90 -30.12 1.43 38.45
CA ASN B 90 -30.92 0.29 38.86
C ASN B 90 -31.16 0.25 40.35
N ASP B 91 -30.15 0.59 41.16
CA ASP B 91 -30.32 0.62 42.61
C ASP B 91 -31.53 1.43 43.02
N SER B 92 -31.77 2.56 42.33
CA SER B 92 -32.82 3.50 42.72
C SER B 92 -34.23 2.93 42.58
N GLY B 93 -34.45 1.94 41.72
CA GLY B 93 -35.77 1.40 41.52
C GLY B 93 -36.59 2.20 40.51
N TYR B 94 -37.76 1.68 40.18
CA TYR B 94 -38.52 2.23 39.05
C TYR B 94 -40.01 2.46 39.33
N TYR B 95 -40.82 1.41 39.21
CA TYR B 95 -42.27 1.58 39.12
C TYR B 95 -42.86 2.13 40.43
N GLU B 96 -42.33 1.69 41.57
CA GLU B 96 -42.89 2.07 42.86
C GLU B 96 -42.86 3.57 43.12
N TYR B 97 -42.14 4.35 42.29
CA TYR B 97 -42.16 5.78 42.48
C TYR B 97 -43.50 6.41 42.17
N ASN B 98 -44.33 5.72 41.38
CA ASN B 98 -45.66 6.23 41.07
C ASN B 98 -46.70 5.58 41.97
N GLY B 99 -46.26 4.88 43.02
CA GLY B 99 -47.15 4.27 43.97
C GLY B 99 -47.32 5.09 45.23
N ASP B 100 -47.92 4.46 46.24
CA ASP B 100 -48.31 5.15 47.45
C ASP B 100 -47.15 5.39 48.40
N ASN B 101 -46.10 4.58 48.36
CA ASN B 101 -45.02 4.72 49.33
C ASN B 101 -43.75 5.14 48.62
N ALA B 102 -43.89 6.11 47.73
CA ALA B 102 -42.76 6.56 46.94
C ALA B 102 -41.63 7.01 47.86
N LYS B 103 -41.95 7.77 48.90
CA LYS B 103 -40.88 8.27 49.76
C LYS B 103 -40.17 7.11 50.47
N GLU B 104 -40.93 6.18 51.03
CA GLU B 104 -40.32 5.04 51.71
C GLU B 104 -39.56 4.15 50.74
N PHE B 105 -40.10 3.96 49.53
CA PHE B 105 -39.40 3.18 48.52
C PHE B 105 -38.07 3.81 48.17
N GLY B 106 -38.08 5.11 47.86
CA GLY B 106 -36.83 5.80 47.60
C GLY B 106 -35.83 5.68 48.72
N GLU B 107 -36.31 5.79 49.97
CA GLU B 107 -35.41 5.76 51.12
C GLU B 107 -34.78 4.38 51.30
N GLN B 108 -35.59 3.32 51.19
CA GLN B 108 -35.02 1.99 51.36
C GLN B 108 -34.11 1.63 50.20
N LYS B 109 -34.45 2.03 48.97
CA LYS B 109 -33.55 1.73 47.86
C LYS B 109 -32.22 2.44 48.05
N TYR B 110 -32.25 3.70 48.51
CA TYR B 110 -31.01 4.42 48.83
C TYR B 110 -30.19 3.69 49.89
N GLN B 111 -30.86 3.21 50.95
CA GLN B 111 -30.15 2.54 52.03
C GLN B 111 -29.55 1.21 51.55
N GLU B 112 -30.35 0.43 50.78
CA GLU B 112 -29.83 -0.81 50.22
C GLU B 112 -28.61 -0.54 49.37
N SER B 113 -28.68 0.53 48.58
CA SER B 113 -27.63 0.86 47.64
C SER B 113 -26.33 1.21 48.36
N ILE B 114 -26.41 2.07 49.37
CA ILE B 114 -25.16 2.48 50.03
C ILE B 114 -24.60 1.33 50.86
N LYS B 115 -25.43 0.41 51.35
CA LYS B 115 -24.90 -0.77 52.03
C LYS B 115 -24.00 -1.59 51.09
N ASN B 116 -24.52 -1.85 49.89
CA ASN B 116 -23.73 -2.60 48.93
C ASN B 116 -22.51 -1.81 48.49
N PHE B 117 -22.68 -0.50 48.29
CA PHE B 117 -21.53 0.32 47.94
C PHE B 117 -20.46 0.27 49.02
N GLN B 118 -20.85 0.19 50.30
CA GLN B 118 -19.85 0.14 51.35
C GLN B 118 -19.05 -1.15 51.26
N GLN B 119 -19.73 -2.23 50.89
CA GLN B 119 -18.96 -3.44 50.59
C GLN B 119 -17.92 -3.16 49.52
N MET B 120 -18.33 -2.49 48.44
CA MET B 120 -17.35 -2.17 47.38
C MET B 120 -16.24 -1.27 47.92
N GLU B 121 -16.60 -0.31 48.76
CA GLU B 121 -15.69 0.69 49.29
C GLU B 121 -14.55 0.05 50.07
N LYS B 122 -14.86 -0.89 50.95
CA LYS B 122 -13.81 -1.59 51.68
C LYS B 122 -12.82 -2.26 50.74
N ARG B 123 -13.32 -2.93 49.69
CA ARG B 123 -12.42 -3.56 48.73
C ARG B 123 -11.56 -2.51 48.02
N PHE B 124 -12.16 -1.37 47.63
CA PHE B 124 -11.39 -0.35 46.91
C PHE B 124 -10.27 0.21 47.77
N LYS B 125 -10.56 0.44 49.06
CA LYS B 125 -9.56 0.92 50.01
C LYS B 125 -8.39 -0.05 50.19
N GLU B 126 -8.59 -1.34 49.89
CA GLU B 126 -7.53 -2.32 50.04
C GLU B 126 -6.59 -2.40 48.85
N LEU B 127 -6.91 -1.75 47.73
CA LEU B 127 -6.11 -1.92 46.52
C LEU B 127 -4.79 -1.17 46.65
N PRO B 128 -3.65 -1.84 46.42
CA PRO B 128 -2.36 -1.17 46.59
C PRO B 128 -2.01 -0.18 45.48
N HIS B 129 -2.41 -0.46 44.24
CA HIS B 129 -1.98 0.30 43.08
C HIS B 129 -3.13 0.55 42.09
N THR B 130 -4.26 1.08 42.59
CA THR B 130 -5.36 1.45 41.72
C THR B 130 -5.93 2.79 42.15
N ARG B 131 -5.87 3.79 41.28
CA ARG B 131 -6.54 5.06 41.51
C ARG B 131 -8.05 4.90 41.36
N ILE B 132 -8.79 5.31 42.38
CA ILE B 132 -10.25 5.14 42.43
C ILE B 132 -10.91 6.46 42.07
N VAL B 133 -11.86 6.41 41.14
CA VAL B 133 -12.58 7.59 40.67
C VAL B 133 -14.07 7.33 40.80
N MET B 134 -14.72 8.02 41.73
CA MET B 134 -16.18 7.97 41.82
C MET B 134 -16.77 8.80 40.69
N THR B 135 -17.64 8.20 39.88
CA THR B 135 -18.23 8.92 38.75
C THR B 135 -19.76 8.81 38.84
N GLY B 136 -20.41 9.93 39.14
CA GLY B 136 -21.85 9.94 39.31
C GLY B 136 -22.59 9.66 38.02
N THR B 137 -23.47 8.66 38.05
CA THR B 137 -24.12 8.18 36.85
C THR B 137 -24.87 9.31 36.14
N SER B 138 -25.04 9.14 34.81
CA SER B 138 -25.93 9.95 33.98
C SER B 138 -27.32 9.88 34.59
N PRO B 139 -28.19 10.85 34.35
CA PRO B 139 -29.44 10.94 35.12
C PRO B 139 -30.60 10.21 34.47
N TYR B 140 -31.62 9.98 35.29
CA TYR B 140 -32.95 9.63 34.79
C TYR B 140 -33.69 10.92 34.45
N ASP B 141 -34.06 11.08 33.19
CA ASP B 141 -34.63 12.34 32.69
C ASP B 141 -36.13 12.40 33.02
N GLU B 142 -36.48 13.15 34.06
CA GLU B 142 -37.88 13.24 34.45
C GLU B 142 -38.63 14.32 33.69
N THR B 143 -37.92 15.25 33.04
CA THR B 143 -38.50 16.45 32.48
C THR B 143 -38.79 16.38 30.98
N ALA B 144 -38.18 15.45 30.26
CA ALA B 144 -38.39 15.37 28.82
C ALA B 144 -39.86 15.03 28.53
N GLN B 145 -40.41 15.61 27.48
CA GLN B 145 -41.78 15.27 27.08
C GLN B 145 -41.73 14.15 26.05
N ILE B 146 -41.75 12.92 26.55
CA ILE B 146 -41.75 11.73 25.70
C ILE B 146 -43.12 11.08 25.83
N LYS B 147 -43.89 11.07 24.75
CA LYS B 147 -45.22 10.48 24.78
C LYS B 147 -45.13 8.96 24.83
N ASP B 148 -45.98 8.36 25.65
CA ASP B 148 -46.16 6.93 25.89
C ASP B 148 -45.05 6.34 26.76
N ASN B 149 -44.20 7.18 27.36
CA ASN B 149 -43.24 6.74 28.36
C ASN B 149 -43.54 7.50 29.64
N THR B 150 -43.99 6.78 30.67
CA THR B 150 -44.46 7.42 31.89
C THR B 150 -43.29 7.64 32.84
N VAL B 151 -43.28 8.80 33.48
CA VAL B 151 -42.15 9.19 34.32
C VAL B 151 -42.28 8.52 35.68
N PHE B 152 -41.20 7.89 36.14
CA PHE B 152 -41.13 7.46 37.54
C PHE B 152 -40.75 8.67 38.37
N LYS B 153 -41.75 9.25 39.01
CA LYS B 153 -41.61 10.60 39.58
C LYS B 153 -40.62 10.59 40.74
N LYS B 154 -39.68 11.54 40.70
CA LYS B 154 -38.67 11.77 41.73
C LYS B 154 -37.58 10.68 41.81
N LYS B 155 -37.47 9.81 40.80
CA LYS B 155 -36.44 8.75 40.81
C LYS B 155 -35.02 9.32 40.76
N ASN B 156 -34.81 10.37 39.97
CA ASN B 156 -33.48 10.96 39.88
C ASN B 156 -33.05 11.60 41.20
N GLU B 157 -33.98 11.92 42.10
CA GLU B 157 -33.56 12.44 43.40
C GLU B 157 -32.91 11.36 44.26
N THR B 158 -33.45 10.14 44.23
CA THR B 158 -32.79 9.03 44.89
C THR B 158 -31.41 8.77 44.27
N ILE B 159 -31.34 8.85 42.94
CA ILE B 159 -30.04 8.73 42.27
C ILE B 159 -29.07 9.81 42.77
N LYS B 160 -29.54 11.05 42.85
CA LYS B 160 -28.68 12.14 43.31
C LYS B 160 -28.19 11.90 44.74
N ARG B 161 -29.05 11.31 45.59
CA ARG B 161 -28.62 10.95 46.94
C ARG B 161 -27.48 9.94 46.92
N ILE B 162 -27.62 8.90 46.08
CA ILE B 162 -26.54 7.91 45.95
C ILE B 162 -25.25 8.58 45.49
N ILE B 163 -25.36 9.49 44.54
CA ILE B 163 -24.17 10.18 44.04
C ILE B 163 -23.56 11.05 45.13
N GLU B 164 -24.40 11.62 46.00
CA GLU B 164 -23.85 12.39 47.11
C GLU B 164 -23.06 11.49 48.05
N TYR B 165 -23.57 10.29 48.31
CA TYR B 165 -22.81 9.35 49.13
C TYR B 165 -21.48 9.00 48.45
N GLN B 166 -21.48 8.83 47.13
CA GLN B 166 -20.22 8.63 46.42
C GLN B 166 -19.27 9.81 46.66
N ARG B 167 -19.78 11.04 46.52
CA ARG B 167 -18.95 12.24 46.67
C ARG B 167 -18.30 12.28 48.04
N GLU B 168 -19.10 12.10 49.08
CA GLU B 168 -18.57 12.22 50.43
C GLU B 168 -17.66 11.05 50.77
N SER B 169 -17.93 9.86 50.25
CA SER B 169 -16.98 8.76 50.38
C SER B 169 -15.65 9.09 49.72
N ALA B 170 -15.69 9.69 48.53
CA ALA B 170 -14.45 10.02 47.82
C ALA B 170 -13.64 11.02 48.63
N ALA B 171 -14.31 12.01 49.22
CA ALA B 171 -13.62 12.96 50.07
C ALA B 171 -13.01 12.27 51.29
N ARG B 172 -13.76 11.36 51.92
CA ARG B 172 -13.24 10.69 53.10
C ARG B 172 -12.01 9.87 52.77
N ASN B 173 -12.01 9.18 51.62
CA ASN B 173 -11.00 8.19 51.29
C ASN B 173 -9.89 8.73 50.40
N GLY B 174 -9.95 10.01 50.02
CA GLY B 174 -8.88 10.56 49.21
C GLY B 174 -8.98 10.17 47.75
N TRP B 175 -10.18 9.92 47.26
CA TRP B 175 -10.44 9.57 45.88
C TRP B 175 -10.95 10.78 45.13
N GLU B 176 -10.81 10.75 43.81
CA GLU B 176 -11.35 11.80 42.96
C GLU B 176 -12.84 11.55 42.69
N PHE B 177 -13.52 12.62 42.30
CA PHE B 177 -14.96 12.55 42.04
C PHE B 177 -15.30 13.42 40.85
N THR B 178 -16.21 12.94 40.01
CA THR B 178 -16.84 13.76 38.99
C THR B 178 -18.27 13.26 38.81
N ASP B 179 -19.14 14.12 38.27
CA ASP B 179 -20.57 13.84 38.18
C ASP B 179 -21.07 14.11 36.77
N TRP B 180 -21.77 13.11 36.19
CA TRP B 180 -22.52 13.29 34.95
C TRP B 180 -23.94 13.73 35.21
N ASN B 181 -24.44 13.48 36.41
CA ASN B 181 -25.87 13.66 36.65
C ASN B 181 -26.25 15.13 36.56
N ALA B 182 -25.62 15.99 37.35
CA ALA B 182 -25.98 17.41 37.35
C ALA B 182 -25.79 18.09 36.01
N PRO B 183 -24.61 18.05 35.36
CA PRO B 183 -24.48 18.77 34.08
C PRO B 183 -25.43 18.25 33.02
N MET B 184 -25.72 16.96 33.04
CA MET B 184 -26.62 16.41 32.03
C MET B 184 -28.06 16.82 32.29
N VAL B 185 -28.47 16.87 33.56
CA VAL B 185 -29.79 17.42 33.88
C VAL B 185 -29.88 18.87 33.40
N ALA B 186 -28.83 19.65 33.63
CA ALA B 186 -28.85 21.05 33.23
C ALA B 186 -28.97 21.19 31.71
N ILE B 187 -28.22 20.39 30.95
CA ILE B 187 -28.34 20.43 29.49
C ILE B 187 -29.73 20.01 29.04
N ASN B 188 -30.29 18.98 29.70
CA ASN B 188 -31.66 18.55 29.39
C ASN B 188 -32.64 19.72 29.59
N GLN B 189 -32.52 20.42 30.70
CA GLN B 189 -33.41 21.55 30.95
C GLN B 189 -33.23 22.61 29.89
N GLU B 190 -31.98 22.97 29.59
CA GLU B 190 -31.74 24.09 28.72
C GLU B 190 -32.23 23.81 27.30
N LEU B 191 -32.01 22.61 26.79
CA LEU B 191 -32.46 22.37 25.43
C LEU B 191 -33.94 22.01 25.38
N GLN B 192 -34.52 21.57 26.50
CA GLN B 192 -35.93 21.28 26.54
C GLN B 192 -36.81 22.53 26.49
N GLN B 193 -36.25 23.70 26.79
CA GLN B 193 -37.02 24.94 26.66
C GLN B 193 -37.55 25.12 25.24
N LYS B 194 -36.66 25.00 24.25
CA LYS B 194 -37.04 25.21 22.86
C LYS B 194 -37.55 23.94 22.19
N ASP B 195 -37.21 22.76 22.69
CA ASP B 195 -37.72 21.49 22.17
C ASP B 195 -38.03 20.63 23.38
N PRO B 196 -39.31 20.50 23.77
CA PRO B 196 -39.65 19.78 25.00
C PRO B 196 -39.34 18.29 24.94
N SER B 197 -39.26 17.69 23.76
CA SER B 197 -39.01 16.27 23.64
C SER B 197 -37.52 15.92 23.62
N PHE B 198 -36.65 16.92 23.65
CA PHE B 198 -35.21 16.65 23.65
C PHE B 198 -34.78 15.94 24.94
N THR B 199 -33.80 15.06 24.79
CA THR B 199 -33.18 14.42 25.95
C THR B 199 -31.82 13.85 25.58
N LEU B 200 -30.89 13.94 26.54
CA LEU B 200 -29.63 13.22 26.47
C LEU B 200 -29.77 11.74 26.83
N CYS B 201 -30.89 11.33 27.42
CA CYS B 201 -31.05 10.01 28.01
C CYS B 201 -31.92 9.07 27.19
N GLY B 202 -31.85 9.16 25.85
CA GLY B 202 -32.42 8.13 25.01
C GLY B 202 -33.94 8.13 24.93
N ASN B 203 -34.44 7.04 24.31
CA ASN B 203 -35.87 6.85 24.09
C ASN B 203 -36.63 6.53 25.36
N ASP B 204 -35.95 6.11 26.44
CA ASP B 204 -36.62 5.57 27.62
C ASP B 204 -36.29 6.31 28.91
N ARG B 205 -35.67 7.49 28.81
CA ARG B 205 -35.26 8.32 29.94
C ARG B 205 -34.11 7.72 30.73
N ILE B 206 -33.64 6.54 30.37
CA ILE B 206 -32.66 5.78 31.15
C ILE B 206 -31.36 5.60 30.38
N HIS B 207 -31.44 5.11 29.14
CA HIS B 207 -30.27 4.70 28.39
C HIS B 207 -29.91 5.76 27.36
N PRO B 208 -28.83 6.51 27.56
CA PRO B 208 -28.45 7.53 26.57
C PRO B 208 -28.12 6.92 25.23
N ASP B 209 -28.45 7.65 24.18
CA ASP B 209 -28.08 7.31 22.81
C ASP B 209 -26.64 7.75 22.56
N ASN B 210 -26.17 7.63 21.31
CA ASN B 210 -24.78 7.93 20.99
C ASN B 210 -24.42 9.36 21.36
N ASP B 211 -25.35 10.30 21.15
CA ASP B 211 -25.08 11.68 21.52
C ASP B 211 -24.87 11.81 23.01
N GLY B 212 -25.73 11.18 23.81
CA GLY B 212 -25.55 11.23 25.25
C GLY B 212 -24.23 10.64 25.69
N HIS B 213 -23.82 9.52 25.09
CA HIS B 213 -22.54 8.98 25.47
C HIS B 213 -21.39 9.90 25.06
N MET B 214 -21.53 10.62 23.95
CA MET B 214 -20.46 11.54 23.56
C MET B 214 -20.45 12.76 24.49
N VAL B 215 -21.62 13.21 24.95
CA VAL B 215 -21.65 14.24 25.98
C VAL B 215 -21.00 13.72 27.25
N MET B 216 -21.25 12.46 27.61
CA MET B 216 -20.62 11.88 28.79
C MET B 216 -19.11 11.85 28.65
N ALA B 217 -18.63 11.47 27.46
CA ALA B 217 -17.19 11.49 27.19
C ALA B 217 -16.65 12.91 27.33
N TYR B 218 -17.36 13.89 26.75
CA TYR B 218 -16.97 15.29 26.88
C TYR B 218 -16.87 15.70 28.34
N LEU B 219 -17.88 15.36 29.14
CA LEU B 219 -17.85 15.78 30.55
C LEU B 219 -16.70 15.12 31.29
N PHE B 220 -16.44 13.85 31.01
CA PHE B 220 -15.33 13.20 31.69
C PHE B 220 -14.00 13.78 31.23
N LEU B 221 -13.88 14.12 29.95
CA LEU B 221 -12.65 14.75 29.46
C LEU B 221 -12.47 16.14 30.05
N LYS B 222 -13.58 16.84 30.28
CA LYS B 222 -13.54 18.15 30.92
C LYS B 222 -13.10 18.01 32.38
N ALA B 223 -13.58 16.96 33.06
CA ALA B 223 -13.13 16.68 34.41
C ALA B 223 -11.66 16.32 34.47
N GLN B 224 -11.08 15.85 33.36
CA GLN B 224 -9.64 15.59 33.33
C GLN B 224 -8.84 16.81 32.86
N GLY B 225 -9.49 17.96 32.71
CA GLY B 225 -8.79 19.18 32.42
C GLY B 225 -8.50 19.44 30.96
N PHE B 226 -9.26 18.84 30.05
CA PHE B 226 -9.06 18.97 28.62
C PHE B 226 -9.91 20.05 27.97
N ALA B 227 -10.81 20.70 28.70
CA ALA B 227 -11.57 21.78 28.11
C ALA B 227 -10.61 22.95 27.84
N GLY B 228 -10.60 23.43 26.61
CA GLY B 228 -9.72 24.51 26.25
C GLY B 228 -8.40 24.09 25.64
N LYS B 229 -8.10 22.79 25.61
CA LYS B 229 -6.88 22.32 25.00
C LYS B 229 -7.15 21.95 23.54
N ASP B 230 -6.39 22.54 22.64
CA ASP B 230 -6.69 22.54 21.22
C ASP B 230 -6.05 21.35 20.53
N VAL B 231 -6.66 20.94 19.41
CA VAL B 231 -5.92 20.04 18.53
C VAL B 231 -4.63 20.73 18.08
N ALA B 232 -4.77 21.94 17.53
CA ALA B 232 -3.65 22.80 17.18
C ALA B 232 -4.17 24.23 16.96
N ASN B 233 -3.28 25.21 17.11
CA ASN B 233 -3.65 26.61 16.97
C ASN B 233 -2.51 27.28 16.21
N MET B 234 -2.72 27.56 14.93
CA MET B 234 -1.69 28.19 14.12
C MET B 234 -2.17 29.53 13.59
N GLU B 235 -1.25 30.49 13.57
CA GLU B 235 -1.50 31.79 12.99
C GLU B 235 -0.31 32.15 12.11
N ILE B 236 -0.59 32.36 10.83
CA ILE B 236 0.44 32.70 9.85
C ILE B 236 0.15 34.11 9.36
N ASN B 237 1.13 34.98 9.44
CA ASN B 237 1.05 36.27 8.78
C ASN B 237 1.65 36.09 7.39
N ALA B 238 0.87 36.37 6.36
CA ALA B 238 1.32 36.07 5.00
C ALA B 238 2.56 36.86 4.64
N ASN B 239 2.71 38.05 5.20
CA ASN B 239 3.85 38.91 4.97
C ASN B 239 5.07 38.58 5.84
N LYS B 240 5.12 37.42 6.51
CA LYS B 240 6.26 37.11 7.38
C LYS B 240 6.74 35.68 7.15
N LYS B 241 8.05 35.47 7.24
CA LYS B 241 8.63 34.16 6.98
C LYS B 241 8.48 33.18 8.13
N GLN B 242 7.99 33.59 9.30
CA GLN B 242 7.73 32.64 10.37
C GLN B 242 6.31 32.83 10.91
N ALA B 243 5.87 31.82 11.64
CA ALA B 243 4.50 31.76 12.13
C ALA B 243 4.31 32.62 13.37
N VAL B 244 3.20 33.34 13.42
CA VAL B 244 2.88 34.10 14.62
C VAL B 244 2.54 33.14 15.74
N LYS B 245 1.87 32.04 15.42
CA LYS B 245 1.51 31.03 16.41
C LYS B 245 1.67 29.63 15.84
N ALA B 246 2.25 28.73 16.63
CA ALA B 246 2.39 27.32 16.26
C ALA B 246 2.17 26.51 17.54
N GLU B 247 0.96 26.59 18.06
CA GLU B 247 0.62 25.94 19.32
C GLU B 247 0.18 24.52 19.02
N GLY B 248 0.84 23.56 19.67
CA GLY B 248 0.56 22.16 19.44
C GLY B 248 0.98 21.67 18.08
N CYS B 249 1.91 22.37 17.42
CA CYS B 249 2.37 21.95 16.11
C CYS B 249 3.69 22.62 15.77
N THR B 250 4.24 22.20 14.64
CA THR B 250 5.42 22.82 14.05
C THR B 250 5.02 23.37 12.70
N ILE B 251 5.21 24.67 12.51
CA ILE B 251 5.04 25.33 11.22
C ILE B 251 6.41 25.61 10.64
N SER B 252 6.60 25.27 9.36
CA SER B 252 7.91 25.50 8.77
C SER B 252 7.77 25.69 7.27
N ASN B 253 8.88 26.08 6.64
CA ASN B 253 8.98 26.32 5.20
C ASN B 253 7.82 27.17 4.67
N ILE B 254 7.51 28.25 5.38
CA ILE B 254 6.52 29.20 4.89
C ILE B 254 7.03 29.87 3.62
N LYS B 255 6.23 29.80 2.56
CA LYS B 255 6.62 30.40 1.28
C LYS B 255 5.44 31.15 0.67
N LYS B 256 5.79 32.20 -0.06
CA LYS B 256 4.84 32.99 -0.84
C LYS B 256 5.28 32.85 -2.29
N ILE B 257 4.43 32.26 -3.12
CA ILE B 257 4.73 32.01 -4.52
C ILE B 257 3.54 32.51 -5.31
N GLY B 258 3.76 33.57 -6.09
CA GLY B 258 2.65 34.31 -6.66
C GLY B 258 1.89 34.90 -5.50
N LYS B 259 0.57 34.70 -5.50
CA LYS B 259 -0.21 35.07 -4.33
C LYS B 259 -0.72 33.84 -3.61
N ASP B 260 -0.10 32.70 -3.88
CA ASP B 260 -0.32 31.50 -3.10
C ASP B 260 0.61 31.51 -1.90
N ILE B 261 0.15 30.92 -0.82
CA ILE B 261 0.95 30.79 0.38
C ILE B 261 0.93 29.32 0.78
N SER B 262 2.07 28.83 1.25
CA SER B 262 2.18 27.40 1.54
C SER B 262 3.12 27.20 2.72
N PHE B 263 2.88 26.13 3.47
CA PHE B 263 3.81 25.81 4.55
C PHE B 263 3.66 24.34 4.91
N ASP B 264 4.57 23.86 5.76
CA ASP B 264 4.59 22.50 6.28
C ASP B 264 4.06 22.54 7.71
N TYR B 265 3.10 21.67 7.99
CA TYR B 265 2.38 21.58 9.25
C TYR B 265 2.57 20.19 9.85
N LEU B 266 3.20 20.11 11.02
CA LEU B 266 3.34 18.84 11.74
C LEU B 266 2.63 18.98 13.09
N ALA B 267 1.45 18.38 13.19
CA ALA B 267 0.68 18.45 14.43
C ALA B 267 1.18 17.42 15.42
N GLU B 268 0.99 17.71 16.71
CA GLU B 268 1.23 16.70 17.73
C GLU B 268 0.03 15.77 17.88
N ALA B 269 -1.14 16.20 17.43
CA ALA B 269 -2.36 15.46 17.64
C ALA B 269 -3.17 15.46 16.36
N LEU B 270 -4.06 14.48 16.26
CA LEU B 270 -5.02 14.42 15.19
C LEU B 270 -6.33 15.05 15.62
N PRO B 271 -7.15 15.51 14.67
CA PRO B 271 -8.49 15.96 15.06
C PRO B 271 -9.29 14.80 15.63
N TYR B 272 -10.29 15.13 16.45
CA TYR B 272 -11.17 14.11 17.00
C TYR B 272 -12.24 13.72 15.98
N PRO B 273 -12.33 12.44 15.61
CA PRO B 273 -13.32 12.02 14.62
C PRO B 273 -14.65 11.73 15.28
N LEU B 274 -15.73 12.14 14.60
CA LEU B 274 -17.09 12.00 15.11
C LEU B 274 -17.90 11.14 14.14
N ASP B 275 -18.47 10.06 14.66
CA ASP B 275 -19.31 9.16 13.89
C ASP B 275 -20.66 9.81 13.62
N THR B 276 -21.05 9.83 12.34
CA THR B 276 -22.32 10.42 11.91
C THR B 276 -23.44 9.40 11.75
N ILE B 277 -23.19 8.12 12.01
CA ILE B 277 -24.21 7.10 11.86
C ILE B 277 -24.86 6.90 13.22
N ALA B 278 -26.20 6.83 13.24
CA ALA B 278 -26.95 6.50 14.45
C ALA B 278 -26.85 4.99 14.66
N ARG B 279 -25.78 4.56 15.32
CA ARG B 279 -25.47 3.14 15.46
C ARG B 279 -26.23 2.51 16.61
N GLY B 280 -26.78 1.33 16.36
CA GLY B 280 -27.44 0.62 17.44
C GLY B 280 -28.91 0.47 17.18
N TRP B 281 -29.48 -0.57 17.76
CA TRP B 281 -30.89 -0.81 17.70
C TRP B 281 -31.67 0.33 18.34
N GLY B 282 -32.56 0.95 17.57
CA GLY B 282 -33.36 2.03 18.09
C GLY B 282 -32.67 3.36 18.17
N SER B 283 -31.44 3.47 17.68
CA SER B 283 -30.69 4.71 17.75
C SER B 283 -31.33 5.78 16.86
N LYS B 284 -31.30 7.02 17.33
CA LYS B 284 -31.82 8.14 16.54
C LYS B 284 -30.80 9.24 16.34
N LYS B 285 -29.76 9.31 17.17
CA LYS B 285 -28.75 10.35 17.10
C LYS B 285 -27.36 9.73 17.13
N SER B 286 -26.46 10.38 16.41
CA SER B 286 -25.09 9.89 16.24
C SER B 286 -24.18 10.55 17.28
N GLN B 287 -22.96 10.02 17.37
CA GLN B 287 -21.91 10.67 18.14
C GLN B 287 -21.77 12.14 17.77
N ALA B 288 -21.80 12.43 16.46
CA ALA B 288 -21.55 13.78 15.97
C ALA B 288 -22.59 14.78 16.48
N GLU B 289 -23.80 14.31 16.81
CA GLU B 289 -24.84 15.17 17.33
C GLU B 289 -24.38 15.91 18.59
N VAL B 290 -23.28 15.46 19.20
CA VAL B 290 -22.74 16.15 20.38
C VAL B 290 -22.47 17.62 20.08
N ILE B 291 -22.11 17.97 18.84
CA ILE B 291 -21.75 19.36 18.57
C ILE B 291 -22.93 20.28 18.79
N LYS B 292 -24.16 19.76 18.71
CA LYS B 292 -25.35 20.58 18.85
C LYS B 292 -25.87 20.63 20.28
N GLU B 293 -25.12 20.05 21.23
CA GLU B 293 -25.57 19.94 22.60
C GLU B 293 -24.63 20.58 23.61
N VAL B 294 -23.33 20.57 23.35
CA VAL B 294 -22.32 21.18 24.22
C VAL B 294 -21.24 21.81 23.34
N PRO B 295 -20.46 22.75 23.89
CA PRO B 295 -19.42 23.37 23.06
C PRO B 295 -18.25 22.43 22.80
N PHE B 296 -18.53 21.25 22.23
CA PHE B 296 -17.46 20.27 22.06
C PHE B 296 -16.43 20.71 21.03
N MET B 297 -16.90 21.20 19.87
CA MET B 297 -15.93 21.65 18.87
C MET B 297 -15.05 22.75 19.41
N GLU B 298 -15.65 23.73 20.09
CA GLU B 298 -14.91 24.90 20.58
C GLU B 298 -13.95 24.54 21.70
N GLU B 299 -14.37 23.65 22.59
CA GLU B 299 -13.56 23.36 23.77
C GLU B 299 -12.56 22.24 23.54
N MET B 300 -12.82 21.31 22.63
CA MET B 300 -11.92 20.17 22.53
C MET B 300 -11.59 19.74 21.12
N ASN B 301 -12.20 20.31 20.08
CA ASN B 301 -11.94 19.85 18.71
C ASN B 301 -11.72 21.03 17.78
N THR B 302 -10.80 21.91 18.15
CA THR B 302 -10.43 23.06 17.33
C THR B 302 -9.01 22.86 16.84
N GLU B 303 -8.87 22.68 15.53
CA GLU B 303 -7.57 22.67 14.83
C GLU B 303 -7.56 23.92 13.97
N LEU B 304 -7.17 25.04 14.56
CA LEU B 304 -7.45 26.35 13.98
C LEU B 304 -6.35 26.77 13.03
N LEU B 305 -6.74 27.10 11.80
CA LEU B 305 -5.83 27.68 10.83
C LEU B 305 -6.24 29.14 10.62
N LYS B 306 -5.36 30.06 11.00
CA LYS B 306 -5.56 31.49 10.83
C LYS B 306 -4.45 32.06 9.97
N VAL B 307 -4.83 32.75 8.90
CA VAL B 307 -3.87 33.38 8.01
C VAL B 307 -4.27 34.85 7.93
N THR B 308 -3.52 35.69 8.65
CA THR B 308 -3.71 37.14 8.68
C THR B 308 -2.68 37.71 7.74
N GLY B 309 -3.06 37.89 6.51
CA GLY B 309 -2.15 38.39 5.52
C GLY B 309 -3.02 38.88 4.45
N LEU B 310 -2.46 38.94 3.25
CA LEU B 310 -3.22 39.44 2.12
C LEU B 310 -4.55 38.67 1.99
N LYS B 311 -5.50 39.32 1.32
CA LYS B 311 -6.89 38.89 1.36
C LYS B 311 -7.44 38.71 -0.06
N GLY B 312 -8.74 38.41 -0.16
CA GLY B 312 -9.37 37.91 -1.37
C GLY B 312 -10.01 36.53 -1.15
N GLN B 313 -10.23 35.76 -2.21
CA GLN B 313 -10.83 34.43 -2.09
C GLN B 313 -9.79 33.34 -2.37
N TYR B 314 -9.73 32.32 -1.49
CA TYR B 314 -8.71 31.28 -1.59
C TYR B 314 -9.28 29.87 -1.55
N LYS B 315 -8.54 28.97 -2.17
CA LYS B 315 -8.80 27.54 -2.17
C LYS B 315 -7.80 26.91 -1.22
N LEU B 316 -8.29 26.18 -0.22
CA LEU B 316 -7.42 25.50 0.72
C LEU B 316 -7.14 24.10 0.20
N LEU B 317 -5.86 23.75 0.09
CA LEU B 317 -5.47 22.39 -0.22
C LEU B 317 -4.50 21.89 0.83
N ILE B 318 -4.66 20.62 1.23
CA ILE B 318 -3.75 19.96 2.16
C ILE B 318 -3.30 18.68 1.48
N ASP B 319 -1.98 18.50 1.34
CA ASP B 319 -1.42 17.37 0.59
C ASP B 319 -2.03 17.27 -0.81
N ASP B 320 -2.34 18.42 -1.41
CA ASP B 320 -2.91 18.53 -2.77
C ASP B 320 -4.35 18.07 -2.85
N GLN B 321 -5.06 18.00 -1.74
CA GLN B 321 -6.48 17.70 -1.75
C GLN B 321 -7.26 18.96 -1.41
N GLU B 322 -8.18 19.34 -2.29
CA GLU B 322 -8.99 20.52 -2.10
C GLU B 322 -9.91 20.31 -0.90
N ILE B 323 -9.89 21.26 0.04
CA ILE B 323 -10.72 21.18 1.23
C ILE B 323 -11.96 22.05 1.11
N GLY B 324 -11.78 23.26 0.61
CA GLY B 324 -12.88 24.20 0.45
C GLY B 324 -12.34 25.54 0.02
N THR B 325 -13.24 26.52 -0.05
CA THR B 325 -12.90 27.87 -0.45
C THR B 325 -13.38 28.85 0.60
N TRP B 326 -12.52 29.80 0.98
CA TRP B 326 -12.86 30.78 1.99
C TRP B 326 -12.44 32.17 1.55
N ASP B 327 -13.19 33.16 2.03
CA ASP B 327 -12.77 34.53 1.93
C ASP B 327 -11.70 34.78 2.97
N ALA B 328 -10.72 35.62 2.61
CA ALA B 328 -9.65 35.81 3.57
C ALA B 328 -10.11 36.50 4.83
N ALA B 329 -11.32 37.06 4.86
CA ALA B 329 -11.86 37.48 6.15
C ALA B 329 -12.02 36.29 7.08
N ASP B 330 -12.58 35.19 6.57
CA ASP B 330 -12.65 33.96 7.36
C ASP B 330 -11.27 33.44 7.73
N LEU B 331 -10.33 33.46 6.78
CA LEU B 331 -8.98 33.00 7.10
C LEU B 331 -8.34 33.83 8.20
N ALA B 332 -8.57 35.15 8.17
CA ALA B 332 -8.02 36.01 9.22
C ALA B 332 -8.74 35.82 10.54
N LYS B 333 -10.01 35.45 10.49
CA LYS B 333 -10.68 35.10 11.72
C LYS B 333 -10.29 33.70 12.18
N GLY B 334 -9.93 32.81 11.25
CA GLY B 334 -9.54 31.47 11.62
C GLY B 334 -10.57 30.45 11.19
N ILE B 335 -10.15 29.34 10.58
CA ILE B 335 -11.07 28.26 10.25
C ILE B 335 -10.67 27.00 11.00
N ASN B 336 -11.68 26.21 11.39
CA ASN B 336 -11.46 25.00 12.18
C ASN B 336 -11.23 23.81 11.25
N LEU B 337 -9.99 23.37 11.12
CA LEU B 337 -9.75 22.21 10.27
C LEU B 337 -10.40 20.94 10.83
N ALA B 338 -10.60 20.87 12.15
CA ALA B 338 -11.25 19.69 12.72
C ALA B 338 -12.71 19.57 12.32
N ALA B 339 -13.29 20.61 11.74
CA ALA B 339 -14.65 20.52 11.19
C ALA B 339 -14.66 20.21 9.70
N GLU B 340 -13.51 20.02 9.08
CA GLU B 340 -13.41 19.77 7.64
C GLU B 340 -13.04 18.30 7.45
N SER B 341 -14.04 17.47 7.18
CA SER B 341 -13.81 16.04 7.09
C SER B 341 -12.94 15.64 5.91
N LYS B 342 -12.70 16.54 4.96
CA LYS B 342 -11.88 16.26 3.78
C LYS B 342 -10.38 16.38 4.02
N THR B 343 -9.93 16.84 5.19
CA THR B 343 -8.49 16.92 5.41
C THR B 343 -7.90 15.50 5.48
N PRO B 344 -6.65 15.33 5.07
CA PRO B 344 -6.02 14.02 5.23
C PRO B 344 -5.93 13.58 6.67
N GLN B 345 -5.61 14.50 7.58
CA GLN B 345 -5.52 14.13 8.98
C GLN B 345 -6.88 13.73 9.55
N TYR B 346 -7.97 14.31 9.03
CA TYR B 346 -9.29 13.86 9.48
C TYR B 346 -9.63 12.48 8.92
N GLN B 347 -9.25 12.21 7.68
CA GLN B 347 -9.43 10.86 7.15
C GLN B 347 -8.62 9.86 7.96
N GLN B 348 -7.43 10.25 8.40
CA GLN B 348 -6.62 9.41 9.27
C GLN B 348 -7.33 9.16 10.60
N ALA B 349 -7.88 10.22 11.20
CA ALA B 349 -8.62 10.05 12.44
C ALA B 349 -9.83 9.15 12.25
N LEU B 350 -10.52 9.29 11.12
CA LEU B 350 -11.69 8.46 10.86
C LEU B 350 -11.32 6.98 10.73
N THR B 351 -10.17 6.69 10.08
CA THR B 351 -9.65 5.34 10.07
C THR B 351 -9.55 4.79 11.50
N ILE B 352 -8.93 5.59 12.39
CA ILE B 352 -8.81 5.17 13.80
C ILE B 352 -10.18 4.98 14.44
N MET B 353 -11.13 5.86 14.13
CA MET B 353 -12.46 5.80 14.74
C MET B 353 -13.16 4.49 14.39
N HIS B 354 -13.10 4.10 13.13
CA HIS B 354 -13.76 2.86 12.69
C HIS B 354 -13.08 1.63 13.29
N LEU B 355 -11.74 1.61 13.33
CA LEU B 355 -11.06 0.51 14.03
C LEU B 355 -11.52 0.40 15.49
N ASN B 356 -11.64 1.56 16.16
CA ASN B 356 -12.04 1.59 17.55
C ASN B 356 -13.46 1.09 17.73
N GLU B 357 -14.32 1.37 16.75
CA GLU B 357 -15.69 0.87 16.80
C GLU B 357 -15.75 -0.66 16.63
N TYR B 358 -14.96 -1.21 15.69
CA TYR B 358 -14.87 -2.67 15.58
C TYR B 358 -14.42 -3.28 16.91
N ARG B 359 -13.40 -2.67 17.52
CA ARG B 359 -12.89 -3.13 18.80
C ARG B 359 -13.99 -3.11 19.86
N TRP B 360 -14.76 -2.03 19.90
CA TRP B 360 -15.84 -1.92 20.87
C TRP B 360 -16.86 -3.04 20.70
N GLU B 361 -17.18 -3.42 19.45
CA GLU B 361 -18.13 -4.52 19.24
C GLU B 361 -17.59 -5.86 19.75
N LEU B 362 -16.31 -6.15 19.46
CA LEU B 362 -15.72 -7.36 20.01
C LEU B 362 -15.77 -7.34 21.55
N GLU B 363 -15.41 -6.20 22.15
CA GLU B 363 -15.43 -6.13 23.61
C GLU B 363 -16.84 -6.37 24.12
N ARG B 364 -17.86 -5.91 23.38
CA ARG B 364 -19.24 -6.16 23.77
C ARG B 364 -19.53 -7.65 23.81
N THR B 365 -18.97 -8.44 22.88
CA THR B 365 -19.18 -9.89 23.00
C THR B 365 -18.59 -10.42 24.30
N PHE B 366 -17.46 -9.85 24.73
CA PHE B 366 -16.96 -10.24 26.06
C PHE B 366 -17.88 -9.80 27.19
N ARG B 367 -18.58 -8.68 27.04
CA ARG B 367 -19.50 -8.27 28.09
C ARG B 367 -20.70 -9.20 28.18
N GLU B 368 -21.16 -9.70 27.04
CA GLU B 368 -22.25 -10.66 27.04
C GLU B 368 -21.82 -11.97 27.71
N TYR B 369 -20.61 -12.41 27.43
CA TYR B 369 -20.11 -13.59 28.13
C TYR B 369 -20.05 -13.32 29.64
N ALA B 370 -19.60 -12.12 30.03
CA ALA B 370 -19.56 -11.76 31.45
C ALA B 370 -20.95 -11.78 32.09
N TRP B 371 -21.97 -11.31 31.37
CA TRP B 371 -23.30 -11.44 31.94
C TRP B 371 -23.65 -12.91 32.13
N CYS B 372 -23.35 -13.76 31.15
CA CYS B 372 -23.65 -15.18 31.34
C CYS B 372 -23.01 -15.70 32.62
N GLN B 373 -21.81 -15.24 32.91
CA GLN B 373 -21.07 -15.78 34.04
C GLN B 373 -21.58 -15.26 35.38
N PHE B 374 -21.68 -13.94 35.53
CA PHE B 374 -22.02 -13.33 36.81
C PHE B 374 -23.51 -13.08 37.00
N GLY B 375 -24.28 -12.93 35.93
CA GLY B 375 -25.72 -12.78 36.01
C GLY B 375 -26.49 -14.07 36.00
N PHE B 376 -25.86 -15.19 35.69
CA PHE B 376 -26.55 -16.46 35.72
C PHE B 376 -25.75 -17.56 36.43
N PHE B 377 -24.55 -17.86 35.93
CA PHE B 377 -23.84 -19.05 36.41
C PHE B 377 -23.34 -18.90 37.84
N GLN B 378 -23.00 -17.67 38.26
CA GLN B 378 -22.46 -17.47 39.60
C GLN B 378 -23.44 -17.93 40.67
N GLN B 379 -24.71 -17.59 40.50
CA GLN B 379 -25.71 -17.98 41.49
C GLN B 379 -25.96 -19.48 41.49
N LYS B 380 -25.55 -20.19 40.43
CA LYS B 380 -25.71 -21.63 40.31
C LYS B 380 -24.44 -22.39 40.69
N GLY B 381 -23.50 -21.72 41.36
CA GLY B 381 -22.24 -22.38 41.70
C GLY B 381 -21.41 -22.79 40.51
N LEU B 382 -21.55 -22.08 39.38
CA LEU B 382 -20.91 -22.49 38.14
C LEU B 382 -20.13 -21.35 37.50
N LEU B 383 -19.69 -20.39 38.31
CA LEU B 383 -18.87 -19.29 37.82
C LEU B 383 -17.60 -19.82 37.16
N PHE B 384 -17.44 -19.51 35.87
CA PHE B 384 -16.27 -19.89 35.09
C PHE B 384 -16.10 -21.41 34.98
N ALA B 385 -17.17 -22.18 35.24
CA ALA B 385 -17.09 -23.63 35.06
C ALA B 385 -16.80 -23.99 33.61
N ASN B 386 -17.57 -23.42 32.68
CA ASN B 386 -17.35 -23.58 31.24
C ASN B 386 -17.20 -25.05 30.85
N ASP B 387 -18.10 -25.89 31.36
CA ASP B 387 -18.00 -27.33 31.17
C ASP B 387 -19.39 -27.90 30.88
N ARG B 388 -19.47 -29.23 30.95
CA ARG B 388 -20.68 -29.96 30.57
C ARG B 388 -21.84 -29.62 31.51
N LYS B 389 -21.54 -29.46 32.81
CA LYS B 389 -22.58 -29.09 33.76
C LYS B 389 -23.11 -27.68 33.50
N ALA B 390 -22.23 -26.75 33.10
CA ALA B 390 -22.66 -25.40 32.73
C ALA B 390 -23.62 -25.43 31.55
N ILE B 391 -23.25 -26.15 30.49
CA ILE B 391 -24.14 -26.28 29.33
C ILE B 391 -25.47 -26.85 29.77
N GLU B 392 -25.42 -27.88 30.63
CA GLU B 392 -26.65 -28.54 31.04
C GLU B 392 -27.55 -27.59 31.81
N VAL B 393 -27.00 -26.88 32.79
CA VAL B 393 -27.82 -26.02 33.62
C VAL B 393 -28.38 -24.86 32.79
N MET B 394 -27.55 -24.30 31.90
CA MET B 394 -28.07 -23.26 31.03
C MET B 394 -29.22 -23.77 30.19
N ASP B 395 -29.08 -24.98 29.63
CA ASP B 395 -30.18 -25.56 28.85
C ASP B 395 -31.42 -25.75 29.70
N GLU B 396 -31.25 -26.20 30.95
CA GLU B 396 -32.40 -26.36 31.84
C GLU B 396 -33.07 -25.04 32.14
N ASN B 397 -32.37 -23.93 32.02
CA ASN B 397 -32.95 -22.66 32.44
C ASN B 397 -33.36 -21.74 31.31
N VAL B 398 -33.00 -22.04 30.05
CA VAL B 398 -33.22 -21.06 28.98
C VAL B 398 -34.70 -20.84 28.69
N GLU B 399 -35.55 -21.85 28.94
CA GLU B 399 -36.95 -21.68 28.60
C GLU B 399 -37.70 -20.76 29.55
N LYS B 400 -37.15 -20.50 30.74
CA LYS B 400 -37.78 -19.58 31.69
C LYS B 400 -36.91 -18.36 31.96
N ASN B 401 -35.99 -18.05 31.06
CA ASN B 401 -35.04 -16.94 31.21
C ASN B 401 -34.75 -16.43 29.80
N MET B 402 -35.61 -15.52 29.32
CA MET B 402 -35.50 -15.08 27.93
C MET B 402 -34.12 -14.51 27.62
N TRP B 403 -33.53 -13.78 28.56
CA TRP B 403 -32.23 -13.18 28.30
C TRP B 403 -31.16 -14.25 28.15
N LEU B 404 -31.24 -15.29 28.98
CA LEU B 404 -30.27 -16.38 28.88
C LEU B 404 -30.44 -17.11 27.56
N LYS B 405 -31.68 -17.26 27.09
CA LYS B 405 -31.88 -17.91 25.82
C LYS B 405 -31.30 -17.08 24.69
N GLY B 406 -31.42 -15.75 24.80
CA GLY B 406 -30.82 -14.87 23.81
C GLY B 406 -29.32 -14.93 23.81
N ARG B 407 -28.70 -15.35 24.90
CA ARG B 407 -27.25 -15.43 24.95
C ARG B 407 -26.70 -16.86 24.81
N ARG B 408 -27.54 -17.88 24.62
CA ARG B 408 -27.03 -19.25 24.65
C ARG B 408 -26.03 -19.54 23.52
N ASP B 409 -26.33 -19.11 22.29
CA ASP B 409 -25.41 -19.36 21.18
C ASP B 409 -24.05 -18.70 21.43
N LEU B 410 -24.07 -17.43 21.85
CA LEU B 410 -22.84 -16.75 22.20
C LEU B 410 -22.08 -17.51 23.28
N TYR B 411 -22.78 -18.03 24.30
CA TYR B 411 -22.06 -18.73 25.35
C TYR B 411 -21.46 -20.02 24.82
N SER B 412 -22.16 -20.70 23.91
CA SER B 412 -21.63 -21.95 23.38
C SER B 412 -20.35 -21.72 22.60
N LYS B 413 -20.18 -20.52 22.03
CA LYS B 413 -18.86 -20.22 21.44
C LYS B 413 -17.85 -19.75 22.49
N MET B 414 -18.22 -18.77 23.31
CA MET B 414 -17.28 -18.12 24.22
C MET B 414 -16.94 -18.96 25.44
N MET B 415 -17.64 -20.07 25.68
CA MET B 415 -17.25 -20.91 26.83
C MET B 415 -15.88 -21.54 26.64
N PHE B 416 -15.39 -21.62 25.41
CA PHE B 416 -14.08 -22.20 25.11
C PHE B 416 -12.96 -21.19 25.33
N LYS B 417 -11.96 -21.58 26.12
CA LYS B 417 -10.80 -20.72 26.37
C LYS B 417 -10.11 -20.31 25.08
N GLU B 418 -9.99 -21.23 24.12
CA GLU B 418 -9.29 -20.90 22.89
C GLU B 418 -10.04 -19.85 22.07
N ILE B 419 -11.37 -19.85 22.14
CA ILE B 419 -12.13 -18.84 21.44
C ILE B 419 -11.99 -17.48 22.12
N ARG B 420 -12.05 -17.44 23.46
CA ARG B 420 -11.80 -16.17 24.14
C ARG B 420 -10.40 -15.66 23.83
N ASP B 421 -9.40 -16.55 23.80
CA ASP B 421 -8.04 -16.15 23.46
C ASP B 421 -7.98 -15.54 22.08
N ALA B 422 -8.56 -16.21 21.07
CA ALA B 422 -8.51 -15.69 19.71
C ALA B 422 -9.23 -14.34 19.61
N ARG B 423 -10.36 -14.18 20.28
CA ARG B 423 -11.12 -12.93 20.15
C ARG B 423 -10.41 -11.78 20.85
N GLU B 424 -9.75 -12.05 21.98
CA GLU B 424 -8.88 -11.04 22.60
C GLU B 424 -7.75 -10.68 21.66
N GLN B 425 -7.19 -11.69 20.99
CA GLN B 425 -6.13 -11.45 20.02
C GLN B 425 -6.62 -10.53 18.91
N GLU B 426 -7.89 -10.70 18.50
CA GLU B 426 -8.48 -9.81 17.48
C GLU B 426 -8.56 -8.37 17.99
N MET B 427 -9.04 -8.18 19.21
CA MET B 427 -9.07 -6.84 19.78
C MET B 427 -7.67 -6.22 19.78
N ASP B 428 -6.66 -7.02 20.14
CA ASP B 428 -5.29 -6.51 20.19
C ASP B 428 -4.76 -6.16 18.81
N VAL B 429 -5.17 -6.89 17.77
CA VAL B 429 -4.84 -6.51 16.39
C VAL B 429 -5.37 -5.10 16.09
N LEU B 430 -6.64 -4.87 16.45
CA LEU B 430 -7.24 -3.56 16.16
C LEU B 430 -6.56 -2.44 16.94
N ILE B 431 -6.29 -2.68 18.23
CA ILE B 431 -5.62 -1.67 19.06
C ILE B 431 -4.20 -1.39 18.56
N SER B 432 -3.46 -2.44 18.19
CA SER B 432 -2.11 -2.28 17.64
C SER B 432 -2.13 -1.45 16.37
N LYS B 433 -3.10 -1.71 15.48
CA LYS B 433 -3.23 -0.91 14.28
C LYS B 433 -3.48 0.55 14.61
N ILE B 434 -4.39 0.82 15.56
CA ILE B 434 -4.66 2.21 15.93
C ILE B 434 -3.36 2.90 16.34
N TYR B 435 -2.61 2.29 17.24
CA TYR B 435 -1.38 2.94 17.71
C TYR B 435 -0.23 2.79 16.72
N GLU B 436 -0.45 2.07 15.63
CA GLU B 436 0.52 2.04 14.55
C GLU B 436 0.28 3.19 13.57
N ILE B 437 -0.97 3.60 13.34
CA ILE B 437 -1.30 4.57 12.30
C ILE B 437 -1.66 5.95 12.84
N ASN B 438 -1.57 6.19 14.14
CA ASN B 438 -2.09 7.44 14.68
C ASN B 438 -1.07 8.58 14.80
N LYS B 439 0.15 8.42 14.32
CA LYS B 439 1.12 9.48 14.45
C LYS B 439 0.90 10.51 13.34
N PRO B 440 0.67 11.79 13.66
CA PRO B 440 0.54 12.79 12.60
C PRO B 440 1.80 12.86 11.76
N VAL B 441 1.63 13.10 10.46
CA VAL B 441 2.73 13.27 9.53
C VAL B 441 2.73 14.72 9.06
N VAL B 442 3.85 15.13 8.46
CA VAL B 442 3.97 16.47 7.90
C VAL B 442 2.97 16.62 6.77
N ARG B 443 2.10 17.63 6.86
CA ARG B 443 1.11 17.94 5.83
C ARG B 443 1.45 19.27 5.18
N LYS B 444 1.34 19.35 3.86
CA LYS B 444 1.63 20.58 3.13
C LYS B 444 0.33 21.36 2.95
N ILE B 445 0.24 22.51 3.60
CA ILE B 445 -0.96 23.35 3.50
C ILE B 445 -0.70 24.41 2.46
N VAL B 446 -1.66 24.63 1.58
CA VAL B 446 -1.57 25.59 0.49
C VAL B 446 -2.86 26.38 0.47
N LEU B 447 -2.76 27.70 0.38
CA LEU B 447 -3.89 28.56 0.09
C LEU B 447 -3.59 29.20 -1.25
N ARG B 448 -4.36 28.79 -2.26
CA ARG B 448 -4.14 29.20 -3.64
C ARG B 448 -5.21 30.23 -3.96
N LYS B 449 -4.82 31.40 -4.46
CA LYS B 449 -5.86 32.39 -4.65
C LYS B 449 -6.61 32.16 -5.96
N ILE B 450 -7.88 32.55 -5.95
CA ILE B 450 -8.77 32.35 -7.06
C ILE B 450 -9.01 33.67 -7.75
N GLY C 9 -10.21 30.93 -33.60
CA GLY C 9 -11.39 30.35 -34.22
C GLY C 9 -11.25 28.87 -34.47
N ALA C 10 -10.01 28.38 -34.38
CA ALA C 10 -9.67 26.97 -34.55
C ALA C 10 -9.94 26.15 -33.29
N GLN C 11 -10.52 26.75 -32.24
CA GLN C 11 -10.72 26.03 -30.98
C GLN C 11 -11.86 25.01 -31.08
N THR C 12 -11.51 23.74 -30.92
CA THR C 12 -12.46 22.66 -30.78
C THR C 12 -12.29 21.90 -29.47
N VAL C 13 -11.32 22.30 -28.64
CA VAL C 13 -11.04 21.62 -27.37
C VAL C 13 -10.88 22.69 -26.30
N LYS C 14 -11.63 22.57 -25.21
CA LYS C 14 -11.51 23.58 -24.17
C LYS C 14 -10.13 23.49 -23.54
N PRO C 15 -9.52 24.63 -23.20
CA PRO C 15 -8.22 24.60 -22.54
C PRO C 15 -8.31 23.93 -21.17
N PHE C 16 -7.19 23.43 -20.69
CA PHE C 16 -7.10 22.91 -19.33
C PHE C 16 -7.18 24.06 -18.34
N LYS C 17 -7.71 23.77 -17.15
CA LYS C 17 -7.87 24.74 -16.07
C LYS C 17 -7.15 24.23 -14.82
N GLU C 18 -7.06 25.13 -13.83
CA GLU C 18 -6.33 24.82 -12.61
C GLU C 18 -6.84 23.51 -11.99
N GLY C 19 -5.91 22.62 -11.64
CA GLY C 19 -6.26 21.38 -11.00
C GLY C 19 -6.63 20.24 -11.92
N ASP C 20 -6.61 20.46 -13.23
CA ASP C 20 -6.95 19.42 -14.19
C ASP C 20 -5.92 18.28 -14.13
N ARG C 21 -6.39 17.08 -14.45
CA ARG C 21 -5.53 15.91 -14.60
C ARG C 21 -5.76 15.38 -16.02
N ALA C 22 -4.89 15.75 -16.93
CA ALA C 22 -5.05 15.47 -18.35
C ALA C 22 -4.23 14.24 -18.72
N VAL C 23 -4.92 13.14 -19.02
CA VAL C 23 -4.28 11.88 -19.36
C VAL C 23 -4.34 11.71 -20.87
N PHE C 24 -3.18 11.43 -21.49
CA PHE C 24 -3.10 11.19 -22.93
C PHE C 24 -2.93 9.68 -23.15
N LEU C 25 -4.02 9.00 -23.49
CA LEU C 25 -3.99 7.56 -23.71
C LEU C 25 -3.56 7.27 -25.16
N GLY C 26 -2.57 6.41 -25.34
CA GLY C 26 -2.09 6.17 -26.70
C GLY C 26 -1.19 4.96 -26.83
N ASN C 27 -0.50 4.88 -27.97
CA ASN C 27 0.40 3.78 -28.25
C ASN C 27 1.85 4.26 -28.11
N SER C 28 2.76 3.72 -28.95
CA SER C 28 4.18 4.04 -28.78
C SER C 28 4.46 5.48 -29.10
N ILE C 29 3.67 6.09 -29.98
CA ILE C 29 3.86 7.50 -30.28
C ILE C 29 3.67 8.32 -29.00
N THR C 30 2.66 7.96 -28.19
CA THR C 30 2.44 8.62 -26.91
C THR C 30 3.46 8.15 -25.87
N ASP C 31 3.65 6.84 -25.74
CA ASP C 31 4.54 6.27 -24.74
C ASP C 31 5.95 6.84 -24.83
N GLY C 32 6.56 6.76 -26.01
CA GLY C 32 7.95 7.17 -26.14
C GLY C 32 8.16 8.58 -26.61
N GLY C 33 7.10 9.33 -26.89
CA GLY C 33 7.21 10.66 -27.45
C GLY C 33 6.96 11.75 -26.42
N ARG C 34 7.10 13.00 -26.89
CA ARG C 34 7.10 14.16 -25.99
C ARG C 34 5.97 15.16 -26.20
N TYR C 35 5.01 14.90 -27.09
CA TYR C 35 3.99 15.93 -27.37
C TYR C 35 3.24 16.36 -26.11
N HIS C 36 2.95 15.41 -25.22
CA HIS C 36 2.24 15.75 -24.00
C HIS C 36 3.13 16.58 -23.07
N SER C 37 4.42 16.25 -23.03
CA SER C 37 5.38 17.04 -22.25
C SER C 37 5.51 18.45 -22.79
N PHE C 38 5.53 18.59 -24.12
CA PHE C 38 5.60 19.92 -24.74
C PHE C 38 4.33 20.73 -24.46
N ILE C 39 3.17 20.06 -24.44
CA ILE C 39 1.92 20.74 -24.08
C ILE C 39 1.97 21.20 -22.62
N TRP C 40 2.38 20.30 -21.72
CA TRP C 40 2.50 20.70 -20.32
C TRP C 40 3.47 21.87 -20.18
N LEU C 41 4.58 21.85 -20.92
CA LEU C 41 5.56 22.93 -20.87
C LEU C 41 4.92 24.25 -21.25
N TYR C 42 4.06 24.23 -22.26
CA TYR C 42 3.32 25.44 -22.62
C TYR C 42 2.53 25.94 -21.42
N TYR C 43 1.80 25.04 -20.75
CA TYR C 43 1.01 25.52 -19.61
C TYR C 43 1.89 25.97 -18.46
N MET C 44 3.08 25.37 -18.30
CA MET C 44 3.94 25.76 -17.19
C MET C 44 4.54 27.13 -17.40
N THR C 45 4.80 27.50 -18.66
CA THR C 45 5.40 28.80 -18.89
C THR C 45 4.36 29.90 -19.21
N ARG C 46 3.31 29.60 -19.98
CA ARG C 46 2.31 30.61 -20.32
C ARG C 46 1.34 30.89 -19.17
N PHE C 47 0.96 29.88 -18.38
CA PHE C 47 0.01 30.05 -17.29
C PHE C 47 0.68 29.59 -16.00
N PRO C 48 1.70 30.31 -15.54
CA PRO C 48 2.51 29.81 -14.42
C PRO C 48 1.75 29.69 -13.10
N ASN C 49 0.65 30.43 -12.92
CA ASN C 49 -0.14 30.38 -11.69
C ASN C 49 -1.35 29.47 -11.79
N MET C 50 -1.42 28.63 -12.82
CA MET C 50 -2.57 27.75 -13.04
C MET C 50 -2.07 26.31 -13.10
N PRO C 51 -1.72 25.72 -11.96
CA PRO C 51 -1.09 24.39 -12.00
C PRO C 51 -2.04 23.34 -12.52
N ILE C 52 -1.50 22.47 -13.38
CA ILE C 52 -2.20 21.31 -13.89
C ILE C 52 -1.25 20.13 -13.80
N ARG C 53 -1.76 18.95 -14.18
CA ARG C 53 -0.95 17.74 -14.24
C ARG C 53 -1.30 17.00 -15.52
N VAL C 54 -0.27 16.69 -16.29
CA VAL C 54 -0.40 15.89 -17.51
C VAL C 54 0.20 14.51 -17.25
N PHE C 55 -0.42 13.47 -17.83
CA PHE C 55 0.00 12.08 -17.69
C PHE C 55 0.21 11.46 -19.05
N ASN C 56 1.36 10.81 -19.22
CA ASN C 56 1.61 9.90 -20.34
C ASN C 56 0.87 8.58 -20.09
N GLY C 57 -0.08 8.23 -20.96
CA GLY C 57 -0.77 6.95 -20.86
C GLY C 57 -0.62 6.14 -22.12
N GLY C 58 0.57 6.18 -22.69
CA GLY C 58 0.90 5.38 -23.85
C GLY C 58 1.61 4.12 -23.41
N ILE C 59 1.38 3.04 -24.15
CA ILE C 59 2.21 1.84 -24.08
C ILE C 59 2.51 1.42 -25.52
N GLY C 60 3.79 1.22 -25.83
CA GLY C 60 4.15 0.82 -27.18
C GLY C 60 3.51 -0.50 -27.57
N GLY C 61 3.07 -0.57 -28.82
CA GLY C 61 2.45 -1.76 -29.37
C GLY C 61 0.95 -1.85 -29.21
N ASP C 62 0.33 -0.97 -28.41
CA ASP C 62 -1.08 -1.08 -28.09
C ASP C 62 -1.99 -0.84 -29.30
N THR C 63 -3.10 -1.57 -29.32
CA THR C 63 -4.23 -1.28 -30.19
C THR C 63 -5.35 -0.79 -29.29
N ALA C 64 -6.52 -0.60 -29.89
CA ALA C 64 -7.67 -0.24 -29.07
C ALA C 64 -8.00 -1.36 -28.08
N TYR C 65 -7.70 -2.60 -28.45
CA TYR C 65 -7.93 -3.74 -27.55
C TYR C 65 -7.06 -3.64 -26.30
N ASP C 66 -5.77 -3.30 -26.48
CA ASP C 66 -4.85 -3.22 -25.35
C ASP C 66 -5.17 -2.02 -24.48
N MET C 67 -5.45 -0.88 -25.10
CA MET C 67 -5.88 0.28 -24.34
C MET C 67 -7.10 -0.03 -23.49
N ASN C 68 -8.08 -0.76 -24.06
CA ASN C 68 -9.29 -1.11 -23.33
C ASN C 68 -9.00 -2.04 -22.14
N LYS C 69 -8.16 -3.07 -22.33
CA LYS C 69 -7.79 -3.95 -21.22
C LYS C 69 -7.25 -3.18 -20.01
N ARG C 70 -6.57 -2.06 -20.25
CA ARG C 70 -5.84 -1.40 -19.17
C ARG C 70 -6.54 -0.14 -18.66
N LEU C 71 -7.77 0.14 -19.10
CA LEU C 71 -8.47 1.33 -18.61
C LEU C 71 -8.53 1.40 -17.09
N ASP C 72 -8.98 0.31 -16.45
CA ASP C 72 -9.14 0.36 -15.00
C ASP C 72 -7.81 0.57 -14.29
N GLY C 73 -6.80 -0.23 -14.66
CA GLY C 73 -5.56 -0.26 -13.92
C GLY C 73 -4.55 0.80 -14.29
N ASP C 74 -4.68 1.42 -15.46
CA ASP C 74 -3.65 2.32 -15.92
C ASP C 74 -4.16 3.71 -16.28
N ILE C 75 -5.43 3.86 -16.63
CA ILE C 75 -5.96 5.13 -17.11
C ILE C 75 -6.93 5.73 -16.11
N PHE C 76 -8.05 5.05 -15.85
CA PHE C 76 -9.00 5.55 -14.86
C PHE C 76 -8.34 5.62 -13.49
N SER C 77 -7.34 4.77 -13.24
CA SER C 77 -6.63 4.76 -11.97
C SER C 77 -5.97 6.10 -11.70
N LYS C 78 -5.66 6.85 -12.75
CA LYS C 78 -5.06 8.16 -12.60
C LYS C 78 -6.08 9.26 -12.32
N ASN C 79 -7.37 8.92 -12.22
CA ASN C 79 -8.43 9.88 -11.99
C ASN C 79 -8.35 11.09 -12.94
N PRO C 80 -8.46 10.87 -14.25
CA PRO C 80 -8.42 11.99 -15.18
C PRO C 80 -9.63 12.90 -15.03
N THR C 81 -9.39 14.22 -15.12
CA THR C 81 -10.48 15.16 -15.35
C THR C 81 -10.70 15.39 -16.84
N VAL C 82 -9.65 15.22 -17.64
CA VAL C 82 -9.71 15.29 -19.10
C VAL C 82 -8.94 14.12 -19.67
N LEU C 83 -9.56 13.36 -20.57
CA LEU C 83 -8.96 12.15 -21.12
C LEU C 83 -8.88 12.28 -22.64
N MET C 84 -7.67 12.30 -23.17
CA MET C 84 -7.42 12.29 -24.60
C MET C 84 -7.15 10.87 -25.06
N VAL C 85 -7.77 10.48 -26.17
CA VAL C 85 -7.72 9.11 -26.67
C VAL C 85 -7.22 9.11 -28.11
N THR C 86 -6.08 8.46 -28.35
CA THR C 86 -5.55 8.37 -29.71
C THR C 86 -5.04 6.96 -29.96
N PHE C 87 -5.33 6.42 -31.15
CA PHE C 87 -4.98 5.05 -31.49
C PHE C 87 -5.15 4.88 -32.99
N GLY C 88 -4.72 3.72 -33.49
CA GLY C 88 -4.92 3.39 -34.89
C GLY C 88 -3.64 3.06 -35.64
N MET C 89 -2.50 3.61 -35.20
CA MET C 89 -1.27 3.29 -35.91
C MET C 89 -1.01 1.78 -35.88
N ASN C 90 -1.27 1.12 -34.75
CA ASN C 90 -1.10 -0.33 -34.68
C ASN C 90 -2.33 -1.08 -35.18
N ASP C 91 -3.52 -0.61 -34.82
CA ASP C 91 -4.76 -1.28 -35.24
C ASP C 91 -4.81 -1.46 -36.74
N SER C 92 -4.31 -0.46 -37.49
CA SER C 92 -4.46 -0.49 -38.94
C SER C 92 -3.69 -1.65 -39.57
N GLY C 93 -2.66 -2.17 -38.91
CA GLY C 93 -1.84 -3.21 -39.48
C GLY C 93 -0.75 -2.63 -40.38
N TYR C 94 0.11 -3.53 -40.88
CA TYR C 94 1.31 -3.09 -41.57
C TYR C 94 1.58 -3.84 -42.87
N TYR C 95 2.22 -5.02 -42.78
CA TYR C 95 2.82 -5.61 -43.97
C TYR C 95 1.77 -6.01 -45.01
N GLU C 96 0.63 -6.53 -44.55
CA GLU C 96 -0.39 -7.03 -45.45
C GLU C 96 -0.94 -5.98 -46.42
N TYR C 97 -0.64 -4.68 -46.22
CA TYR C 97 -1.11 -3.69 -47.17
C TYR C 97 -0.43 -3.83 -48.52
N ASN C 98 0.74 -4.47 -48.57
CA ASN C 98 1.47 -4.69 -49.81
C ASN C 98 1.24 -6.11 -50.36
N GLY C 99 0.28 -6.85 -49.80
CA GLY C 99 0.02 -8.23 -50.13
C GLY C 99 -1.14 -8.45 -51.10
N ASP C 100 -1.64 -9.69 -51.15
CA ASP C 100 -2.65 -10.09 -52.13
C ASP C 100 -4.03 -9.51 -51.84
N ASN C 101 -4.38 -9.32 -50.57
CA ASN C 101 -5.73 -8.90 -50.22
C ASN C 101 -5.71 -7.59 -49.45
N ALA C 102 -5.00 -6.59 -49.97
CA ALA C 102 -4.83 -5.33 -49.27
C ALA C 102 -6.17 -4.72 -48.85
N LYS C 103 -7.16 -4.72 -49.75
CA LYS C 103 -8.44 -4.10 -49.43
C LYS C 103 -9.16 -4.85 -48.30
N GLU C 104 -9.26 -6.20 -48.40
CA GLU C 104 -9.92 -6.94 -47.34
C GLU C 104 -9.17 -6.83 -46.04
N PHE C 105 -7.84 -6.77 -46.09
CA PHE C 105 -7.06 -6.56 -44.88
C PHE C 105 -7.39 -5.22 -44.23
N GLY C 106 -7.37 -4.15 -45.03
CA GLY C 106 -7.75 -2.83 -44.51
C GLY C 106 -9.12 -2.85 -43.86
N GLU C 107 -10.07 -3.53 -44.49
CA GLU C 107 -11.43 -3.57 -43.98
C GLU C 107 -11.52 -4.39 -42.69
N GLN C 108 -10.82 -5.53 -42.63
CA GLN C 108 -10.85 -6.34 -41.42
C GLN C 108 -10.24 -5.59 -40.25
N LYS C 109 -9.11 -4.93 -40.49
CA LYS C 109 -8.44 -4.20 -39.43
C LYS C 109 -9.28 -3.02 -38.98
N TYR C 110 -9.94 -2.34 -39.92
CA TYR C 110 -10.83 -1.27 -39.54
C TYR C 110 -11.96 -1.78 -38.66
N GLN C 111 -12.56 -2.92 -39.02
CA GLN C 111 -13.69 -3.43 -38.25
C GLN C 111 -13.27 -3.89 -36.86
N GLU C 112 -12.14 -4.60 -36.78
CA GLU C 112 -11.61 -5.03 -35.49
C GLU C 112 -11.32 -3.82 -34.61
N SER C 113 -10.74 -2.79 -35.20
CA SER C 113 -10.36 -1.62 -34.43
C SER C 113 -11.58 -0.92 -33.87
N ILE C 114 -12.61 -0.71 -34.69
CA ILE C 114 -13.76 0.03 -34.16
C ILE C 114 -14.53 -0.85 -33.18
N LYS C 115 -14.50 -2.17 -33.36
CA LYS C 115 -15.12 -3.05 -32.37
C LYS C 115 -14.43 -2.90 -31.01
N ASN C 116 -13.11 -2.84 -30.98
CA ASN C 116 -12.43 -2.62 -29.70
C ASN C 116 -12.71 -1.22 -29.15
N PHE C 117 -12.67 -0.23 -30.05
CA PHE C 117 -12.96 1.13 -29.65
C PHE C 117 -14.33 1.23 -29.03
N GLN C 118 -15.28 0.42 -29.49
CA GLN C 118 -16.65 0.50 -28.98
C GLN C 118 -16.72 0.08 -27.51
N GLN C 119 -15.91 -0.91 -27.12
CA GLN C 119 -15.77 -1.25 -25.70
C GLN C 119 -15.29 -0.05 -24.93
N MET C 120 -14.24 0.59 -25.44
CA MET C 120 -13.74 1.79 -24.76
C MET C 120 -14.82 2.86 -24.67
N GLU C 121 -15.55 3.05 -25.78
CA GLU C 121 -16.58 4.09 -25.87
C GLU C 121 -17.63 3.89 -24.79
N LYS C 122 -18.07 2.64 -24.62
CA LYS C 122 -18.99 2.34 -23.53
C LYS C 122 -18.40 2.77 -22.17
N ARG C 123 -17.12 2.46 -21.94
CA ARG C 123 -16.54 2.85 -20.64
C ARG C 123 -16.51 4.36 -20.48
N PHE C 124 -16.14 5.08 -21.53
CA PHE C 124 -16.03 6.54 -21.46
C PHE C 124 -17.40 7.18 -21.23
N LYS C 125 -18.44 6.64 -21.86
CA LYS C 125 -19.80 7.14 -21.65
C LYS C 125 -20.24 6.95 -20.21
N GLU C 126 -19.70 5.96 -19.51
CA GLU C 126 -20.15 5.82 -18.13
C GLU C 126 -19.41 6.73 -17.14
N LEU C 127 -18.40 7.45 -17.55
CA LEU C 127 -17.58 8.21 -16.59
C LEU C 127 -18.34 9.44 -16.07
N PRO C 128 -18.40 9.64 -14.75
CA PRO C 128 -19.23 10.74 -14.22
C PRO C 128 -18.64 12.14 -14.40
N HIS C 129 -17.32 12.31 -14.28
CA HIS C 129 -16.74 13.65 -14.25
C HIS C 129 -15.43 13.66 -15.04
N THR C 130 -15.46 13.23 -16.30
CA THR C 130 -14.26 13.23 -17.11
C THR C 130 -14.61 13.78 -18.48
N ARG C 131 -13.95 14.87 -18.86
CA ARG C 131 -14.07 15.40 -20.22
C ARG C 131 -13.29 14.50 -21.17
N ILE C 132 -13.97 14.02 -22.23
CA ILE C 132 -13.42 13.10 -23.21
C ILE C 132 -13.05 13.88 -24.47
N VAL C 133 -11.82 13.69 -24.94
CA VAL C 133 -11.30 14.34 -26.13
C VAL C 133 -10.76 13.27 -27.08
N MET C 134 -11.46 13.07 -28.19
CA MET C 134 -10.95 12.20 -29.25
C MET C 134 -9.84 12.95 -29.98
N THR C 135 -8.66 12.32 -30.09
CA THR C 135 -7.49 12.93 -30.70
C THR C 135 -7.01 12.05 -31.85
N GLY C 136 -7.19 12.52 -33.08
CA GLY C 136 -6.85 11.75 -34.26
C GLY C 136 -5.36 11.58 -34.37
N THR C 137 -4.89 10.33 -34.42
CA THR C 137 -3.47 10.05 -34.34
C THR C 137 -2.68 10.73 -35.46
N SER C 138 -1.42 11.02 -35.15
CA SER C 138 -0.45 11.45 -36.14
C SER C 138 -0.44 10.42 -37.27
N PRO C 139 -0.04 10.78 -38.48
CA PRO C 139 -0.25 9.89 -39.62
C PRO C 139 0.93 8.97 -39.91
N TYR C 140 0.63 7.92 -40.67
CA TYR C 140 1.65 7.13 -41.35
C TYR C 140 2.02 7.84 -42.66
N ASP C 141 3.29 8.25 -42.79
CA ASP C 141 3.77 9.04 -43.92
C ASP C 141 4.09 8.11 -45.10
N GLU C 142 3.19 8.06 -46.08
CA GLU C 142 3.38 7.24 -47.26
C GLU C 142 4.15 7.93 -48.38
N THR C 143 4.33 9.25 -48.31
CA THR C 143 4.89 9.97 -49.44
C THR C 143 6.38 10.32 -49.29
N ALA C 144 6.91 10.31 -48.07
CA ALA C 144 8.30 10.70 -47.86
C ALA C 144 9.26 9.74 -48.58
N GLN C 145 10.36 10.31 -49.08
CA GLN C 145 11.44 9.56 -49.73
C GLN C 145 12.43 9.16 -48.64
N ILE C 146 12.19 7.99 -48.05
CA ILE C 146 13.05 7.46 -46.99
C ILE C 146 13.81 6.27 -47.55
N LYS C 147 15.14 6.35 -47.48
CA LYS C 147 16.00 5.33 -48.05
C LYS C 147 15.86 4.01 -47.29
N ASP C 148 15.63 2.92 -48.02
CA ASP C 148 15.57 1.55 -47.49
C ASP C 148 14.33 1.30 -46.61
N ASN C 149 13.36 2.21 -46.60
CA ASN C 149 12.14 2.02 -45.83
C ASN C 149 10.95 1.94 -46.78
N THR C 150 10.31 0.78 -46.80
CA THR C 150 9.25 0.47 -47.74
C THR C 150 7.90 0.93 -47.22
N VAL C 151 7.09 1.52 -48.10
CA VAL C 151 5.78 2.06 -47.74
C VAL C 151 4.77 0.93 -47.69
N PHE C 152 4.00 0.88 -46.59
CA PHE C 152 2.79 0.06 -46.53
C PHE C 152 1.71 0.88 -47.23
N LYS C 153 1.37 0.50 -48.46
CA LYS C 153 0.58 1.38 -49.32
C LYS C 153 -0.85 1.52 -48.78
N LYS C 154 -1.31 2.79 -48.64
CA LYS C 154 -2.68 3.13 -48.24
C LYS C 154 -2.99 2.78 -46.79
N LYS C 155 -1.96 2.57 -45.94
CA LYS C 155 -2.18 2.29 -44.53
C LYS C 155 -2.81 3.47 -43.82
N ASN C 156 -2.36 4.68 -44.16
CA ASN C 156 -2.92 5.86 -43.52
C ASN C 156 -4.36 6.10 -43.91
N GLU C 157 -4.85 5.45 -44.98
CA GLU C 157 -6.27 5.58 -45.30
C GLU C 157 -7.13 4.82 -44.32
N THR C 158 -6.68 3.62 -43.91
CA THR C 158 -7.37 2.91 -42.83
C THR C 158 -7.29 3.70 -41.53
N ILE C 159 -6.12 4.29 -41.24
CA ILE C 159 -5.99 5.13 -40.06
C ILE C 159 -7.00 6.29 -40.13
N LYS C 160 -7.13 6.92 -41.29
CA LYS C 160 -8.09 8.02 -41.44
C LYS C 160 -9.52 7.54 -41.24
N ARG C 161 -9.84 6.32 -41.68
CA ARG C 161 -11.16 5.76 -41.41
C ARG C 161 -11.42 5.63 -39.92
N ILE C 162 -10.43 5.11 -39.18
CA ILE C 162 -10.58 5.00 -37.73
C ILE C 162 -10.79 6.37 -37.13
N ILE C 163 -10.02 7.35 -37.59
CA ILE C 163 -10.19 8.69 -37.04
C ILE C 163 -11.58 9.24 -37.36
N GLU C 164 -12.13 8.90 -38.51
CA GLU C 164 -13.47 9.38 -38.84
C GLU C 164 -14.49 8.77 -37.91
N TYR C 165 -14.31 7.49 -37.57
CA TYR C 165 -15.18 6.88 -36.58
C TYR C 165 -15.06 7.59 -35.23
N GLN C 166 -13.84 7.98 -34.86
CA GLN C 166 -13.66 8.77 -33.64
C GLN C 166 -14.46 10.08 -33.70
N ARG C 167 -14.35 10.81 -34.82
CA ARG C 167 -15.07 12.08 -34.97
C ARG C 167 -16.57 11.88 -34.80
N GLU C 168 -17.12 10.85 -35.46
CA GLU C 168 -18.57 10.65 -35.36
C GLU C 168 -18.98 10.22 -33.96
N SER C 169 -18.14 9.41 -33.30
CA SER C 169 -18.42 9.05 -31.91
C SER C 169 -18.47 10.30 -31.03
N ALA C 170 -17.50 11.20 -31.22
CA ALA C 170 -17.49 12.41 -30.41
C ALA C 170 -18.74 13.24 -30.63
N ALA C 171 -19.18 13.36 -31.89
CA ALA C 171 -20.42 14.08 -32.17
C ALA C 171 -21.62 13.41 -31.51
N ARG C 172 -21.72 12.08 -31.59
CA ARG C 172 -22.87 11.39 -30.99
C ARG C 172 -22.89 11.58 -29.49
N ASN C 173 -21.72 11.51 -28.84
CA ASN C 173 -21.65 11.44 -27.40
C ASN C 173 -21.39 12.78 -26.74
N GLY C 174 -21.26 13.86 -27.51
CA GLY C 174 -21.03 15.14 -26.86
C GLY C 174 -19.61 15.34 -26.39
N TRP C 175 -18.65 14.73 -27.07
CA TRP C 175 -17.23 14.84 -26.79
C TRP C 175 -16.57 15.80 -27.77
N GLU C 176 -15.44 16.35 -27.36
CA GLU C 176 -14.64 17.16 -28.27
C GLU C 176 -13.76 16.29 -29.14
N PHE C 177 -13.33 16.86 -30.27
CA PHE C 177 -12.51 16.15 -31.23
C PHE C 177 -11.48 17.09 -31.83
N THR C 178 -10.26 16.60 -32.00
CA THR C 178 -9.25 17.29 -32.79
C THR C 178 -8.43 16.22 -33.51
N ASP C 179 -7.78 16.61 -34.60
CA ASP C 179 -7.09 15.65 -35.46
C ASP C 179 -5.68 16.12 -35.74
N TRP C 180 -4.71 15.22 -35.56
CA TRP C 180 -3.33 15.45 -35.98
C TRP C 180 -3.06 14.96 -37.39
N ASN C 181 -3.85 14.02 -37.90
CA ASN C 181 -3.49 13.29 -39.11
C ASN C 181 -3.50 14.22 -40.33
N ALA C 182 -4.64 14.87 -40.59
CA ALA C 182 -4.75 15.74 -41.76
C ALA C 182 -3.75 16.90 -41.72
N PRO C 183 -3.63 17.69 -40.65
CA PRO C 183 -2.66 18.79 -40.71
C PRO C 183 -1.23 18.33 -40.88
N MET C 184 -0.89 17.18 -40.31
CA MET C 184 0.47 16.70 -40.40
C MET C 184 0.76 16.16 -41.80
N VAL C 185 -0.20 15.46 -42.41
CA VAL C 185 -0.06 15.05 -43.82
C VAL C 185 0.12 16.28 -44.70
N ALA C 186 -0.63 17.36 -44.41
CA ALA C 186 -0.51 18.57 -45.21
C ALA C 186 0.90 19.15 -45.11
N ILE C 187 1.42 19.25 -43.88
CA ILE C 187 2.78 19.77 -43.68
C ILE C 187 3.79 18.86 -44.37
N ASN C 188 3.57 17.54 -44.29
CA ASN C 188 4.46 16.59 -44.94
C ASN C 188 4.53 16.86 -46.44
N GLN C 189 3.37 16.99 -47.09
CA GLN C 189 3.37 17.26 -48.53
C GLN C 189 4.07 18.58 -48.83
N GLU C 190 3.71 19.61 -48.06
CA GLU C 190 4.17 20.95 -48.38
C GLU C 190 5.69 21.05 -48.28
N LEU C 191 6.27 20.50 -47.23
CA LEU C 191 7.70 20.60 -47.10
C LEU C 191 8.45 19.50 -47.85
N GLN C 192 7.76 18.42 -48.23
CA GLN C 192 8.36 17.42 -49.10
C GLN C 192 8.57 17.97 -50.49
N GLN C 193 7.83 19.04 -50.86
CA GLN C 193 8.09 19.70 -52.13
C GLN C 193 9.56 20.18 -52.21
N LYS C 194 10.07 20.80 -51.14
CA LYS C 194 11.44 21.28 -51.15
C LYS C 194 12.45 20.18 -50.83
N ASP C 195 12.08 19.17 -50.09
CA ASP C 195 12.96 18.05 -49.77
C ASP C 195 12.13 16.78 -49.68
N PRO C 196 12.23 15.91 -50.68
CA PRO C 196 11.39 14.70 -50.68
C PRO C 196 11.64 13.78 -49.51
N SER C 197 12.78 13.92 -48.83
CA SER C 197 13.07 13.09 -47.66
C SER C 197 12.54 13.70 -46.37
N PHE C 198 11.97 14.91 -46.41
CA PHE C 198 11.41 15.51 -45.20
C PHE C 198 10.20 14.72 -44.72
N THR C 199 10.08 14.62 -43.40
CA THR C 199 8.90 14.00 -42.82
C THR C 199 8.75 14.46 -41.38
N LEU C 200 7.49 14.63 -40.97
CA LEU C 200 7.18 14.82 -39.57
C LEU C 200 7.19 13.51 -38.79
N CYS C 201 7.19 12.37 -39.47
CA CYS C 201 6.96 11.09 -38.82
C CYS C 201 8.22 10.25 -38.66
N GLY C 202 9.36 10.87 -38.42
CA GLY C 202 10.51 10.12 -37.96
C GLY C 202 11.17 9.27 -39.04
N ASN C 203 12.10 8.43 -38.57
CA ASN C 203 12.91 7.60 -39.44
C ASN C 203 12.12 6.50 -40.13
N ASP C 204 10.96 6.13 -39.59
CA ASP C 204 10.28 4.92 -40.03
C ASP C 204 8.86 5.15 -40.51
N ARG C 205 8.46 6.41 -40.77
CA ARG C 205 7.13 6.81 -41.22
C ARG C 205 6.10 6.68 -40.11
N ILE C 206 6.48 6.19 -38.92
CA ILE C 206 5.55 5.84 -37.87
C ILE C 206 5.73 6.73 -36.63
N HIS C 207 6.97 6.83 -36.14
CA HIS C 207 7.26 7.47 -34.87
C HIS C 207 7.86 8.85 -35.05
N PRO C 208 7.12 9.93 -34.81
CA PRO C 208 7.69 11.26 -34.98
C PRO C 208 8.89 11.49 -34.08
N ASP C 209 9.82 12.27 -34.62
CA ASP C 209 10.98 12.75 -33.89
C ASP C 209 10.52 13.94 -33.05
N ASN C 210 11.47 14.61 -32.36
CA ASN C 210 11.11 15.72 -31.47
C ASN C 210 10.38 16.84 -32.22
N ASP C 211 10.78 17.10 -33.47
CA ASP C 211 10.12 18.14 -34.25
C ASP C 211 8.65 17.80 -34.50
N GLY C 212 8.38 16.52 -34.84
CA GLY C 212 7.00 16.09 -35.02
C GLY C 212 6.17 16.20 -33.77
N HIS C 213 6.75 15.83 -32.63
CA HIS C 213 6.01 15.95 -31.37
C HIS C 213 5.78 17.41 -31.04
N MET C 214 6.70 18.29 -31.41
CA MET C 214 6.44 19.69 -31.15
C MET C 214 5.33 20.20 -32.07
N VAL C 215 5.28 19.71 -33.32
CA VAL C 215 4.16 20.06 -34.20
C VAL C 215 2.85 19.54 -33.62
N MET C 216 2.86 18.33 -33.07
CA MET C 216 1.66 17.79 -32.44
C MET C 216 1.22 18.64 -31.25
N ALA C 217 2.18 19.06 -30.43
CA ALA C 217 1.87 19.97 -29.33
C ALA C 217 1.29 21.27 -29.85
N TYR C 218 1.90 21.83 -30.90
CA TYR C 218 1.41 23.06 -31.49
C TYR C 218 -0.03 22.90 -31.97
N LEU C 219 -0.32 21.80 -32.66
CA LEU C 219 -1.66 21.60 -33.18
C LEU C 219 -2.66 21.45 -32.06
N PHE C 220 -2.29 20.73 -30.99
CA PHE C 220 -3.23 20.55 -29.89
C PHE C 220 -3.49 21.87 -29.17
N LEU C 221 -2.44 22.69 -29.02
CA LEU C 221 -2.60 23.99 -28.38
C LEU C 221 -3.41 24.95 -29.26
N LYS C 222 -3.28 24.80 -30.58
CA LYS C 222 -4.10 25.55 -31.52
C LYS C 222 -5.57 25.14 -31.41
N ALA C 223 -5.82 23.84 -31.27
CA ALA C 223 -7.17 23.35 -31.03
C ALA C 223 -7.73 23.83 -29.71
N GLN C 224 -6.87 24.21 -28.77
CA GLN C 224 -7.33 24.78 -27.50
C GLN C 224 -7.45 26.30 -27.55
N GLY C 225 -7.34 26.89 -28.73
CA GLY C 225 -7.60 28.30 -28.92
C GLY C 225 -6.44 29.23 -28.61
N PHE C 226 -5.20 28.73 -28.60
CA PHE C 226 -4.05 29.54 -28.27
C PHE C 226 -3.32 30.10 -29.49
N ALA C 227 -3.72 29.72 -30.70
CA ALA C 227 -3.05 30.28 -31.87
C ALA C 227 -3.42 31.75 -32.00
N GLY C 228 -2.39 32.60 -32.11
CA GLY C 228 -2.55 34.02 -32.23
C GLY C 228 -2.41 34.81 -30.94
N LYS C 229 -2.28 34.15 -29.80
CA LYS C 229 -2.16 34.85 -28.54
C LYS C 229 -0.69 35.04 -28.17
N ASP C 230 -0.31 36.26 -27.85
CA ASP C 230 1.08 36.64 -27.70
C ASP C 230 1.52 36.37 -26.29
N VAL C 231 2.81 36.05 -26.12
CA VAL C 231 3.38 35.99 -24.78
C VAL C 231 3.17 37.31 -24.07
N ALA C 232 3.57 38.40 -24.72
CA ALA C 232 3.32 39.75 -24.28
C ALA C 232 3.48 40.66 -25.48
N ASN C 233 2.86 41.82 -25.42
CA ASN C 233 2.95 42.78 -26.53
C ASN C 233 3.02 44.18 -25.93
N MET C 234 4.22 44.75 -25.92
CA MET C 234 4.45 46.06 -25.34
C MET C 234 4.92 47.03 -26.42
N GLU C 235 4.42 48.26 -26.32
CA GLU C 235 4.80 49.35 -27.22
C GLU C 235 5.03 50.57 -26.36
N ILE C 236 6.27 51.07 -26.38
CA ILE C 236 6.69 52.25 -25.64
C ILE C 236 7.08 53.35 -26.64
N ASN C 237 6.50 54.53 -26.47
CA ASN C 237 6.91 55.71 -27.23
C ASN C 237 8.05 56.40 -26.49
N ALA C 238 9.21 56.51 -27.14
CA ALA C 238 10.38 57.06 -26.45
C ALA C 238 10.21 58.53 -26.15
N ASN C 239 9.51 59.28 -27.02
CA ASN C 239 9.33 60.70 -26.75
C ASN C 239 8.21 60.92 -25.74
N LYS C 240 7.16 60.10 -25.81
CA LYS C 240 6.03 60.27 -24.90
C LYS C 240 6.38 59.83 -23.48
N LYS C 241 7.35 58.93 -23.31
CA LYS C 241 7.71 58.39 -22.01
C LYS C 241 6.52 57.64 -21.37
N GLN C 242 5.60 57.18 -22.22
CA GLN C 242 4.45 56.41 -21.77
C GLN C 242 4.41 55.11 -22.55
N ALA C 243 3.71 54.12 -21.99
CA ALA C 243 3.52 52.86 -22.69
C ALA C 243 2.28 52.99 -23.55
N VAL C 244 2.43 52.78 -24.86
CA VAL C 244 1.28 52.81 -25.75
C VAL C 244 0.47 51.54 -25.62
N LYS C 245 1.16 50.41 -25.46
CA LYS C 245 0.51 49.12 -25.32
C LYS C 245 1.24 48.30 -24.26
N ALA C 246 0.47 47.64 -23.39
CA ALA C 246 1.00 46.79 -22.35
C ALA C 246 0.08 45.58 -22.20
N GLU C 247 0.05 44.74 -23.24
CA GLU C 247 -0.78 43.54 -23.26
C GLU C 247 -0.01 42.41 -22.62
N GLY C 248 -0.63 41.75 -21.63
CA GLY C 248 0.01 40.65 -20.95
C GLY C 248 1.20 41.05 -20.10
N CYS C 249 1.28 42.32 -19.73
CA CYS C 249 2.41 42.77 -18.92
C CYS C 249 2.07 44.11 -18.28
N THR C 250 2.96 44.54 -17.39
CA THR C 250 2.95 45.88 -16.81
C THR C 250 4.26 46.53 -17.17
N ILE C 251 4.18 47.68 -17.83
CA ILE C 251 5.34 48.53 -18.13
C ILE C 251 5.28 49.68 -17.15
N SER C 252 6.42 50.00 -16.52
CA SER C 252 6.43 51.08 -15.55
C SER C 252 7.81 51.71 -15.50
N ASN C 253 7.91 52.79 -14.73
CA ASN C 253 9.15 53.51 -14.49
C ASN C 253 9.93 53.74 -15.78
N ILE C 254 9.23 54.22 -16.81
CA ILE C 254 9.88 54.62 -18.05
C ILE C 254 10.75 55.84 -17.79
N LYS C 255 12.02 55.73 -18.13
CA LYS C 255 12.99 56.77 -17.86
C LYS C 255 13.82 57.01 -19.11
N LYS C 256 14.21 58.27 -19.29
CA LYS C 256 15.05 58.68 -20.41
C LYS C 256 16.32 59.30 -19.82
N ILE C 257 17.47 58.73 -20.16
CA ILE C 257 18.75 59.20 -19.65
C ILE C 257 19.60 59.48 -20.89
N GLY C 258 19.80 60.76 -21.19
CA GLY C 258 20.38 61.09 -22.47
C GLY C 258 19.47 60.63 -23.58
N LYS C 259 20.01 59.81 -24.47
CA LYS C 259 19.27 59.15 -25.53
C LYS C 259 19.08 57.66 -25.24
N ASP C 260 19.41 57.22 -24.01
CA ASP C 260 19.15 55.86 -23.55
C ASP C 260 17.75 55.84 -22.94
N ILE C 261 17.06 54.72 -23.07
CA ILE C 261 15.74 54.59 -22.49
C ILE C 261 15.68 53.32 -21.66
N SER C 262 14.97 53.36 -20.54
CA SER C 262 14.92 52.22 -19.64
C SER C 262 13.53 52.14 -19.02
N PHE C 263 13.10 50.92 -18.72
CA PHE C 263 11.83 50.75 -18.03
C PHE C 263 11.79 49.38 -17.35
N ASP C 264 10.74 49.20 -16.57
CA ASP C 264 10.47 47.97 -15.84
C ASP C 264 9.37 47.20 -16.55
N TYR C 265 9.65 45.93 -16.84
CA TYR C 265 8.77 45.04 -17.57
C TYR C 265 8.42 43.88 -16.68
N LEU C 266 7.14 43.74 -16.34
CA LEU C 266 6.69 42.60 -15.55
C LEU C 266 5.67 41.85 -16.41
N ALA C 267 6.09 40.74 -16.99
CA ALA C 267 5.21 39.92 -17.82
C ALA C 267 4.36 39.00 -16.96
N GLU C 268 3.21 38.59 -17.50
CA GLU C 268 2.38 37.59 -16.86
C GLU C 268 2.84 36.16 -17.15
N ALA C 269 3.58 35.97 -18.23
CA ALA C 269 4.00 34.66 -18.71
C ALA C 269 5.44 34.74 -19.16
N LEU C 270 6.07 33.58 -19.26
CA LEU C 270 7.41 33.40 -19.77
C LEU C 270 7.36 33.03 -21.24
N PRO C 271 8.43 33.26 -21.99
CA PRO C 271 8.47 32.76 -23.37
C PRO C 271 8.51 31.25 -23.35
N TYR C 272 8.06 30.65 -24.44
CA TYR C 272 8.10 29.20 -24.57
C TYR C 272 9.50 28.75 -24.93
N PRO C 273 10.13 27.87 -24.15
CA PRO C 273 11.48 27.41 -24.45
C PRO C 273 11.49 26.22 -25.39
N LEU C 274 12.44 26.25 -26.34
CA LEU C 274 12.57 25.21 -27.36
C LEU C 274 13.94 24.53 -27.20
N ASP C 275 13.92 23.23 -27.01
CA ASP C 275 15.14 22.44 -26.89
C ASP C 275 15.81 22.28 -28.25
N THR C 276 17.11 22.60 -28.33
CA THR C 276 17.86 22.51 -29.59
C THR C 276 18.63 21.20 -29.75
N ILE C 277 18.53 20.29 -28.79
CA ILE C 277 19.22 19.01 -28.85
C ILE C 277 18.27 17.97 -29.42
N ALA C 278 18.79 17.14 -30.33
CA ALA C 278 18.05 16.00 -30.87
C ALA C 278 18.08 14.86 -29.85
N ARG C 279 17.13 14.88 -28.92
CA ARG C 279 17.13 13.91 -27.82
C ARG C 279 16.51 12.59 -28.24
N GLY C 280 17.17 11.50 -27.86
CA GLY C 280 16.61 10.18 -28.12
C GLY C 280 17.50 9.30 -28.96
N TRP C 281 17.38 7.99 -28.77
CA TRP C 281 18.15 7.06 -29.57
C TRP C 281 17.73 7.20 -31.02
N GLY C 282 18.68 7.52 -31.88
CA GLY C 282 18.34 7.69 -33.28
C GLY C 282 17.72 9.02 -33.64
N SER C 283 17.64 9.96 -32.71
CA SER C 283 17.04 11.25 -33.00
C SER C 283 17.92 12.04 -33.96
N LYS C 284 17.27 12.79 -34.87
CA LYS C 284 17.98 13.65 -35.82
C LYS C 284 17.49 15.10 -35.82
N LYS C 285 16.31 15.40 -35.27
CA LYS C 285 15.79 16.75 -35.25
C LYS C 285 15.33 17.09 -33.84
N SER C 286 15.48 18.36 -33.46
CA SER C 286 15.17 18.81 -32.11
C SER C 286 13.77 19.44 -32.05
N GLN C 287 13.29 19.64 -30.82
CA GLN C 287 12.05 20.38 -30.60
C GLN C 287 12.06 21.72 -31.35
N ALA C 288 13.20 22.42 -31.32
CA ALA C 288 13.33 23.76 -31.88
C ALA C 288 13.06 23.79 -33.37
N GLU C 289 13.28 22.66 -34.03
CA GLU C 289 13.02 22.53 -35.44
C GLU C 289 11.61 22.90 -35.81
N VAL C 290 10.71 22.92 -34.82
CA VAL C 290 9.32 23.28 -35.10
C VAL C 290 9.25 24.64 -35.77
N ILE C 291 10.22 25.53 -35.50
CA ILE C 291 10.10 26.89 -36.02
C ILE C 291 10.08 26.87 -37.54
N LYS C 292 10.71 25.88 -38.17
CA LYS C 292 10.86 25.78 -39.62
C LYS C 292 9.76 24.96 -40.28
N GLU C 293 8.77 24.51 -39.51
CA GLU C 293 7.74 23.63 -40.00
C GLU C 293 6.33 24.20 -39.89
N VAL C 294 6.07 24.99 -38.86
CA VAL C 294 4.79 25.65 -38.66
C VAL C 294 5.06 27.05 -38.13
N PRO C 295 4.11 27.96 -38.28
CA PRO C 295 4.36 29.33 -37.78
C PRO C 295 4.29 29.39 -36.26
N PHE C 296 5.10 28.57 -35.60
CA PHE C 296 4.99 28.43 -34.16
C PHE C 296 5.40 29.71 -33.44
N MET C 297 6.53 30.29 -33.84
CA MET C 297 7.00 31.53 -33.22
C MET C 297 5.96 32.65 -33.37
N GLU C 298 5.39 32.80 -34.56
CA GLU C 298 4.47 33.91 -34.79
C GLU C 298 3.15 33.70 -34.05
N GLU C 299 2.66 32.47 -33.98
CA GLU C 299 1.34 32.23 -33.45
C GLU C 299 1.33 32.01 -31.95
N MET C 300 2.41 31.48 -31.38
CA MET C 300 2.38 31.06 -29.97
C MET C 300 3.61 31.45 -29.18
N ASN C 301 4.64 32.01 -29.80
CA ASN C 301 5.84 32.39 -29.06
C ASN C 301 6.30 33.78 -29.48
N THR C 302 5.39 34.76 -29.42
CA THR C 302 5.70 36.16 -29.74
C THR C 302 5.66 36.99 -28.46
N GLU C 303 6.82 37.43 -28.00
CA GLU C 303 6.97 38.33 -26.87
C GLU C 303 7.48 39.66 -27.45
N LEU C 304 6.55 40.52 -27.89
CA LEU C 304 6.88 41.62 -28.79
C LEU C 304 7.31 42.87 -28.02
N LEU C 305 8.50 43.38 -28.36
CA LEU C 305 9.00 44.64 -27.85
C LEU C 305 9.01 45.66 -28.99
N LYS C 306 8.21 46.72 -28.85
CA LYS C 306 8.11 47.77 -29.84
C LYS C 306 8.46 49.10 -29.16
N VAL C 307 9.45 49.80 -29.70
CA VAL C 307 9.88 51.10 -29.17
C VAL C 307 9.92 52.13 -30.31
N THR C 308 8.95 53.03 -30.31
CA THR C 308 8.88 54.14 -31.26
C THR C 308 9.50 55.37 -30.63
N GLY C 309 10.43 55.98 -31.35
CA GLY C 309 11.10 57.11 -30.79
C GLY C 309 12.39 57.34 -31.53
N LEU C 310 13.30 58.01 -30.84
CA LEU C 310 14.56 58.38 -31.46
C LEU C 310 15.21 57.16 -32.12
N LYS C 311 16.04 57.41 -33.14
CA LYS C 311 16.52 56.33 -33.98
C LYS C 311 18.05 56.38 -34.09
N GLY C 312 18.58 55.47 -34.90
CA GLY C 312 19.99 55.14 -34.86
C GLY C 312 20.15 53.68 -34.49
N GLN C 313 21.32 53.30 -33.97
CA GLN C 313 21.58 51.91 -33.58
C GLN C 313 21.59 51.79 -32.06
N TYR C 314 20.90 50.76 -31.57
CA TYR C 314 20.73 50.57 -30.14
C TYR C 314 21.16 49.17 -29.72
N LYS C 315 21.61 49.10 -28.49
CA LYS C 315 22.03 47.88 -27.84
C LYS C 315 20.97 47.57 -26.78
N LEU C 316 20.37 46.40 -26.89
CA LEU C 316 19.35 45.96 -25.96
C LEU C 316 20.02 45.19 -24.82
N LEU C 317 19.78 45.64 -23.59
CA LEU C 317 20.16 44.89 -22.41
C LEU C 317 18.92 44.66 -21.57
N ILE C 318 18.79 43.46 -21.00
CA ILE C 318 17.70 43.14 -20.11
C ILE C 318 18.31 42.63 -18.82
N ASP C 319 17.96 43.27 -17.70
CA ASP C 319 18.60 42.99 -16.40
C ASP C 319 20.11 43.01 -16.53
N ASP C 320 20.62 43.91 -17.39
CA ASP C 320 22.03 44.18 -17.63
C ASP C 320 22.74 43.09 -18.43
N GLN C 321 22.01 42.24 -19.15
CA GLN C 321 22.64 41.24 -19.99
C GLN C 321 22.44 41.66 -21.45
N GLU C 322 23.54 41.82 -22.19
CA GLU C 322 23.41 42.30 -23.55
C GLU C 322 22.71 41.25 -24.40
N ILE C 323 21.67 41.67 -25.11
CA ILE C 323 20.89 40.76 -25.95
C ILE C 323 21.32 40.83 -27.41
N GLY C 324 21.52 42.04 -27.91
CA GLY C 324 21.91 42.24 -29.29
C GLY C 324 21.82 43.71 -29.64
N THR C 325 22.02 43.99 -30.93
CA THR C 325 21.95 45.35 -31.44
C THR C 325 20.95 45.41 -32.60
N TRP C 326 20.09 46.44 -32.59
CA TRP C 326 19.06 46.63 -33.59
C TRP C 326 19.01 48.08 -34.05
N ASP C 327 18.54 48.29 -35.28
CA ASP C 327 18.16 49.62 -35.72
C ASP C 327 16.77 49.97 -35.21
N ALA C 328 16.56 51.25 -34.89
CA ALA C 328 15.28 51.68 -34.35
C ALA C 328 14.13 51.54 -35.34
N ALA C 329 14.41 51.37 -36.63
CA ALA C 329 13.38 50.95 -37.56
C ALA C 329 12.86 49.56 -37.18
N ASP C 330 13.79 48.63 -36.89
CA ASP C 330 13.39 47.31 -36.41
C ASP C 330 12.62 47.42 -35.09
N LEU C 331 13.13 48.22 -34.16
CA LEU C 331 12.47 48.37 -32.87
C LEU C 331 11.05 48.93 -33.03
N ALA C 332 10.87 49.88 -33.96
CA ALA C 332 9.54 50.43 -34.21
C ALA C 332 8.63 49.43 -34.91
N LYS C 333 9.20 48.50 -35.68
CA LYS C 333 8.42 47.40 -36.24
C LYS C 333 8.07 46.37 -35.17
N GLY C 334 8.94 46.17 -34.19
CA GLY C 334 8.75 45.20 -33.13
C GLY C 334 9.74 44.07 -33.26
N ILE C 335 10.42 43.72 -32.16
CA ILE C 335 11.32 42.57 -32.14
C ILE C 335 10.74 41.54 -31.19
N ASN C 336 10.94 40.26 -31.53
CA ASN C 336 10.41 39.15 -30.75
C ASN C 336 11.46 38.74 -29.72
N LEU C 337 11.21 39.11 -28.46
CA LEU C 337 12.13 38.73 -27.38
C LEU C 337 12.15 37.22 -27.16
N ALA C 338 11.07 36.51 -27.51
CA ALA C 338 11.04 35.06 -27.37
C ALA C 338 11.99 34.35 -28.32
N ALA C 339 12.54 35.05 -29.31
CA ALA C 339 13.54 34.48 -30.19
C ALA C 339 14.97 34.80 -29.75
N GLU C 340 15.13 35.51 -28.64
CA GLU C 340 16.43 35.91 -28.11
C GLU C 340 16.74 35.06 -26.88
N SER C 341 17.46 33.96 -27.08
CA SER C 341 17.68 33.03 -25.97
C SER C 341 18.54 33.64 -24.86
N LYS C 342 19.14 34.80 -25.09
CA LYS C 342 19.92 35.43 -24.04
C LYS C 342 19.10 36.22 -23.02
N THR C 343 17.80 36.42 -23.22
CA THR C 343 17.07 37.17 -22.20
C THR C 343 17.02 36.37 -20.90
N PRO C 344 16.96 37.06 -19.75
CA PRO C 344 16.81 36.33 -18.48
C PRO C 344 15.54 35.51 -18.39
N GLN C 345 14.42 36.03 -18.92
CA GLN C 345 13.18 35.26 -18.89
C GLN C 345 13.25 34.02 -19.78
N TYR C 346 14.02 34.07 -20.88
CA TYR C 346 14.18 32.85 -21.68
C TYR C 346 15.07 31.85 -20.96
N GLN C 347 16.09 32.34 -20.25
CA GLN C 347 16.90 31.45 -19.42
C GLN C 347 16.07 30.79 -18.33
N GLN C 348 15.16 31.57 -17.72
CA GLN C 348 14.23 31.04 -16.73
C GLN C 348 13.34 29.95 -17.35
N ALA C 349 12.83 30.22 -18.55
CA ALA C 349 12.02 29.23 -19.23
C ALA C 349 12.83 27.98 -19.55
N LEU C 350 14.11 28.16 -19.92
CA LEU C 350 14.98 27.02 -20.23
C LEU C 350 15.21 26.16 -18.98
N THR C 351 15.40 26.81 -17.83
CA THR C 351 15.48 26.08 -16.56
C THR C 351 14.26 25.18 -16.38
N ILE C 352 13.07 25.77 -16.57
CA ILE C 352 11.83 25.00 -16.47
C ILE C 352 11.81 23.86 -17.49
N MET C 353 12.30 24.13 -18.70
CA MET C 353 12.27 23.13 -19.77
C MET C 353 13.12 21.92 -19.39
N HIS C 354 14.31 22.17 -18.86
CA HIS C 354 15.18 21.06 -18.47
C HIS C 354 14.57 20.26 -17.32
N LEU C 355 14.05 20.96 -16.30
CA LEU C 355 13.36 20.25 -15.22
C LEU C 355 12.23 19.37 -15.75
N ASN C 356 11.47 19.90 -16.71
CA ASN C 356 10.35 19.17 -17.29
C ASN C 356 10.82 17.95 -18.06
N GLU C 357 11.98 18.04 -18.71
CA GLU C 357 12.53 16.88 -19.43
C GLU C 357 12.99 15.79 -18.46
N TYR C 358 13.65 16.16 -17.36
CA TYR C 358 14.00 15.18 -16.33
C TYR C 358 12.75 14.46 -15.83
N ARG C 359 11.70 15.25 -15.56
CA ARG C 359 10.43 14.67 -15.15
C ARG C 359 9.92 13.68 -16.18
N TRP C 360 9.98 14.08 -17.46
CA TRP C 360 9.51 13.20 -18.53
C TRP C 360 10.25 11.87 -18.54
N GLU C 361 11.57 11.88 -18.31
CA GLU C 361 12.34 10.62 -18.29
C GLU C 361 11.89 9.72 -17.13
N LEU C 362 11.73 10.30 -15.94
CA LEU C 362 11.21 9.51 -14.82
C LEU C 362 9.84 8.91 -15.17
N GLU C 363 8.96 9.71 -15.76
CA GLU C 363 7.64 9.19 -16.10
C GLU C 363 7.76 8.04 -17.10
N ARG C 364 8.72 8.12 -18.02
CA ARG C 364 8.92 7.03 -18.96
C ARG C 364 9.26 5.73 -18.24
N THR C 365 10.02 5.81 -17.14
CA THR C 365 10.27 4.57 -16.38
C THR C 365 8.96 4.00 -15.81
N PHE C 366 8.05 4.88 -15.39
CA PHE C 366 6.75 4.33 -14.99
C PHE C 366 6.02 3.66 -16.17
N ARG C 367 6.23 4.17 -17.39
CA ARG C 367 5.58 3.56 -18.56
C ARG C 367 6.21 2.19 -18.88
N GLU C 368 7.51 2.04 -18.65
CA GLU C 368 8.11 0.72 -18.79
C GLU C 368 7.52 -0.26 -17.79
N TYR C 369 7.31 0.21 -16.55
CA TYR C 369 6.68 -0.66 -15.57
C TYR C 369 5.27 -1.03 -16.01
N ALA C 370 4.53 -0.06 -16.55
CA ALA C 370 3.18 -0.32 -17.06
C ALA C 370 3.19 -1.35 -18.17
N TRP C 371 4.18 -1.26 -19.08
CA TRP C 371 4.27 -2.30 -20.10
C TRP C 371 4.48 -3.66 -19.45
N CYS C 372 5.35 -3.74 -18.44
CA CYS C 372 5.51 -5.03 -17.77
C CYS C 372 4.17 -5.53 -17.23
N GLN C 373 3.38 -4.62 -16.67
CA GLN C 373 2.16 -5.06 -15.98
C GLN C 373 1.09 -5.48 -16.98
N PHE C 374 0.77 -4.63 -17.96
CA PHE C 374 -0.31 -4.94 -18.87
C PHE C 374 0.12 -5.68 -20.13
N GLY C 375 1.38 -5.54 -20.56
CA GLY C 375 1.88 -6.26 -21.72
C GLY C 375 2.44 -7.64 -21.42
N PHE C 376 2.63 -7.99 -20.16
CA PHE C 376 3.06 -9.35 -19.83
C PHE C 376 2.29 -9.97 -18.66
N PHE C 377 2.28 -9.32 -17.50
CA PHE C 377 1.77 -9.98 -16.29
C PHE C 377 0.25 -10.18 -16.31
N GLN C 378 -0.50 -9.24 -16.92
CA GLN C 378 -1.95 -9.37 -16.94
C GLN C 378 -2.38 -10.68 -17.58
N GLN C 379 -1.75 -11.04 -18.70
CA GLN C 379 -2.11 -12.26 -19.39
C GLN C 379 -1.76 -13.50 -18.57
N LYS C 380 -0.91 -13.37 -17.55
CA LYS C 380 -0.53 -14.47 -16.67
C LYS C 380 -1.31 -14.49 -15.36
N GLY C 381 -2.38 -13.69 -15.25
CA GLY C 381 -3.12 -13.62 -14.01
C GLY C 381 -2.36 -13.02 -12.85
N LEU C 382 -1.39 -12.16 -13.13
CA LEU C 382 -0.51 -11.60 -12.11
C LEU C 382 -0.41 -10.09 -12.23
N LEU C 383 -1.44 -9.45 -12.80
CA LEU C 383 -1.48 -7.99 -12.87
C LEU C 383 -1.37 -7.40 -11.47
N PHE C 384 -0.34 -6.57 -11.27
CA PHE C 384 -0.05 -5.89 -10.01
C PHE C 384 0.29 -6.85 -8.86
N ALA C 385 0.59 -8.13 -9.14
CA ALA C 385 0.96 -9.04 -8.06
C ALA C 385 2.24 -8.59 -7.37
N ASN C 386 3.27 -8.26 -8.16
CA ASN C 386 4.53 -7.70 -7.68
C ASN C 386 5.10 -8.53 -6.51
N ASP C 387 5.13 -9.84 -6.69
CA ASP C 387 5.50 -10.73 -5.60
C ASP C 387 6.37 -11.86 -6.15
N ARG C 388 6.57 -12.89 -5.34
CA ARG C 388 7.46 -13.98 -5.74
C ARG C 388 6.90 -14.73 -6.95
N LYS C 389 5.58 -14.92 -7.03
CA LYS C 389 5.01 -15.57 -8.21
C LYS C 389 5.24 -14.74 -9.47
N ALA C 390 5.19 -13.41 -9.35
CA ALA C 390 5.51 -12.55 -10.48
C ALA C 390 6.96 -12.75 -10.93
N ILE C 391 7.89 -12.74 -9.97
CA ILE C 391 9.30 -12.98 -10.27
C ILE C 391 9.48 -14.33 -10.97
N GLU C 392 8.83 -15.37 -10.46
CA GLU C 392 9.00 -16.71 -11.00
C GLU C 392 8.51 -16.78 -12.44
N VAL C 393 7.30 -16.27 -12.71
CA VAL C 393 6.78 -16.37 -14.07
C VAL C 393 7.59 -15.53 -15.03
N MET C 394 8.01 -14.33 -14.60
CA MET C 394 8.91 -13.55 -15.45
C MET C 394 10.20 -14.29 -15.76
N ASP C 395 10.81 -14.91 -14.75
CA ASP C 395 12.03 -15.69 -14.97
C ASP C 395 11.79 -16.83 -15.94
N GLU C 396 10.64 -17.49 -15.81
CA GLU C 396 10.27 -18.57 -16.72
C GLU C 396 10.09 -18.08 -18.15
N ASN C 397 9.84 -16.79 -18.37
CA ASN C 397 9.55 -16.33 -19.72
C ASN C 397 10.63 -15.46 -20.36
N VAL C 398 11.64 -15.03 -19.63
CA VAL C 398 12.54 -14.03 -20.23
C VAL C 398 13.34 -14.61 -21.39
N GLU C 399 13.60 -15.91 -21.39
CA GLU C 399 14.43 -16.50 -22.45
C GLU C 399 13.71 -16.64 -23.78
N LYS C 400 12.37 -16.54 -23.82
CA LYS C 400 11.64 -16.58 -25.08
C LYS C 400 10.88 -15.28 -25.32
N ASN C 401 11.29 -14.20 -24.66
CA ASN C 401 10.63 -12.90 -24.74
C ASN C 401 11.73 -11.84 -24.59
N MET C 402 12.34 -11.48 -25.72
CA MET C 402 13.47 -10.55 -25.71
C MET C 402 13.11 -9.25 -25.01
N TRP C 403 11.90 -8.76 -25.26
CA TRP C 403 11.46 -7.49 -24.69
C TRP C 403 11.29 -7.57 -23.19
N LEU C 404 10.75 -8.67 -22.70
CA LEU C 404 10.64 -8.83 -21.25
C LEU C 404 12.01 -8.96 -20.61
N LYS C 405 12.95 -9.65 -21.28
CA LYS C 405 14.30 -9.76 -20.73
C LYS C 405 14.94 -8.39 -20.63
N GLY C 406 14.70 -7.55 -21.64
CA GLY C 406 15.21 -6.20 -21.61
C GLY C 406 14.60 -5.35 -20.51
N ARG C 407 13.41 -5.71 -20.04
CA ARG C 407 12.81 -4.91 -18.99
C ARG C 407 12.92 -5.52 -17.60
N ARG C 408 13.57 -6.69 -17.47
CA ARG C 408 13.59 -7.39 -16.18
C ARG C 408 14.27 -6.58 -15.08
N ASP C 409 15.40 -5.93 -15.38
CA ASP C 409 16.07 -5.11 -14.38
C ASP C 409 15.18 -3.95 -13.89
N LEU C 410 14.59 -3.21 -14.83
CA LEU C 410 13.68 -2.15 -14.44
C LEU C 410 12.54 -2.70 -13.60
N TYR C 411 11.96 -3.83 -14.00
CA TYR C 411 10.83 -4.37 -13.23
C TYR C 411 11.25 -4.82 -11.84
N SER C 412 12.45 -5.39 -11.71
CA SER C 412 12.94 -5.83 -10.41
C SER C 412 13.10 -4.64 -9.47
N LYS C 413 13.32 -3.45 -10.02
CA LYS C 413 13.28 -2.27 -9.15
C LYS C 413 11.84 -1.78 -8.93
N MET C 414 11.10 -1.59 -10.02
CA MET C 414 9.80 -0.92 -9.96
C MET C 414 8.70 -1.79 -9.39
N MET C 415 8.92 -3.09 -9.23
CA MET C 415 7.91 -3.92 -8.58
C MET C 415 7.69 -3.55 -7.12
N PHE C 416 8.63 -2.84 -6.50
CA PHE C 416 8.48 -2.46 -5.10
C PHE C 416 7.67 -1.18 -4.98
N LYS C 417 6.62 -1.24 -4.15
CA LYS C 417 5.79 -0.07 -3.90
C LYS C 417 6.60 1.10 -3.36
N GLU C 418 7.56 0.83 -2.47
CA GLU C 418 8.32 1.94 -1.90
C GLU C 418 9.15 2.65 -2.96
N ILE C 419 9.63 1.90 -3.96
CA ILE C 419 10.39 2.52 -5.03
C ILE C 419 9.48 3.33 -5.94
N ARG C 420 8.30 2.80 -6.27
CA ARG C 420 7.35 3.60 -7.04
C ARG C 420 7.01 4.89 -6.29
N ASP C 421 6.83 4.80 -4.97
CA ASP C 421 6.57 5.99 -4.16
C ASP C 421 7.72 6.99 -4.24
N ALA C 422 8.95 6.52 -4.06
CA ALA C 422 10.08 7.45 -4.08
C ALA C 422 10.22 8.11 -5.45
N ARG C 423 10.01 7.33 -6.51
CA ARG C 423 10.21 7.86 -7.85
C ARG C 423 9.11 8.84 -8.21
N GLU C 424 7.88 8.58 -7.77
CA GLU C 424 6.82 9.56 -7.90
C GLU C 424 7.15 10.82 -7.12
N GLN C 425 7.70 10.64 -5.92
CA GLN C 425 8.11 11.78 -5.10
C GLN C 425 9.16 12.61 -5.82
N GLU C 426 10.06 11.94 -6.54
CA GLU C 426 11.06 12.66 -7.34
C GLU C 426 10.41 13.48 -8.44
N MET C 427 9.45 12.87 -9.15
CA MET C 427 8.71 13.63 -10.16
C MET C 427 8.05 14.85 -9.53
N ASP C 428 7.47 14.68 -8.34
CA ASP C 428 6.81 15.81 -7.66
C ASP C 428 7.83 16.86 -7.23
N VAL C 429 9.04 16.46 -6.86
CA VAL C 429 10.08 17.43 -6.59
C VAL C 429 10.26 18.34 -7.81
N LEU C 430 10.36 17.72 -8.99
CA LEU C 430 10.58 18.51 -10.20
C LEU C 430 9.39 19.41 -10.52
N ILE C 431 8.17 18.87 -10.40
CA ILE C 431 6.97 19.65 -10.71
C ILE C 431 6.83 20.82 -9.75
N SER C 432 7.07 20.58 -8.46
CA SER C 432 7.03 21.64 -7.47
C SER C 432 8.06 22.72 -7.79
N LYS C 433 9.28 22.34 -8.15
CA LYS C 433 10.27 23.34 -8.49
C LYS C 433 9.81 24.18 -9.66
N ILE C 434 9.28 23.53 -10.71
CA ILE C 434 8.80 24.24 -11.87
C ILE C 434 7.77 25.29 -11.46
N TYR C 435 6.76 24.89 -10.71
CA TYR C 435 5.71 25.84 -10.36
C TYR C 435 6.13 26.79 -9.25
N GLU C 436 7.33 26.62 -8.72
CA GLU C 436 7.91 27.60 -7.83
C GLU C 436 8.75 28.64 -8.56
N ILE C 437 9.41 28.27 -9.65
CA ILE C 437 10.32 29.20 -10.32
C ILE C 437 9.74 29.75 -11.62
N ASN C 438 8.46 29.47 -11.91
CA ASN C 438 7.94 29.87 -13.21
C ASN C 438 7.25 31.24 -13.18
N LYS C 439 7.31 31.95 -12.07
CA LYS C 439 6.69 33.26 -12.00
C LYS C 439 7.63 34.31 -12.58
N PRO C 440 7.22 35.05 -13.61
CA PRO C 440 8.08 36.12 -14.12
C PRO C 440 8.38 37.15 -13.03
N VAL C 441 9.59 37.69 -13.07
CA VAL C 441 9.99 38.76 -12.17
C VAL C 441 10.15 40.06 -12.98
N VAL C 442 10.22 41.18 -12.26
CA VAL C 442 10.43 42.45 -12.92
C VAL C 442 11.79 42.43 -13.62
N ARG C 443 11.79 42.70 -14.92
CA ARG C 443 13.02 42.75 -15.71
C ARG C 443 13.30 44.19 -16.13
N LYS C 444 14.57 44.57 -16.01
CA LYS C 444 15.00 45.93 -16.29
C LYS C 444 15.45 45.99 -17.74
N ILE C 445 14.66 46.66 -18.59
CA ILE C 445 14.99 46.75 -20.01
C ILE C 445 15.66 48.09 -20.28
N VAL C 446 16.76 48.06 -21.03
CA VAL C 446 17.54 49.24 -21.38
C VAL C 446 17.84 49.19 -22.87
N LEU C 447 17.63 50.32 -23.55
CA LEU C 447 18.08 50.51 -24.91
C LEU C 447 19.13 51.62 -24.87
N ARG C 448 20.38 51.23 -25.10
CA ARG C 448 21.52 52.12 -25.03
C ARG C 448 21.95 52.41 -26.47
N LYS C 449 21.94 53.67 -26.87
CA LYS C 449 22.29 53.96 -28.26
C LYS C 449 23.80 54.01 -28.40
N ILE C 450 24.29 53.61 -29.58
CA ILE C 450 25.74 53.43 -29.76
C ILE C 450 26.32 54.55 -30.59
N GLY D 5 36.37 -13.76 10.83
CA GLY D 5 36.85 -12.41 11.10
C GLY D 5 38.33 -12.33 11.47
N ALA D 6 39.09 -11.50 10.76
CA ALA D 6 40.54 -11.50 10.88
C ALA D 6 41.04 -10.61 12.02
N GLY D 7 40.18 -10.41 13.03
CA GLY D 7 40.61 -10.00 14.35
C GLY D 7 40.82 -8.50 14.53
N ALA D 8 41.17 -8.17 15.77
CA ALA D 8 41.35 -6.78 16.19
C ALA D 8 42.48 -6.10 15.42
N GLY D 9 43.51 -6.84 15.03
CA GLY D 9 44.56 -6.22 14.26
C GLY D 9 44.10 -5.73 12.90
N ALA D 10 42.96 -6.21 12.42
CA ALA D 10 42.47 -5.75 11.13
C ALA D 10 41.75 -4.41 11.22
N GLN D 11 41.32 -3.97 12.40
CA GLN D 11 40.66 -2.69 12.50
C GLN D 11 41.70 -1.58 12.61
N THR D 12 41.80 -0.74 11.57
CA THR D 12 42.70 0.41 11.61
C THR D 12 41.95 1.73 11.43
N VAL D 13 40.63 1.69 11.23
CA VAL D 13 39.82 2.86 10.93
C VAL D 13 38.58 2.82 11.81
N LYS D 14 38.31 3.90 12.53
CA LYS D 14 37.12 3.92 13.39
C LYS D 14 35.87 3.90 12.52
N PRO D 15 34.83 3.19 12.91
CA PRO D 15 33.59 3.24 12.12
C PRO D 15 32.98 4.62 12.13
N PHE D 16 32.18 4.88 11.10
CA PHE D 16 31.39 6.09 11.06
C PHE D 16 30.30 6.01 12.12
N LYS D 17 29.86 7.17 12.59
CA LYS D 17 28.83 7.26 13.60
C LYS D 17 27.73 8.21 13.09
N GLU D 18 26.62 8.25 13.84
CA GLU D 18 25.46 9.01 13.42
C GLU D 18 25.81 10.48 13.11
N GLY D 19 25.36 10.95 11.96
CA GLY D 19 25.62 12.31 11.57
C GLY D 19 26.93 12.53 10.85
N ASP D 20 27.74 11.48 10.65
CA ASP D 20 29.00 11.66 9.93
C ASP D 20 28.73 12.03 8.47
N ARG D 21 29.65 12.81 7.92
CA ARG D 21 29.68 13.16 6.51
C ARG D 21 31.02 12.66 6.00
N ALA D 22 31.01 11.46 5.41
CA ALA D 22 32.20 10.75 4.98
C ALA D 22 32.41 11.00 3.49
N VAL D 23 33.47 11.73 3.15
CA VAL D 23 33.79 12.08 1.77
C VAL D 23 34.97 11.24 1.31
N PHE D 24 34.82 10.59 0.15
CA PHE D 24 35.87 9.78 -0.45
C PHE D 24 36.51 10.54 -1.60
N LEU D 25 37.66 11.15 -1.35
CA LEU D 25 38.37 11.90 -2.37
C LEU D 25 39.20 10.96 -3.23
N GLY D 26 39.06 11.07 -4.54
CA GLY D 26 39.80 10.14 -5.37
C GLY D 26 39.85 10.54 -6.82
N ASN D 27 40.24 9.59 -7.65
CA ASN D 27 40.35 9.79 -9.09
C ASN D 27 39.18 9.06 -9.76
N SER D 28 39.40 8.52 -10.97
CA SER D 28 38.31 7.90 -11.73
C SER D 28 37.81 6.62 -11.08
N ILE D 29 38.66 5.92 -10.34
CA ILE D 29 38.21 4.74 -9.62
C ILE D 29 37.11 5.12 -8.64
N THR D 30 37.29 6.26 -7.98
CA THR D 30 36.27 6.79 -7.08
C THR D 30 35.10 7.36 -7.88
N ASP D 31 35.41 8.20 -8.87
CA ASP D 31 34.40 8.95 -9.61
C ASP D 31 33.34 8.05 -10.22
N GLY D 32 33.77 7.07 -11.02
CA GLY D 32 32.86 6.20 -11.73
C GLY D 32 32.56 4.87 -11.07
N GLY D 33 33.12 4.61 -9.89
CA GLY D 33 32.96 3.35 -9.23
C GLY D 33 31.99 3.43 -8.05
N ARG D 34 31.77 2.29 -7.42
CA ARG D 34 30.70 2.16 -6.43
C ARG D 34 31.17 1.77 -5.04
N TYR D 35 32.48 1.70 -4.77
CA TYR D 35 32.91 1.23 -3.45
C TYR D 35 32.29 2.07 -2.34
N HIS D 36 32.25 3.38 -2.51
CA HIS D 36 31.68 4.25 -1.48
C HIS D 36 30.18 4.03 -1.35
N SER D 37 29.51 3.79 -2.48
CA SER D 37 28.10 3.45 -2.46
C SER D 37 27.86 2.11 -1.74
N PHE D 38 28.75 1.14 -1.97
CA PHE D 38 28.64 -0.18 -1.33
C PHE D 38 28.90 -0.08 0.18
N ILE D 39 29.82 0.78 0.58
CA ILE D 39 30.07 1.04 1.99
C ILE D 39 28.85 1.67 2.65
N TRP D 40 28.30 2.71 2.01
CA TRP D 40 27.10 3.35 2.54
C TRP D 40 25.95 2.36 2.61
N LEU D 41 25.81 1.49 1.62
CA LEU D 41 24.78 0.47 1.64
C LEU D 41 24.94 -0.43 2.86
N TYR D 42 26.18 -0.75 3.20
CA TYR D 42 26.40 -1.51 4.44
C TYR D 42 25.86 -0.76 5.63
N TYR D 43 26.18 0.52 5.75
CA TYR D 43 25.69 1.25 6.92
C TYR D 43 24.17 1.41 6.89
N MET D 44 23.56 1.45 5.70
CA MET D 44 22.11 1.65 5.66
C MET D 44 21.39 0.41 6.10
N THR D 45 21.96 -0.77 5.84
CA THR D 45 21.27 -1.99 6.22
C THR D 45 21.71 -2.54 7.57
N ARG D 46 23.00 -2.47 7.92
CA ARG D 46 23.50 -3.00 9.19
C ARG D 46 23.22 -2.07 10.37
N PHE D 47 23.25 -0.75 10.18
CA PHE D 47 22.99 0.22 11.25
C PHE D 47 21.83 1.11 10.81
N PRO D 48 20.62 0.54 10.66
CA PRO D 48 19.53 1.30 10.05
C PRO D 48 19.08 2.52 10.84
N ASN D 49 19.35 2.58 12.15
CA ASN D 49 18.98 3.71 12.98
C ASN D 49 20.13 4.67 13.21
N MET D 50 21.23 4.55 12.47
CA MET D 50 22.40 5.40 12.62
C MET D 50 22.66 6.08 11.28
N PRO D 51 21.89 7.10 10.94
CA PRO D 51 22.03 7.71 9.62
C PRO D 51 23.35 8.42 9.47
N ILE D 52 23.96 8.22 8.30
CA ILE D 52 25.16 8.91 7.89
C ILE D 52 24.96 9.37 6.45
N ARG D 53 25.96 10.10 5.95
CA ARG D 53 25.95 10.52 4.57
C ARG D 53 27.35 10.34 3.98
N VAL D 54 27.40 9.63 2.85
CA VAL D 54 28.63 9.38 2.11
C VAL D 54 28.64 10.21 0.83
N PHE D 55 29.82 10.71 0.48
CA PHE D 55 30.03 11.56 -0.69
C PHE D 55 31.09 10.97 -1.60
N ASN D 56 30.74 10.86 -2.88
CA ASN D 56 31.71 10.63 -3.94
C ASN D 56 32.48 11.94 -4.19
N GLY D 57 33.79 11.94 -3.97
CA GLY D 57 34.63 13.08 -4.28
C GLY D 57 35.72 12.69 -5.26
N GLY D 58 35.36 11.86 -6.22
CA GLY D 58 36.27 11.46 -7.27
C GLY D 58 36.03 12.31 -8.50
N ILE D 59 37.11 12.58 -9.22
CA ILE D 59 37.04 13.16 -10.56
C ILE D 59 37.99 12.38 -11.43
N GLY D 60 37.50 11.87 -12.56
CA GLY D 60 38.34 11.07 -13.43
C GLY D 60 39.55 11.85 -13.90
N GLY D 61 40.70 11.16 -13.95
CA GLY D 61 41.92 11.74 -14.44
C GLY D 61 42.78 12.46 -13.42
N ASP D 62 42.27 12.72 -12.21
CA ASP D 62 43.01 13.54 -11.25
C ASP D 62 44.30 12.87 -10.79
N THR D 63 45.30 13.70 -10.52
CA THR D 63 46.46 13.33 -9.74
C THR D 63 46.35 14.08 -8.43
N ALA D 64 47.38 13.99 -7.60
CA ALA D 64 47.34 14.76 -6.35
C ALA D 64 47.27 16.26 -6.61
N TYR D 65 47.81 16.73 -7.73
CA TYR D 65 47.77 18.16 -8.07
C TYR D 65 46.33 18.64 -8.30
N ASP D 66 45.52 17.84 -9.00
CA ASP D 66 44.15 18.26 -9.27
C ASP D 66 43.29 18.20 -8.00
N MET D 67 43.44 17.11 -7.23
CA MET D 67 42.76 17.01 -5.95
C MET D 67 43.06 18.20 -5.06
N ASN D 68 44.34 18.61 -5.00
CA ASN D 68 44.70 19.74 -4.18
C ASN D 68 44.04 21.03 -4.69
N LYS D 69 44.04 21.24 -6.02
CA LYS D 69 43.35 22.42 -6.58
C LYS D 69 41.89 22.50 -6.14
N ARG D 70 41.22 21.35 -6.01
CA ARG D 70 39.78 21.40 -5.80
C ARG D 70 39.37 21.12 -4.36
N LEU D 71 40.33 20.98 -3.44
CA LEU D 71 39.98 20.76 -2.04
C LEU D 71 38.95 21.79 -1.55
N ASP D 72 39.19 23.08 -1.80
CA ASP D 72 38.32 24.13 -1.27
C ASP D 72 36.91 24.05 -1.85
N GLY D 73 36.83 23.96 -3.18
CA GLY D 73 35.55 24.11 -3.86
C GLY D 73 34.71 22.86 -3.95
N ASP D 74 35.32 21.69 -3.78
CA ASP D 74 34.63 20.43 -4.04
C ASP D 74 34.69 19.44 -2.89
N ILE D 75 35.67 19.54 -1.99
CA ILE D 75 35.83 18.61 -0.87
C ILE D 75 35.48 19.28 0.46
N PHE D 76 36.24 20.30 0.86
CA PHE D 76 35.93 21.01 2.09
C PHE D 76 34.55 21.67 2.03
N SER D 77 34.07 22.00 0.82
CA SER D 77 32.74 22.55 0.66
C SER D 77 31.64 21.60 1.13
N LYS D 78 31.92 20.30 1.14
CA LYS D 78 30.93 19.34 1.62
C LYS D 78 30.93 19.20 3.14
N ASN D 79 31.78 19.95 3.83
CA ASN D 79 31.91 19.89 5.29
C ASN D 79 32.07 18.45 5.79
N PRO D 80 33.09 17.73 5.34
CA PRO D 80 33.28 16.36 5.80
C PRO D 80 33.62 16.34 7.29
N THR D 81 33.06 15.36 7.99
CA THR D 81 33.54 14.98 9.29
C THR D 81 34.63 13.91 9.20
N VAL D 82 34.59 13.10 8.15
CA VAL D 82 35.62 12.10 7.87
C VAL D 82 35.96 12.17 6.39
N LEU D 83 37.26 12.28 6.08
CA LEU D 83 37.74 12.41 4.71
C LEU D 83 38.71 11.29 4.41
N MET D 84 38.36 10.42 3.45
CA MET D 84 39.26 9.40 2.94
C MET D 84 39.97 9.94 1.71
N VAL D 85 41.28 9.69 1.63
CA VAL D 85 42.13 10.26 0.60
C VAL D 85 42.84 9.11 -0.10
N THR D 86 42.59 8.95 -1.40
CA THR D 86 43.21 7.91 -2.20
C THR D 86 43.63 8.51 -3.54
N PHE D 87 44.83 8.15 -4.01
CA PHE D 87 45.38 8.69 -5.26
C PHE D 87 46.59 7.87 -5.68
N GLY D 88 47.09 8.14 -6.88
CA GLY D 88 48.32 7.54 -7.35
C GLY D 88 48.21 6.78 -8.64
N MET D 89 47.03 6.26 -8.96
CA MET D 89 46.89 5.51 -10.21
C MET D 89 47.27 6.38 -11.40
N ASN D 90 46.90 7.67 -11.38
CA ASN D 90 47.31 8.54 -12.47
C ASN D 90 48.69 9.15 -12.24
N ASP D 91 48.98 9.56 -11.00
CA ASP D 91 50.28 10.17 -10.69
C ASP D 91 51.43 9.29 -11.14
N SER D 92 51.27 7.97 -11.03
CA SER D 92 52.39 7.07 -11.33
C SER D 92 52.80 7.10 -12.80
N GLY D 93 51.92 7.50 -13.71
CA GLY D 93 52.22 7.49 -15.13
C GLY D 93 51.97 6.12 -15.76
N TYR D 94 52.12 6.08 -17.08
CA TYR D 94 51.67 4.90 -17.81
C TYR D 94 52.70 4.42 -18.83
N TYR D 95 52.73 5.04 -20.02
CA TYR D 95 53.39 4.43 -21.17
C TYR D 95 54.90 4.32 -20.98
N GLU D 96 55.52 5.35 -20.37
CA GLU D 96 56.97 5.39 -20.20
C GLU D 96 57.51 4.24 -19.36
N TYR D 97 56.66 3.46 -18.69
CA TYR D 97 57.18 2.32 -17.96
C TYR D 97 57.72 1.25 -18.89
N ASN D 98 57.30 1.24 -20.15
CA ASN D 98 57.81 0.27 -21.10
C ASN D 98 58.92 0.82 -21.97
N GLY D 99 59.44 2.00 -21.65
CA GLY D 99 60.51 2.61 -22.41
C GLY D 99 61.88 2.35 -21.80
N ASP D 100 62.85 3.13 -22.28
CA ASP D 100 64.25 2.91 -21.93
C ASP D 100 64.59 3.39 -20.52
N ASN D 101 63.84 4.36 -20.00
CA ASN D 101 64.19 4.97 -18.72
C ASN D 101 63.10 4.72 -17.67
N ALA D 102 62.66 3.47 -17.54
CA ALA D 102 61.55 3.15 -16.64
C ALA D 102 61.84 3.59 -15.19
N LYS D 103 63.05 3.33 -14.70
CA LYS D 103 63.38 3.65 -13.31
C LYS D 103 63.34 5.16 -13.05
N GLU D 104 63.97 5.96 -13.92
CA GLU D 104 63.97 7.41 -13.69
C GLU D 104 62.56 7.99 -13.87
N PHE D 105 61.77 7.46 -14.81
CA PHE D 105 60.40 7.92 -14.97
C PHE D 105 59.59 7.65 -13.70
N GLY D 106 59.65 6.41 -13.20
CA GLY D 106 58.99 6.11 -11.94
C GLY D 106 59.42 7.06 -10.84
N GLU D 107 60.72 7.35 -10.76
CA GLU D 107 61.23 8.19 -9.69
C GLU D 107 60.71 9.62 -9.81
N GLN D 108 60.67 10.16 -11.04
CA GLN D 108 60.15 11.51 -11.21
C GLN D 108 58.67 11.60 -10.91
N LYS D 109 57.91 10.57 -11.32
CA LYS D 109 56.48 10.61 -11.07
C LYS D 109 56.20 10.52 -9.57
N TYR D 110 56.95 9.66 -8.88
CA TYR D 110 56.83 9.55 -7.43
C TYR D 110 57.12 10.88 -6.75
N GLN D 111 58.20 11.56 -7.18
CA GLN D 111 58.57 12.82 -6.54
C GLN D 111 57.52 13.90 -6.77
N GLU D 112 57.03 14.01 -8.02
CA GLU D 112 55.99 14.99 -8.32
C GLU D 112 54.75 14.73 -7.46
N SER D 113 54.38 13.45 -7.35
CA SER D 113 53.16 13.07 -6.64
C SER D 113 53.26 13.43 -5.18
N ILE D 114 54.39 13.09 -4.53
CA ILE D 114 54.43 13.37 -3.09
C ILE D 114 54.55 14.87 -2.83
N LYS D 115 55.14 15.63 -3.77
CA LYS D 115 55.16 17.08 -3.61
C LYS D 115 53.75 17.67 -3.56
N ASN D 116 52.90 17.24 -4.52
CA ASN D 116 51.51 17.71 -4.51
C ASN D 116 50.75 17.20 -3.29
N PHE D 117 50.95 15.94 -2.92
CA PHE D 117 50.33 15.40 -1.71
C PHE D 117 50.74 16.20 -0.49
N GLN D 118 51.97 16.71 -0.45
CA GLN D 118 52.43 17.49 0.70
C GLN D 118 51.65 18.79 0.82
N GLN D 119 51.33 19.41 -0.32
CA GLN D 119 50.40 20.55 -0.27
C GLN D 119 49.07 20.13 0.39
N MET D 120 48.50 19.03 -0.09
CA MET D 120 47.25 18.54 0.52
C MET D 120 47.45 18.24 2.01
N GLU D 121 48.60 17.69 2.36
CA GLU D 121 48.89 17.28 3.73
C GLU D 121 48.83 18.50 4.66
N LYS D 122 49.45 19.60 4.24
CA LYS D 122 49.34 20.88 4.96
C LYS D 122 47.88 21.28 5.16
N ARG D 123 47.08 21.18 4.10
CA ARG D 123 45.67 21.53 4.26
C ARG D 123 44.96 20.61 5.25
N PHE D 124 45.24 19.30 5.17
CA PHE D 124 44.60 18.34 6.06
C PHE D 124 44.97 18.58 7.52
N LYS D 125 46.24 18.91 7.77
CA LYS D 125 46.71 19.18 9.12
C LYS D 125 46.02 20.42 9.69
N GLU D 126 45.58 21.35 8.83
CA GLU D 126 44.91 22.51 9.44
C GLU D 126 43.41 22.31 9.73
N LEU D 127 42.78 21.20 9.33
CA LEU D 127 41.33 21.09 9.50
C LEU D 127 40.94 20.89 10.97
N PRO D 128 39.97 21.67 11.48
CA PRO D 128 39.64 21.60 12.90
C PRO D 128 38.83 20.38 13.34
N HIS D 129 37.90 19.92 12.51
CA HIS D 129 36.99 18.83 12.90
C HIS D 129 36.76 17.86 11.74
N THR D 130 37.84 17.35 11.16
CA THR D 130 37.74 16.34 10.10
C THR D 130 38.74 15.24 10.38
N ARG D 131 38.22 14.05 10.63
CA ARG D 131 39.03 12.86 10.76
C ARG D 131 39.62 12.48 9.40
N ILE D 132 40.95 12.33 9.36
CA ILE D 132 41.67 12.07 8.10
C ILE D 132 42.01 10.58 7.98
N VAL D 133 41.68 9.98 6.84
CA VAL D 133 41.94 8.57 6.62
C VAL D 133 42.70 8.42 5.31
N MET D 134 43.99 8.10 5.39
CA MET D 134 44.75 7.76 4.20
C MET D 134 44.33 6.38 3.74
N THR D 135 43.96 6.27 2.47
CA THR D 135 43.45 5.03 1.90
C THR D 135 44.28 4.64 0.68
N GLY D 136 45.09 3.59 0.80
CA GLY D 136 45.96 3.17 -0.29
C GLY D 136 45.15 2.67 -1.48
N THR D 137 45.37 3.27 -2.65
CA THR D 137 44.54 2.99 -3.82
C THR D 137 44.58 1.52 -4.23
N SER D 138 43.49 1.09 -4.84
CA SER D 138 43.46 -0.20 -5.52
C SER D 138 44.60 -0.24 -6.52
N PRO D 139 45.09 -1.42 -6.89
CA PRO D 139 46.35 -1.52 -7.64
C PRO D 139 46.16 -1.57 -9.16
N TYR D 140 47.27 -1.30 -9.85
CA TYR D 140 47.41 -1.62 -11.27
C TYR D 140 47.79 -3.10 -11.40
N ASP D 141 46.97 -3.88 -12.10
CA ASP D 141 47.16 -5.34 -12.18
C ASP D 141 48.19 -5.69 -13.24
N GLU D 142 49.42 -5.99 -12.80
CA GLU D 142 50.47 -6.30 -13.75
C GLU D 142 50.50 -7.77 -14.14
N THR D 143 49.81 -8.63 -13.40
CA THR D 143 49.95 -10.08 -13.60
C THR D 143 48.81 -10.74 -14.36
N ALA D 144 47.64 -10.10 -14.47
CA ALA D 144 46.53 -10.73 -15.17
C ALA D 144 46.87 -10.93 -16.64
N GLN D 145 46.47 -12.06 -17.19
CA GLN D 145 46.71 -12.29 -18.61
C GLN D 145 45.49 -11.78 -19.37
N ILE D 146 45.51 -10.48 -19.72
CA ILE D 146 44.48 -9.86 -20.53
C ILE D 146 45.10 -9.66 -21.90
N LYS D 147 44.65 -10.46 -22.86
CA LYS D 147 45.24 -10.42 -24.18
C LYS D 147 44.80 -9.14 -24.90
N ASP D 148 45.75 -8.52 -25.58
CA ASP D 148 45.64 -7.24 -26.26
C ASP D 148 45.66 -6.08 -25.28
N ASN D 149 46.00 -6.31 -24.01
CA ASN D 149 46.22 -5.21 -23.08
C ASN D 149 47.67 -5.29 -22.59
N THR D 150 48.48 -4.32 -22.97
CA THR D 150 49.91 -4.39 -22.66
C THR D 150 50.16 -3.83 -21.27
N VAL D 151 51.00 -4.54 -20.51
CA VAL D 151 51.26 -4.21 -19.11
C VAL D 151 52.25 -3.07 -19.07
N PHE D 152 51.92 -2.04 -18.27
CA PHE D 152 52.92 -1.03 -17.95
C PHE D 152 53.77 -1.57 -16.80
N LYS D 153 54.94 -2.08 -17.15
CA LYS D 153 55.72 -2.89 -16.25
C LYS D 153 56.22 -2.06 -15.07
N LYS D 154 56.02 -2.58 -13.86
CA LYS D 154 56.45 -2.02 -12.58
C LYS D 154 55.70 -0.75 -12.21
N LYS D 155 54.57 -0.46 -12.86
CA LYS D 155 53.83 0.74 -12.52
C LYS D 155 53.26 0.66 -11.10
N ASN D 156 52.81 -0.53 -10.70
CA ASN D 156 52.27 -0.68 -9.37
C ASN D 156 53.33 -0.52 -8.29
N GLU D 157 54.61 -0.68 -8.62
CA GLU D 157 55.64 -0.46 -7.61
C GLU D 157 55.76 1.03 -7.26
N THR D 158 55.64 1.90 -8.28
CA THR D 158 55.58 3.33 -7.98
C THR D 158 54.33 3.68 -7.21
N ILE D 159 53.20 3.06 -7.57
CA ILE D 159 52.01 3.27 -6.78
C ILE D 159 52.27 2.87 -5.32
N LYS D 160 52.92 1.72 -5.12
CA LYS D 160 53.19 1.23 -3.76
C LYS D 160 54.06 2.19 -2.98
N ARG D 161 55.05 2.80 -3.65
CA ARG D 161 55.87 3.83 -3.01
C ARG D 161 55.03 5.02 -2.56
N ILE D 162 54.10 5.46 -3.43
CA ILE D 162 53.22 6.57 -3.07
C ILE D 162 52.39 6.22 -1.83
N ILE D 163 51.86 5.00 -1.81
CA ILE D 163 51.04 4.57 -0.68
C ILE D 163 51.88 4.47 0.60
N GLU D 164 53.17 4.13 0.47
CA GLU D 164 54.03 4.06 1.65
C GLU D 164 54.26 5.46 2.20
N TYR D 165 54.40 6.44 1.31
CA TYR D 165 54.47 7.82 1.78
C TYR D 165 53.18 8.19 2.51
N GLN D 166 52.03 7.74 2.00
CA GLN D 166 50.76 7.96 2.72
C GLN D 166 50.78 7.34 4.10
N ARG D 167 51.25 6.09 4.18
CA ARG D 167 51.30 5.39 5.46
C ARG D 167 52.12 6.18 6.48
N GLU D 168 53.31 6.63 6.06
CA GLU D 168 54.20 7.33 6.99
C GLU D 168 53.66 8.72 7.33
N SER D 169 53.02 9.38 6.37
CA SER D 169 52.37 10.65 6.67
C SER D 169 51.29 10.47 7.73
N ALA D 170 50.47 9.42 7.59
CA ALA D 170 49.42 9.18 8.56
C ALA D 170 50.01 8.90 9.94
N ALA D 171 51.09 8.09 9.99
CA ALA D 171 51.74 7.82 11.27
C ALA D 171 52.27 9.10 11.90
N ARG D 172 52.91 9.96 11.10
CA ARG D 172 53.46 11.21 11.61
C ARG D 172 52.39 12.14 12.15
N ASN D 173 51.24 12.22 11.46
CA ASN D 173 50.23 13.22 11.76
C ASN D 173 49.08 12.70 12.62
N GLY D 174 49.11 11.43 13.04
CA GLY D 174 48.06 10.91 13.89
C GLY D 174 46.80 10.54 13.14
N TRP D 175 46.92 10.20 11.85
CA TRP D 175 45.79 9.82 11.04
C TRP D 175 45.74 8.31 10.90
N GLU D 176 44.54 7.80 10.59
CA GLU D 176 44.38 6.38 10.31
C GLU D 176 44.77 6.05 8.86
N PHE D 177 45.05 4.77 8.63
CA PHE D 177 45.50 4.31 7.32
C PHE D 177 44.90 2.95 7.04
N THR D 178 44.51 2.73 5.78
CA THR D 178 44.20 1.40 5.33
C THR D 178 44.61 1.31 3.87
N ASP D 179 44.85 0.10 3.40
CA ASP D 179 45.41 -0.10 2.06
C ASP D 179 44.53 -1.07 1.31
N TRP D 180 44.11 -0.68 0.10
CA TRP D 180 43.46 -1.61 -0.81
C TRP D 180 44.46 -2.34 -1.68
N ASN D 181 45.66 -1.77 -1.85
CA ASN D 181 46.59 -2.22 -2.88
C ASN D 181 47.11 -3.62 -2.57
N ALA D 182 47.70 -3.81 -1.39
CA ALA D 182 48.25 -5.11 -1.04
C ALA D 182 47.21 -6.23 -1.00
N PRO D 183 46.08 -6.11 -0.29
CA PRO D 183 45.14 -7.24 -0.28
C PRO D 183 44.60 -7.56 -1.65
N MET D 184 44.42 -6.53 -2.48
CA MET D 184 43.87 -6.75 -3.81
C MET D 184 44.89 -7.40 -4.73
N VAL D 185 46.16 -6.99 -4.62
CA VAL D 185 47.23 -7.70 -5.34
C VAL D 185 47.25 -9.17 -4.91
N ALA D 186 47.11 -9.42 -3.60
CA ALA D 186 47.14 -10.79 -3.12
C ALA D 186 45.98 -11.61 -3.67
N ILE D 187 44.77 -11.04 -3.70
CA ILE D 187 43.64 -11.77 -4.26
C ILE D 187 43.85 -12.01 -5.75
N ASN D 188 44.35 -11.01 -6.47
CA ASN D 188 44.66 -11.20 -7.88
C ASN D 188 45.62 -12.37 -8.07
N GLN D 189 46.71 -12.41 -7.29
CA GLN D 189 47.65 -13.51 -7.42
C GLN D 189 47.00 -14.84 -7.11
N GLU D 190 46.25 -14.91 -6.00
CA GLU D 190 45.69 -16.17 -5.55
C GLU D 190 44.70 -16.75 -6.54
N LEU D 191 43.81 -15.92 -7.08
CA LEU D 191 42.83 -16.44 -8.00
C LEU D 191 43.37 -16.55 -9.42
N GLN D 192 44.44 -15.81 -9.73
CA GLN D 192 45.05 -15.95 -11.05
C GLN D 192 45.77 -17.28 -11.21
N GLN D 193 46.08 -17.97 -10.10
CA GLN D 193 46.70 -19.29 -10.20
C GLN D 193 45.87 -20.27 -11.02
N LYS D 194 44.58 -20.38 -10.72
CA LYS D 194 43.68 -21.28 -11.42
C LYS D 194 43.03 -20.68 -12.67
N ASP D 195 42.94 -19.35 -12.78
CA ASP D 195 42.44 -18.71 -13.99
C ASP D 195 43.30 -17.47 -14.24
N PRO D 196 44.25 -17.55 -15.19
CA PRO D 196 45.19 -16.44 -15.39
C PRO D 196 44.55 -15.15 -15.87
N SER D 197 43.35 -15.19 -16.42
CA SER D 197 42.69 -13.98 -16.90
C SER D 197 41.90 -13.28 -15.80
N PHE D 198 41.85 -13.85 -14.59
CA PHE D 198 41.11 -13.21 -13.51
C PHE D 198 41.76 -11.89 -13.11
N THR D 199 40.93 -10.90 -12.77
CA THR D 199 41.47 -9.68 -12.21
C THR D 199 40.39 -8.96 -11.41
N LEU D 200 40.80 -8.33 -10.31
CA LEU D 200 39.94 -7.40 -9.59
C LEU D 200 39.92 -6.03 -10.25
N CYS D 201 40.85 -5.74 -11.16
CA CYS D 201 41.03 -4.39 -11.65
C CYS D 201 40.48 -4.18 -13.06
N GLY D 202 39.41 -4.91 -13.42
CA GLY D 202 38.63 -4.65 -14.62
C GLY D 202 39.35 -5.09 -15.88
N ASN D 203 38.76 -4.72 -17.03
CA ASN D 203 39.31 -5.13 -18.33
C ASN D 203 40.61 -4.43 -18.69
N ASP D 204 40.96 -3.31 -18.03
CA ASP D 204 42.11 -2.51 -18.46
C ASP D 204 43.22 -2.44 -17.42
N ARG D 205 43.16 -3.28 -16.38
CA ARG D 205 44.13 -3.36 -15.29
C ARG D 205 44.07 -2.15 -14.36
N ILE D 206 43.20 -1.19 -14.64
CA ILE D 206 43.17 0.09 -13.95
C ILE D 206 41.87 0.29 -13.17
N HIS D 207 40.73 0.13 -13.85
CA HIS D 207 39.44 0.48 -13.30
C HIS D 207 38.70 -0.77 -12.88
N PRO D 208 38.57 -1.04 -11.58
CA PRO D 208 37.85 -2.24 -11.15
C PRO D 208 36.40 -2.19 -11.61
N ASP D 209 35.87 -3.38 -11.92
CA ASP D 209 34.46 -3.59 -12.21
C ASP D 209 33.68 -3.67 -10.89
N ASN D 210 32.38 -3.99 -10.96
CA ASN D 210 31.54 -3.96 -9.75
C ASN D 210 32.05 -4.90 -8.67
N ASP D 211 32.57 -6.07 -9.07
CA ASP D 211 33.12 -7.01 -8.10
C ASP D 211 34.32 -6.41 -7.38
N GLY D 212 35.21 -5.78 -8.14
CA GLY D 212 36.36 -5.11 -7.53
C GLY D 212 35.95 -4.03 -6.56
N HIS D 213 34.93 -3.25 -6.91
CA HIS D 213 34.45 -2.22 -6.00
C HIS D 213 33.78 -2.81 -4.76
N MET D 214 33.14 -3.97 -4.89
CA MET D 214 32.57 -4.61 -3.72
C MET D 214 33.65 -5.20 -2.82
N VAL D 215 34.73 -5.72 -3.43
CA VAL D 215 35.89 -6.13 -2.64
C VAL D 215 36.50 -4.93 -1.93
N MET D 216 36.57 -3.79 -2.62
CA MET D 216 37.10 -2.59 -1.97
C MET D 216 36.23 -2.19 -0.78
N ALA D 217 34.89 -2.23 -0.94
CA ALA D 217 34.03 -1.96 0.20
C ALA D 217 34.25 -2.97 1.30
N TYR D 218 34.34 -4.25 0.94
CA TYR D 218 34.61 -5.29 1.94
C TYR D 218 35.86 -4.97 2.73
N LEU D 219 36.94 -4.61 2.02
CA LEU D 219 38.21 -4.35 2.69
C LEU D 219 38.13 -3.13 3.59
N PHE D 220 37.42 -2.09 3.14
CA PHE D 220 37.29 -0.89 3.96
C PHE D 220 36.42 -1.16 5.19
N LEU D 221 35.40 -1.99 5.03
CA LEU D 221 34.55 -2.35 6.15
C LEU D 221 35.30 -3.20 7.16
N LYS D 222 36.19 -4.06 6.66
CA LYS D 222 37.08 -4.85 7.51
C LYS D 222 38.07 -3.94 8.24
N ALA D 223 38.57 -2.91 7.55
CA ALA D 223 39.45 -1.97 8.23
C ALA D 223 38.71 -1.22 9.32
N GLN D 224 37.38 -1.15 9.25
CA GLN D 224 36.55 -0.54 10.29
C GLN D 224 36.10 -1.55 11.34
N GLY D 225 36.58 -2.79 11.27
CA GLY D 225 36.34 -3.75 12.33
C GLY D 225 35.03 -4.51 12.24
N PHE D 226 34.43 -4.60 11.05
CA PHE D 226 33.16 -5.28 10.88
C PHE D 226 33.32 -6.72 10.42
N ALA D 227 34.52 -7.17 10.09
CA ALA D 227 34.68 -8.55 9.68
C ALA D 227 34.44 -9.47 10.88
N GLY D 228 33.55 -10.43 10.73
CA GLY D 228 33.20 -11.31 11.82
C GLY D 228 31.95 -10.93 12.59
N LYS D 229 31.34 -9.77 12.32
CA LYS D 229 30.10 -9.40 13.00
C LYS D 229 28.91 -9.87 12.18
N ASP D 230 28.02 -10.61 12.83
CA ASP D 230 26.97 -11.32 12.11
C ASP D 230 25.83 -10.36 11.92
N VAL D 231 25.05 -10.57 10.88
CA VAL D 231 23.80 -9.84 10.74
C VAL D 231 22.94 -10.10 11.98
N ALA D 232 22.75 -11.38 12.28
CA ALA D 232 22.12 -11.85 13.52
C ALA D 232 22.48 -13.32 13.66
N ASN D 233 22.38 -13.82 14.90
CA ASN D 233 22.72 -15.21 15.21
C ASN D 233 21.74 -15.76 16.24
N MET D 234 20.84 -16.63 15.79
CA MET D 234 19.81 -17.23 16.63
C MET D 234 19.97 -18.73 16.67
N GLU D 235 19.75 -19.30 17.84
CA GLU D 235 19.77 -20.73 18.09
C GLU D 235 18.55 -21.09 18.90
N ILE D 236 17.71 -21.96 18.33
CA ILE D 236 16.47 -22.43 18.93
C ILE D 236 16.60 -23.91 19.22
N ASN D 237 16.34 -24.31 20.46
CA ASN D 237 16.24 -25.72 20.79
C ASN D 237 14.78 -26.09 20.64
N ALA D 238 14.49 -27.04 19.75
CA ALA D 238 13.09 -27.38 19.49
C ALA D 238 12.44 -28.03 20.70
N ASN D 239 13.21 -28.74 21.51
CA ASN D 239 12.64 -29.40 22.67
C ASN D 239 12.38 -28.44 23.82
N LYS D 240 12.97 -27.24 23.79
CA LYS D 240 12.81 -26.23 24.82
C LYS D 240 11.95 -25.05 24.33
N LYS D 241 11.59 -24.15 25.25
CA LYS D 241 10.68 -23.05 24.90
C LYS D 241 11.35 -21.68 25.01
N GLN D 242 12.66 -21.61 25.12
CA GLN D 242 13.35 -20.34 25.06
C GLN D 242 14.51 -20.46 24.08
N ALA D 243 15.01 -19.31 23.66
CA ALA D 243 16.07 -19.27 22.67
C ALA D 243 17.41 -19.55 23.34
N VAL D 244 18.19 -20.43 22.72
CA VAL D 244 19.54 -20.69 23.23
C VAL D 244 20.43 -19.50 22.92
N LYS D 245 20.28 -18.92 21.73
CA LYS D 245 21.03 -17.72 21.34
C LYS D 245 20.13 -16.75 20.61
N ALA D 246 20.25 -15.48 20.93
CA ALA D 246 19.51 -14.42 20.27
C ALA D 246 20.42 -13.18 20.17
N GLU D 247 21.48 -13.29 19.36
CA GLU D 247 22.42 -12.20 19.16
C GLU D 247 21.99 -11.31 18.01
N GLY D 248 21.92 -10.01 18.27
CA GLY D 248 21.49 -9.05 17.28
C GLY D 248 20.03 -9.16 16.94
N CYS D 249 19.25 -9.79 17.80
CA CYS D 249 17.83 -9.96 17.51
C CYS D 249 17.10 -10.31 18.80
N THR D 250 15.79 -10.36 18.66
CA THR D 250 14.89 -10.83 19.69
C THR D 250 14.14 -12.03 19.14
N ILE D 251 14.20 -13.16 19.86
CA ILE D 251 13.39 -14.33 19.57
C ILE D 251 12.31 -14.43 20.63
N SER D 252 11.06 -14.61 20.20
CA SER D 252 9.98 -14.69 21.17
C SER D 252 8.85 -15.56 20.64
N ASN D 253 7.90 -15.84 21.55
CA ASN D 253 6.73 -16.68 21.27
C ASN D 253 7.08 -17.95 20.50
N ILE D 254 8.10 -18.65 20.98
CA ILE D 254 8.43 -19.95 20.41
C ILE D 254 7.28 -20.91 20.70
N LYS D 255 6.76 -21.52 19.65
CA LYS D 255 5.65 -22.46 19.78
C LYS D 255 5.99 -23.70 18.98
N LYS D 256 5.51 -24.83 19.47
CA LYS D 256 5.62 -26.09 18.75
C LYS D 256 4.22 -26.59 18.50
N ILE D 257 3.84 -26.76 17.25
CA ILE D 257 2.48 -27.11 16.87
C ILE D 257 2.56 -28.34 15.97
N GLY D 258 2.10 -29.47 16.49
CA GLY D 258 2.36 -30.74 15.81
C GLY D 258 3.85 -30.97 15.74
N LYS D 259 4.36 -31.20 14.54
CA LYS D 259 5.81 -31.30 14.35
C LYS D 259 6.37 -30.08 13.65
N ASP D 260 5.63 -28.99 13.62
CA ASP D 260 6.12 -27.71 13.18
C ASP D 260 6.63 -26.89 14.36
N ILE D 261 7.58 -25.99 14.07
CA ILE D 261 8.11 -25.07 15.07
C ILE D 261 8.01 -23.65 14.53
N SER D 262 7.69 -22.69 15.39
CA SER D 262 7.49 -21.32 14.92
C SER D 262 7.94 -20.34 15.99
N PHE D 263 8.39 -19.17 15.54
CA PHE D 263 8.70 -18.10 16.49
C PHE D 263 8.72 -16.76 15.78
N ASP D 264 8.81 -15.70 16.59
CA ASP D 264 8.87 -14.33 16.14
C ASP D 264 10.31 -13.84 16.23
N TYR D 265 10.82 -13.29 15.13
CA TYR D 265 12.20 -12.86 14.98
C TYR D 265 12.22 -11.36 14.71
N LEU D 266 12.85 -10.59 15.59
CA LEU D 266 13.00 -9.16 15.37
C LEU D 266 14.49 -8.84 15.34
N ALA D 267 15.02 -8.64 14.14
CA ALA D 267 16.43 -8.33 13.97
C ALA D 267 16.70 -6.85 14.23
N GLU D 268 17.93 -6.57 14.65
CA GLU D 268 18.40 -5.18 14.74
C GLU D 268 18.87 -4.69 13.38
N ALA D 269 19.20 -5.59 12.46
CA ALA D 269 19.77 -5.23 11.17
C ALA D 269 19.16 -6.08 10.08
N LEU D 270 19.25 -5.59 8.86
CA LEU D 270 18.85 -6.29 7.67
C LEU D 270 20.05 -6.98 7.05
N PRO D 271 19.84 -8.02 6.24
CA PRO D 271 20.98 -8.62 5.51
C PRO D 271 21.54 -7.63 4.49
N TYR D 272 22.79 -7.86 4.11
CA TYR D 272 23.41 -7.03 3.07
C TYR D 272 22.97 -7.47 1.68
N PRO D 273 22.36 -6.59 0.88
CA PRO D 273 21.91 -6.97 -0.46
C PRO D 273 23.01 -6.83 -1.52
N LEU D 274 23.05 -7.79 -2.43
CA LEU D 274 24.07 -7.84 -3.47
C LEU D 274 23.42 -7.77 -4.84
N ASP D 275 23.84 -6.78 -5.62
CA ASP D 275 23.33 -6.61 -6.98
C ASP D 275 23.91 -7.70 -7.87
N THR D 276 23.06 -8.42 -8.58
CA THR D 276 23.54 -9.48 -9.45
C THR D 276 23.72 -9.03 -10.89
N ILE D 277 23.43 -7.78 -11.19
CA ILE D 277 23.52 -7.28 -12.55
C ILE D 277 24.90 -6.64 -12.76
N ALA D 278 25.53 -6.99 -13.88
CA ALA D 278 26.82 -6.40 -14.27
C ALA D 278 26.54 -5.01 -14.83
N ARG D 279 26.43 -4.05 -13.93
CA ARG D 279 26.00 -2.71 -14.30
C ARG D 279 27.14 -1.89 -14.87
N GLY D 280 26.87 -1.18 -15.95
CA GLY D 280 27.85 -0.28 -16.47
C GLY D 280 28.32 -0.60 -17.87
N TRP D 281 28.75 0.42 -18.59
CA TRP D 281 29.28 0.21 -19.92
C TRP D 281 30.52 -0.68 -19.86
N GLY D 282 30.44 -1.82 -20.54
CA GLY D 282 31.54 -2.76 -20.58
C GLY D 282 31.67 -3.64 -19.36
N SER D 283 30.72 -3.55 -18.43
CA SER D 283 30.79 -4.35 -17.20
C SER D 283 30.63 -5.83 -17.50
N LYS D 284 31.36 -6.66 -16.76
CA LYS D 284 31.26 -8.11 -16.92
C LYS D 284 30.95 -8.85 -15.63
N LYS D 285 31.16 -8.23 -14.47
CA LYS D 285 30.91 -8.88 -13.19
C LYS D 285 30.10 -7.94 -12.29
N SER D 286 29.24 -8.55 -11.50
CA SER D 286 28.31 -7.81 -10.63
C SER D 286 28.90 -7.68 -9.24
N GLN D 287 28.25 -6.84 -8.43
CA GLN D 287 28.55 -6.76 -7.01
C GLN D 287 28.54 -8.15 -6.37
N ALA D 288 27.57 -8.99 -6.75
CA ALA D 288 27.42 -10.30 -6.11
C ALA D 288 28.64 -11.18 -6.32
N GLU D 289 29.41 -10.95 -7.39
CA GLU D 289 30.61 -11.76 -7.61
C GLU D 289 31.59 -11.68 -6.46
N VAL D 290 31.44 -10.69 -5.57
CA VAL D 290 32.33 -10.58 -4.42
C VAL D 290 32.34 -11.89 -3.64
N ILE D 291 31.23 -12.62 -3.63
CA ILE D 291 31.20 -13.81 -2.77
C ILE D 291 32.20 -14.86 -3.24
N LYS D 292 32.56 -14.87 -4.52
CA LYS D 292 33.47 -15.87 -5.04
C LYS D 292 34.91 -15.41 -5.01
N GLU D 293 35.18 -14.25 -4.42
CA GLU D 293 36.52 -13.66 -4.42
C GLU D 293 37.06 -13.45 -3.03
N VAL D 294 36.21 -13.17 -2.04
CA VAL D 294 36.62 -13.03 -0.64
C VAL D 294 35.55 -13.67 0.24
N PRO D 295 35.91 -14.00 1.51
CA PRO D 295 34.91 -14.62 2.39
C PRO D 295 33.86 -13.63 2.88
N PHE D 296 33.14 -13.00 1.93
CA PHE D 296 32.24 -11.91 2.31
C PHE D 296 31.03 -12.43 3.06
N MET D 297 30.39 -13.49 2.57
CA MET D 297 29.21 -14.01 3.24
C MET D 297 29.55 -14.40 4.67
N GLU D 298 30.67 -15.11 4.85
CA GLU D 298 31.02 -15.63 6.17
C GLU D 298 31.41 -14.52 7.13
N GLU D 299 32.11 -13.49 6.64
CA GLU D 299 32.66 -12.47 7.53
C GLU D 299 31.71 -11.30 7.77
N MET D 300 30.82 -11.01 6.83
CA MET D 300 30.00 -9.81 6.95
C MET D 300 28.53 -10.00 6.60
N ASN D 301 28.12 -11.13 6.04
CA ASN D 301 26.73 -11.32 5.61
C ASN D 301 26.19 -12.66 6.10
N THR D 302 26.35 -12.94 7.39
CA THR D 302 25.81 -14.16 8.02
C THR D 302 24.68 -13.79 8.97
N GLU D 303 23.46 -14.18 8.56
CA GLU D 303 22.23 -14.09 9.35
C GLU D 303 21.85 -15.54 9.69
N LEU D 304 22.43 -16.05 10.78
CA LEU D 304 22.45 -17.49 11.01
C LEU D 304 21.20 -17.93 11.77
N LEU D 305 20.50 -18.91 11.19
CA LEU D 305 19.38 -19.57 11.83
C LEU D 305 19.79 -21.00 12.16
N LYS D 306 19.85 -21.29 13.46
CA LYS D 306 20.17 -22.62 13.95
C LYS D 306 18.98 -23.12 14.75
N VAL D 307 18.47 -24.29 14.38
CA VAL D 307 17.37 -24.94 15.08
C VAL D 307 17.81 -26.35 15.41
N THR D 308 18.04 -26.61 16.69
CA THR D 308 18.38 -27.94 17.17
C THR D 308 17.09 -28.64 17.61
N GLY D 309 17.18 -29.95 17.76
CA GLY D 309 16.05 -30.79 18.10
C GLY D 309 15.67 -31.63 16.91
N LEU D 310 14.49 -32.28 17.01
CA LEU D 310 14.20 -33.40 16.09
C LEU D 310 14.31 -33.05 14.61
N LYS D 311 14.46 -34.10 13.81
CA LYS D 311 15.09 -34.14 12.50
C LYS D 311 14.14 -34.64 11.42
N GLY D 312 14.69 -34.78 10.21
CA GLY D 312 13.88 -35.00 9.04
C GLY D 312 14.00 -33.85 8.06
N GLN D 313 13.01 -33.71 7.18
CA GLN D 313 13.03 -32.65 6.18
C GLN D 313 11.97 -31.62 6.54
N TYR D 314 12.36 -30.34 6.53
CA TYR D 314 11.49 -29.23 6.90
C TYR D 314 11.48 -28.17 5.81
N LYS D 315 10.36 -27.47 5.75
CA LYS D 315 10.12 -26.36 4.83
C LYS D 315 10.23 -25.09 5.67
N LEU D 316 11.13 -24.18 5.28
CA LEU D 316 11.27 -22.92 5.99
C LEU D 316 10.35 -21.89 5.36
N LEU D 317 9.48 -21.27 6.18
CA LEU D 317 8.65 -20.17 5.74
C LEU D 317 8.89 -18.96 6.63
N ILE D 318 8.95 -17.77 6.03
CA ILE D 318 9.06 -16.53 6.79
C ILE D 318 7.92 -15.61 6.34
N ASP D 319 7.12 -15.15 7.31
CA ASP D 319 5.89 -14.41 7.03
C ASP D 319 5.02 -15.15 6.03
N ASP D 320 5.06 -16.49 6.11
CA ASP D 320 4.27 -17.40 5.28
C ASP D 320 4.73 -17.44 3.83
N GLN D 321 5.99 -17.07 3.59
CA GLN D 321 6.59 -17.15 2.27
C GLN D 321 7.59 -18.31 2.26
N GLU D 322 7.41 -19.26 1.34
CA GLU D 322 8.31 -20.40 1.31
C GLU D 322 9.69 -19.96 0.88
N ILE D 323 10.69 -20.30 1.68
CA ILE D 323 12.08 -19.94 1.41
C ILE D 323 12.85 -21.11 0.80
N GLY D 324 12.65 -22.30 1.34
CA GLY D 324 13.33 -23.48 0.84
C GLY D 324 13.07 -24.66 1.74
N THR D 325 13.75 -25.76 1.43
CA THR D 325 13.63 -27.00 2.18
C THR D 325 15.01 -27.45 2.65
N TRP D 326 15.09 -27.86 3.92
CA TRP D 326 16.35 -28.28 4.51
C TRP D 326 16.16 -29.55 5.32
N ASP D 327 17.22 -30.35 5.41
CA ASP D 327 17.27 -31.40 6.40
C ASP D 327 17.66 -30.82 7.75
N ALA D 328 17.09 -31.37 8.82
CA ALA D 328 17.37 -30.80 10.13
C ALA D 328 18.82 -30.96 10.56
N ALA D 329 19.61 -31.78 9.86
CA ALA D 329 21.05 -31.74 10.06
C ALA D 329 21.60 -30.37 9.68
N ASP D 330 21.15 -29.82 8.55
CA ASP D 330 21.48 -28.45 8.16
C ASP D 330 20.98 -27.45 9.20
N LEU D 331 19.73 -27.64 9.66
CA LEU D 331 19.17 -26.71 10.64
C LEU D 331 19.99 -26.70 11.92
N ALA D 332 20.46 -27.87 12.36
CA ALA D 332 21.27 -27.92 13.56
C ALA D 332 22.65 -27.36 13.33
N LYS D 333 23.18 -27.46 12.11
CA LYS D 333 24.46 -26.82 11.85
C LYS D 333 24.28 -25.31 11.71
N GLY D 334 23.16 -24.86 11.16
CA GLY D 334 22.86 -23.45 10.96
C GLY D 334 22.80 -23.10 9.50
N ILE D 335 21.76 -22.39 9.07
CA ILE D 335 21.65 -21.94 7.69
C ILE D 335 21.71 -20.42 7.66
N ASN D 336 22.30 -19.89 6.60
CA ASN D 336 22.49 -18.46 6.44
C ASN D 336 21.29 -17.85 5.71
N LEU D 337 20.44 -17.13 6.44
CA LEU D 337 19.29 -16.50 5.81
C LEU D 337 19.70 -15.39 4.84
N ALA D 338 20.84 -14.75 5.07
CA ALA D 338 21.32 -13.69 4.18
C ALA D 338 21.69 -14.19 2.80
N ALA D 339 21.80 -15.50 2.60
CA ALA D 339 22.02 -16.09 1.30
C ALA D 339 20.72 -16.52 0.63
N GLU D 340 19.58 -16.32 1.28
CA GLU D 340 18.27 -16.71 0.76
C GLU D 340 17.54 -15.44 0.31
N SER D 341 17.62 -15.15 -0.98
CA SER D 341 17.06 -13.90 -1.47
C SER D 341 15.54 -13.82 -1.37
N LYS D 342 14.86 -14.94 -1.10
CA LYS D 342 13.40 -14.95 -0.97
C LYS D 342 12.89 -14.50 0.38
N THR D 343 13.75 -14.30 1.38
CA THR D 343 13.24 -13.86 2.66
C THR D 343 12.66 -12.44 2.54
N PRO D 344 11.65 -12.12 3.36
CA PRO D 344 11.10 -10.76 3.32
C PRO D 344 12.13 -9.71 3.69
N GLN D 345 13.01 -10.01 4.65
CA GLN D 345 14.05 -9.04 5.01
C GLN D 345 15.08 -8.84 3.89
N TYR D 346 15.34 -9.87 3.07
CA TYR D 346 16.25 -9.64 1.94
C TYR D 346 15.57 -8.83 0.84
N GLN D 347 14.28 -9.04 0.62
CA GLN D 347 13.54 -8.20 -0.33
C GLN D 347 13.50 -6.74 0.14
N GLN D 348 13.35 -6.54 1.45
CA GLN D 348 13.44 -5.21 2.02
C GLN D 348 14.82 -4.59 1.76
N ALA D 349 15.87 -5.39 1.99
CA ALA D 349 17.23 -4.90 1.73
C ALA D 349 17.42 -4.58 0.25
N LEU D 350 16.88 -5.40 -0.63
CA LEU D 350 17.02 -5.18 -2.06
C LEU D 350 16.36 -3.87 -2.47
N THR D 351 15.19 -3.58 -1.90
CA THR D 351 14.55 -2.28 -2.09
C THR D 351 15.52 -1.16 -1.76
N ILE D 352 16.16 -1.26 -0.59
CA ILE D 352 17.14 -0.25 -0.19
C ILE D 352 18.28 -0.17 -1.20
N MET D 353 18.74 -1.34 -1.69
CA MET D 353 19.85 -1.38 -2.62
C MET D 353 19.52 -0.65 -3.92
N HIS D 354 18.33 -0.88 -4.45
CA HIS D 354 17.91 -0.22 -5.70
C HIS D 354 17.77 1.29 -5.50
N LEU D 355 17.17 1.71 -4.37
CA LEU D 355 17.13 3.13 -4.06
C LEU D 355 18.54 3.73 -4.03
N ASN D 356 19.47 3.02 -3.40
CA ASN D 356 20.82 3.53 -3.25
C ASN D 356 21.49 3.65 -4.62
N GLU D 357 21.17 2.72 -5.52
CA GLU D 357 21.73 2.79 -6.87
C GLU D 357 21.19 3.98 -7.66
N TYR D 358 19.88 4.25 -7.56
CA TYR D 358 19.32 5.46 -8.17
C TYR D 358 20.03 6.70 -7.64
N ARG D 359 20.23 6.74 -6.32
CA ARG D 359 20.91 7.87 -5.69
C ARG D 359 22.33 8.03 -6.24
N TRP D 360 23.08 6.91 -6.34
CA TRP D 360 24.43 6.95 -6.87
C TRP D 360 24.46 7.51 -8.29
N GLU D 361 23.48 7.16 -9.12
CA GLU D 361 23.45 7.71 -10.49
C GLU D 361 23.25 9.22 -10.48
N LEU D 362 22.32 9.70 -9.65
CA LEU D 362 22.17 11.15 -9.51
C LEU D 362 23.48 11.81 -9.06
N GLU D 363 24.14 11.20 -8.08
CA GLU D 363 25.39 11.78 -7.59
C GLU D 363 26.42 11.83 -8.69
N ARG D 364 26.42 10.82 -9.56
CA ARG D 364 27.35 10.82 -10.68
C ARG D 364 27.11 12.02 -11.60
N THR D 365 25.84 12.44 -11.78
CA THR D 365 25.64 13.65 -12.58
C THR D 365 26.29 14.86 -11.91
N PHE D 366 26.24 14.92 -10.58
CA PHE D 366 26.99 16.00 -9.93
C PHE D 366 28.51 15.85 -10.12
N ARG D 367 29.01 14.61 -10.24
CA ARG D 367 30.45 14.44 -10.47
C ARG D 367 30.84 14.89 -11.88
N GLU D 368 29.97 14.65 -12.86
CA GLU D 368 30.21 15.17 -14.21
C GLU D 368 30.25 16.70 -14.20
N TYR D 369 29.33 17.32 -13.48
CA TYR D 369 29.34 18.76 -13.37
C TYR D 369 30.64 19.23 -12.70
N ALA D 370 31.08 18.51 -11.66
CA ALA D 370 32.33 18.88 -10.98
C ALA D 370 33.51 18.81 -11.94
N TRP D 371 33.56 17.79 -12.80
CA TRP D 371 34.64 17.75 -13.78
C TRP D 371 34.57 18.96 -14.68
N CYS D 372 33.37 19.30 -15.17
CA CYS D 372 33.25 20.50 -16.00
C CYS D 372 33.80 21.72 -15.27
N GLN D 373 33.59 21.79 -13.96
CA GLN D 373 33.99 22.98 -13.21
C GLN D 373 35.51 23.02 -12.95
N PHE D 374 36.07 21.95 -12.41
CA PHE D 374 37.48 21.93 -12.01
C PHE D 374 38.41 21.37 -13.08
N GLY D 375 37.92 20.51 -13.95
CA GLY D 375 38.75 19.99 -15.02
C GLY D 375 38.75 20.84 -16.26
N PHE D 376 37.89 21.85 -16.33
CA PHE D 376 37.88 22.72 -17.49
C PHE D 376 37.79 24.20 -17.14
N PHE D 377 36.74 24.59 -16.42
CA PHE D 377 36.50 26.02 -16.22
C PHE D 377 37.52 26.63 -15.27
N GLN D 378 38.04 25.84 -14.34
CA GLN D 378 39.00 26.38 -13.37
C GLN D 378 40.23 26.95 -14.07
N GLN D 379 40.74 26.25 -15.08
CA GLN D 379 41.91 26.69 -15.83
C GLN D 379 41.63 27.91 -16.72
N LYS D 380 40.35 28.24 -16.96
CA LYS D 380 39.95 29.42 -17.72
C LYS D 380 39.45 30.56 -16.82
N GLY D 381 39.74 30.50 -15.52
CA GLY D 381 39.30 31.54 -14.60
C GLY D 381 37.80 31.66 -14.45
N LEU D 382 37.06 30.55 -14.61
CA LEU D 382 35.61 30.55 -14.68
C LEU D 382 34.98 29.54 -13.71
N LEU D 383 35.67 29.21 -12.63
CA LEU D 383 35.13 28.30 -11.62
C LEU D 383 33.84 28.83 -11.04
N PHE D 384 32.76 28.07 -11.18
CA PHE D 384 31.43 28.39 -10.64
C PHE D 384 30.83 29.66 -11.24
N ALA D 385 31.34 30.10 -12.41
CA ALA D 385 30.77 31.28 -13.05
C ALA D 385 29.30 31.05 -13.44
N ASN D 386 29.02 29.95 -14.14
CA ASN D 386 27.65 29.54 -14.48
C ASN D 386 26.86 30.69 -15.13
N ASP D 387 27.48 31.33 -16.12
CA ASP D 387 26.92 32.49 -16.78
C ASP D 387 27.20 32.40 -18.27
N ARG D 388 26.98 33.52 -18.97
CA ARG D 388 27.08 33.54 -20.43
C ARG D 388 28.51 33.31 -20.92
N LYS D 389 29.52 33.88 -20.27
CA LYS D 389 30.87 33.59 -20.74
C LYS D 389 31.26 32.14 -20.47
N ALA D 390 30.75 31.52 -19.41
CA ALA D 390 31.03 30.09 -19.21
C ALA D 390 30.55 29.30 -20.41
N ILE D 391 29.30 29.56 -20.82
CA ILE D 391 28.74 28.91 -21.99
C ILE D 391 29.61 29.20 -23.21
N GLU D 392 30.00 30.47 -23.38
CA GLU D 392 30.71 30.87 -24.57
C GLU D 392 32.07 30.18 -24.66
N VAL D 393 32.85 30.22 -23.58
CA VAL D 393 34.19 29.63 -23.60
C VAL D 393 34.10 28.13 -23.80
N MET D 394 33.15 27.48 -23.12
CA MET D 394 32.96 26.06 -23.35
C MET D 394 32.66 25.79 -24.82
N ASP D 395 31.78 26.60 -25.43
CA ASP D 395 31.49 26.43 -26.85
C ASP D 395 32.74 26.63 -27.69
N GLU D 396 33.57 27.60 -27.30
CA GLU D 396 34.82 27.83 -28.03
C GLU D 396 35.75 26.64 -27.95
N ASN D 397 35.61 25.79 -26.95
CA ASN D 397 36.58 24.72 -26.74
C ASN D 397 36.11 23.30 -27.07
N VAL D 398 34.84 23.09 -27.45
CA VAL D 398 34.34 21.72 -27.53
C VAL D 398 34.94 20.92 -28.69
N GLU D 399 35.34 21.57 -29.78
CA GLU D 399 35.87 20.80 -30.91
C GLU D 399 37.26 20.24 -30.63
N LYS D 400 38.04 20.79 -29.70
CA LYS D 400 39.33 20.18 -29.41
C LYS D 400 39.40 19.73 -27.94
N ASN D 401 38.23 19.40 -27.38
CA ASN D 401 38.17 18.92 -26.01
C ASN D 401 37.01 17.93 -26.04
N MET D 402 37.33 16.70 -26.47
CA MET D 402 36.29 15.69 -26.71
C MET D 402 35.47 15.40 -25.47
N TRP D 403 36.14 15.30 -24.33
CA TRP D 403 35.43 15.01 -23.10
C TRP D 403 34.49 16.17 -22.76
N LEU D 404 34.93 17.38 -23.08
CA LEU D 404 34.13 18.58 -22.84
C LEU D 404 32.89 18.59 -23.72
N LYS D 405 33.01 18.15 -24.99
CA LYS D 405 31.82 18.07 -25.83
C LYS D 405 30.86 17.00 -25.33
N GLY D 406 31.41 15.90 -24.81
CA GLY D 406 30.51 14.90 -24.26
C GLY D 406 29.71 15.39 -23.06
N ARG D 407 30.15 16.47 -22.42
CA ARG D 407 29.53 16.99 -21.21
C ARG D 407 28.74 18.28 -21.41
N ARG D 408 28.65 18.83 -22.63
CA ARG D 408 28.04 20.14 -22.79
C ARG D 408 26.55 20.14 -22.46
N ASP D 409 25.81 19.13 -22.91
CA ASP D 409 24.38 19.05 -22.60
C ASP D 409 24.16 18.98 -21.10
N LEU D 410 24.90 18.10 -20.42
CA LEU D 410 24.81 18.01 -18.97
C LEU D 410 25.13 19.34 -18.32
N TYR D 411 26.16 20.04 -18.80
CA TYR D 411 26.51 21.31 -18.17
C TYR D 411 25.44 22.36 -18.44
N SER D 412 24.83 22.33 -19.62
CA SER D 412 23.80 23.31 -19.94
C SER D 412 22.61 23.16 -19.01
N LYS D 413 22.38 21.94 -18.51
CA LYS D 413 21.36 21.81 -17.46
C LYS D 413 21.91 22.19 -16.08
N MET D 414 23.05 21.60 -15.70
CA MET D 414 23.53 21.69 -14.32
C MET D 414 24.13 23.06 -13.98
N MET D 415 24.37 23.92 -14.97
CA MET D 415 24.83 25.26 -14.65
C MET D 415 23.78 26.07 -13.91
N PHE D 416 22.51 25.68 -13.99
CA PHE D 416 21.44 26.40 -13.30
C PHE D 416 21.39 25.96 -11.85
N LYS D 417 21.47 26.93 -10.94
CA LYS D 417 21.43 26.60 -9.52
C LYS D 417 20.10 25.94 -9.15
N GLU D 418 19.01 26.35 -9.80
CA GLU D 418 17.69 25.82 -9.47
C GLU D 418 17.62 24.33 -9.80
N ILE D 419 18.29 23.93 -10.88
CA ILE D 419 18.35 22.52 -11.26
C ILE D 419 19.23 21.73 -10.31
N ARG D 420 20.40 22.27 -9.93
CA ARG D 420 21.20 21.58 -8.93
C ARG D 420 20.42 21.40 -7.63
N ASP D 421 19.68 22.43 -7.21
CA ASP D 421 18.85 22.30 -6.01
C ASP D 421 17.84 21.17 -6.18
N ALA D 422 17.14 21.15 -7.32
CA ALA D 422 16.11 20.14 -7.53
C ALA D 422 16.70 18.73 -7.53
N ARG D 423 17.86 18.56 -8.16
CA ARG D 423 18.45 17.23 -8.28
C ARG D 423 19.00 16.76 -6.94
N GLU D 424 19.54 17.68 -6.14
CA GLU D 424 19.87 17.37 -4.76
C GLU D 424 18.65 16.96 -3.98
N GLN D 425 17.53 17.65 -4.21
CA GLN D 425 16.29 17.27 -3.56
C GLN D 425 15.90 15.85 -3.93
N GLU D 426 16.12 15.47 -5.19
CA GLU D 426 15.82 14.11 -5.62
C GLU D 426 16.68 13.09 -4.87
N MET D 427 17.98 13.37 -4.77
CA MET D 427 18.84 12.51 -3.96
C MET D 427 18.31 12.40 -2.54
N ASP D 428 17.87 13.52 -1.96
CA ASP D 428 17.38 13.52 -0.59
C ASP D 428 16.08 12.72 -0.45
N VAL D 429 15.23 12.75 -1.48
CA VAL D 429 14.05 11.89 -1.51
C VAL D 429 14.46 10.43 -1.37
N LEU D 430 15.46 10.01 -2.16
CA LEU D 430 15.89 8.61 -2.13
C LEU D 430 16.50 8.22 -0.78
N ILE D 431 17.36 9.09 -0.25
CA ILE D 431 18.02 8.84 1.04
C ILE D 431 16.99 8.78 2.17
N SER D 432 16.03 9.71 2.17
CA SER D 432 14.96 9.66 3.15
C SER D 432 14.16 8.38 3.03
N LYS D 433 13.87 7.95 1.79
CA LYS D 433 13.13 6.70 1.63
C LYS D 433 13.89 5.54 2.25
N ILE D 434 15.21 5.47 1.99
CA ILE D 434 16.03 4.40 2.56
C ILE D 434 15.91 4.39 4.08
N TYR D 435 16.15 5.54 4.73
CA TYR D 435 16.11 5.57 6.19
C TYR D 435 14.69 5.59 6.73
N GLU D 436 13.72 5.60 5.85
CA GLU D 436 12.33 5.43 6.24
C GLU D 436 11.92 3.97 6.24
N ILE D 437 12.46 3.17 5.33
CA ILE D 437 12.02 1.78 5.21
C ILE D 437 13.03 0.76 5.72
N ASN D 438 14.15 1.18 6.31
CA ASN D 438 15.20 0.21 6.59
C ASN D 438 15.11 -0.43 7.98
N LYS D 439 14.07 -0.17 8.73
CA LYS D 439 14.01 -0.76 10.06
C LYS D 439 13.42 -2.17 9.98
N PRO D 440 14.12 -3.17 10.51
CA PRO D 440 13.56 -4.52 10.52
C PRO D 440 12.23 -4.52 11.25
N VAL D 441 11.29 -5.33 10.77
CA VAL D 441 10.03 -5.56 11.46
C VAL D 441 10.04 -7.01 11.95
N VAL D 442 9.11 -7.30 12.86
CA VAL D 442 8.96 -8.67 13.38
C VAL D 442 8.59 -9.58 12.22
N ARG D 443 9.36 -10.65 12.03
CA ARG D 443 9.10 -11.66 11.01
C ARG D 443 8.70 -12.96 11.68
N LYS D 444 7.67 -13.61 11.17
CA LYS D 444 7.22 -14.87 11.74
C LYS D 444 7.92 -16.02 11.00
N ILE D 445 8.82 -16.71 11.70
CA ILE D 445 9.57 -17.82 11.12
C ILE D 445 8.91 -19.14 11.50
N VAL D 446 8.73 -20.00 10.51
CA VAL D 446 8.08 -21.29 10.70
C VAL D 446 8.91 -22.37 10.02
N LEU D 447 9.15 -23.46 10.71
CA LEU D 447 9.73 -24.66 10.10
C LEU D 447 8.65 -25.73 10.14
N ARG D 448 8.16 -26.08 8.96
CA ARG D 448 7.01 -26.97 8.76
C ARG D 448 7.54 -28.31 8.31
N LYS D 449 7.18 -29.37 9.02
CA LYS D 449 7.79 -30.64 8.67
C LYS D 449 7.08 -31.22 7.46
N ILE D 450 7.86 -31.95 6.65
CA ILE D 450 7.37 -32.55 5.43
C ILE D 450 7.21 -34.03 5.67
#